data_9CU7
#
_entry.id   9CU7
#
_cell.length_a   1.00
_cell.length_b   1.00
_cell.length_c   1.00
_cell.angle_alpha   90.00
_cell.angle_beta   90.00
_cell.angle_gamma   90.00
#
_symmetry.space_group_name_H-M   'P 1'
#
loop_
_entity.id
_entity.type
_entity.pdbx_description
1 polymer 'Variable Heavy Chain of 16.ND.92 Fab'
2 polymer 'Variable Light Chain of 16.ND.92 Fab'
3 polymer 'Hemagglutinin HA1'
4 polymer 'Hemagglutinin HA2'
#
loop_
_entity_poly.entity_id
_entity_poly.type
_entity_poly.pdbx_seq_one_letter_code
_entity_poly.pdbx_strand_id
1 'polypeptide(L)'
;VQLVESGGGLVQPGGSLRLSCEASGFTLSSYWMHWVRQDPGKGLVWVAVINSDGSSTDYADFVKGRFTISRDNAKNTVYL
QMNSLRAEDTAVYYCARAPQGTVFGVVIIGADGFDIWGQGTMVTVSS
;
H,I,J
2 'polypeptide(L)'
;IQMTHIPVSLSASVGDRVTITCRASQSISSWLAWYQQKPGKAPKLLIYKASTLESGVPSRFSGSGSGTDFTLTINSLQPD
DFATYYCQHYNTYSRAWTFGQGTKVEV
;
L,M,N
3 'polypeptide(L)'
;DTICIGYHANNSTDTVDTVLEKNVTVTHSVNLLEDSHNGKLCRLKGIAPLQLGNCSVAGWILGNPECELLISRESWSYIV
EKPNPENGTCYPGHFADYEELREQLSSVSSFERFEIFPKESSWPNHTTTGVSASCSHNGESSFYKNLLWLTGKNGLYPNL
SKSYANNKEKEVLVLWGVHHPPNIGDQRALYHKENAYVSVVSSHYSRKFTPEIAKRPKVRDQEGRINYYWTLLEPGDTII
FEANGNLIAPRYAFALSRGFGSGIINSNAPMDECDAKCQTPQGAINSSLPFQNVHPVTIGECPKYVRSAKLRMVTGLRNI
P
;
A,C,E
4 'polypeptide(L)'
;LFGAIAGFIEGGWTGMVDGWYGYHHQNEQGSGYAADQKSTQNAINGITNKVNSVIEKMNTQFTAVGKEFNKLERRMENLN
KKVDDGFIDIWTYNAELLVLLENERTLDFHDSNVKNLYEKVKSQLKNNAKEIGNGCFEFYHKCNDECMESVKNGTYDYPK
YSEESKLNR
;
B,D,F
#
# COMPACT_ATOMS: atom_id res chain seq x y z
N VAL A 1 -36.34 18.36 -8.30
CA VAL A 1 -37.10 17.30 -8.95
C VAL A 1 -38.34 16.98 -8.14
N GLN A 2 -39.45 16.70 -8.84
CA GLN A 2 -40.70 16.40 -8.16
C GLN A 2 -41.58 15.59 -9.10
N LEU A 3 -42.45 14.79 -8.51
CA LEU A 3 -43.60 14.20 -9.20
C LEU A 3 -44.87 14.74 -8.57
N VAL A 4 -45.82 15.16 -9.42
CA VAL A 4 -47.13 15.61 -8.97
C VAL A 4 -48.17 14.66 -9.51
N GLU A 5 -49.15 14.34 -8.68
CA GLU A 5 -50.18 13.37 -9.01
C GLU A 5 -51.53 14.06 -9.13
N SER A 6 -52.36 13.55 -10.03
CA SER A 6 -53.68 14.13 -10.27
C SER A 6 -54.65 13.02 -10.65
N GLY A 7 -55.93 13.31 -10.48
CA GLY A 7 -56.99 12.40 -10.84
C GLY A 7 -57.66 11.70 -9.67
N GLY A 8 -57.06 11.76 -8.49
CA GLY A 8 -57.65 11.13 -7.33
C GLY A 8 -58.98 11.74 -6.93
N GLY A 9 -59.99 10.90 -6.71
CA GLY A 9 -61.29 11.40 -6.34
C GLY A 9 -62.18 10.29 -5.87
N LEU A 10 -63.46 10.62 -5.73
CA LEU A 10 -64.48 9.68 -5.27
C LEU A 10 -65.13 9.03 -6.47
N VAL A 11 -65.10 7.70 -6.52
CA VAL A 11 -65.70 6.93 -7.59
C VAL A 11 -66.52 5.80 -6.98
N GLN A 12 -67.70 5.57 -7.54
CA GLN A 12 -68.58 4.55 -7.02
C GLN A 12 -68.01 3.16 -7.27
N PRO A 13 -68.42 2.17 -6.48
CA PRO A 13 -67.96 0.80 -6.73
C PRO A 13 -68.37 0.34 -8.12
N GLY A 14 -67.48 -0.42 -8.75
CA GLY A 14 -67.64 -0.74 -10.16
C GLY A 14 -67.28 0.38 -11.10
N GLY A 15 -66.68 1.45 -10.59
CA GLY A 15 -66.37 2.62 -11.39
C GLY A 15 -65.01 2.54 -12.05
N SER A 16 -64.51 3.71 -12.43
CA SER A 16 -63.21 3.80 -13.09
C SER A 16 -62.58 5.13 -12.74
N LEU A 17 -61.25 5.17 -12.85
CA LEU A 17 -60.51 6.38 -12.55
C LEU A 17 -59.19 6.34 -13.29
N ARG A 18 -58.55 7.51 -13.42
CA ARG A 18 -57.35 7.64 -14.24
C ARG A 18 -56.40 8.62 -13.55
N LEU A 19 -55.41 8.07 -12.84
CA LEU A 19 -54.42 8.87 -12.16
C LEU A 19 -53.26 9.18 -13.11
N SER A 20 -52.68 10.36 -12.93
CA SER A 20 -51.58 10.82 -13.77
C SER A 20 -50.48 11.40 -12.91
N CYS A 21 -49.24 11.09 -13.28
CA CYS A 21 -48.05 11.66 -12.65
C CYS A 21 -47.31 12.49 -13.67
N GLU A 22 -46.96 13.71 -13.29
CA GLU A 22 -46.10 14.58 -14.09
C GLU A 22 -44.80 14.81 -13.33
N ALA A 23 -43.68 14.57 -13.99
CA ALA A 23 -42.37 14.70 -13.39
C ALA A 23 -41.69 15.95 -13.91
N SER A 24 -41.32 16.85 -13.00
CA SER A 24 -40.61 18.07 -13.34
C SER A 24 -39.23 18.01 -12.71
N GLY A 25 -38.19 18.13 -13.54
CA GLY A 25 -36.83 18.17 -13.03
C GLY A 25 -35.91 17.17 -13.70
N PHE A 26 -36.48 16.11 -14.27
CA PHE A 26 -35.69 15.05 -14.87
C PHE A 26 -36.45 14.49 -16.07
N THR A 27 -35.88 13.44 -16.66
CA THR A 27 -36.45 12.79 -17.82
C THR A 27 -37.06 11.46 -17.40
N LEU A 28 -38.32 11.25 -17.76
CA LEU A 28 -39.03 10.02 -17.40
C LEU A 28 -38.49 8.80 -18.14
N SER A 29 -37.81 8.99 -19.26
CA SER A 29 -37.37 7.87 -20.08
C SER A 29 -36.23 7.08 -19.44
N SER A 30 -35.63 7.57 -18.37
CA SER A 30 -34.51 6.90 -17.72
C SER A 30 -34.85 6.40 -16.32
N TYR A 31 -36.11 6.03 -16.09
CA TYR A 31 -36.56 5.62 -14.76
C TYR A 31 -37.74 4.68 -14.87
N TRP A 32 -37.71 3.59 -14.11
CA TRP A 32 -38.89 2.77 -13.93
C TRP A 32 -39.89 3.51 -13.06
N MET A 33 -41.17 3.38 -13.39
CA MET A 33 -42.20 4.13 -12.66
C MET A 33 -43.13 3.16 -11.94
N HIS A 34 -43.28 3.38 -10.64
CA HIS A 34 -44.03 2.50 -9.77
C HIS A 34 -45.22 3.22 -9.17
N TRP A 35 -46.29 2.48 -8.97
CA TRP A 35 -47.51 2.96 -8.33
C TRP A 35 -47.70 2.15 -7.06
N VAL A 36 -47.74 2.85 -5.93
CA VAL A 36 -47.76 2.24 -4.60
C VAL A 36 -48.91 2.84 -3.82
N ARG A 37 -49.82 2.01 -3.33
CA ARG A 37 -50.98 2.49 -2.60
C ARG A 37 -50.83 2.21 -1.11
N GLN A 38 -51.29 3.16 -0.30
CA GLN A 38 -51.24 3.05 1.15
C GLN A 38 -52.63 3.31 1.71
N ASP A 39 -53.19 2.32 2.39
CA ASP A 39 -54.46 2.51 3.06
C ASP A 39 -54.28 3.45 4.24
N PRO A 40 -55.31 4.23 4.58
CA PRO A 40 -55.18 5.15 5.70
C PRO A 40 -54.90 4.43 7.01
N GLY A 41 -53.72 4.65 7.57
CA GLY A 41 -53.33 3.99 8.80
C GLY A 41 -52.52 2.74 8.58
N LYS A 42 -52.87 1.97 7.54
CA LYS A 42 -52.17 0.73 7.24
C LYS A 42 -50.83 1.04 6.56
N GLY A 43 -50.16 0.01 6.07
CA GLY A 43 -48.83 0.14 5.50
C GLY A 43 -48.84 0.43 4.02
N LEU A 44 -47.67 0.22 3.41
CA LEU A 44 -47.46 0.50 1.99
C LEU A 44 -47.65 -0.78 1.19
N VAL A 45 -48.43 -0.70 0.12
CA VAL A 45 -48.70 -1.82 -0.78
C VAL A 45 -48.31 -1.41 -2.18
N TRP A 46 -47.49 -2.23 -2.83
CA TRP A 46 -47.04 -1.96 -4.19
C TRP A 46 -48.09 -2.43 -5.18
N VAL A 47 -48.45 -1.57 -6.13
CA VAL A 47 -49.55 -1.86 -7.04
C VAL A 47 -49.03 -2.24 -8.42
N ALA A 48 -48.29 -1.34 -9.07
CA ALA A 48 -47.91 -1.60 -10.45
C ALA A 48 -46.55 -1.01 -10.77
N VAL A 49 -45.96 -1.47 -11.87
CA VAL A 49 -44.67 -0.99 -12.35
C VAL A 49 -44.66 -0.98 -13.87
N ILE A 50 -44.08 0.09 -14.44
CA ILE A 50 -43.90 0.22 -15.88
C ILE A 50 -42.44 0.53 -16.17
N ASN A 51 -41.95 -0.05 -17.27
CA ASN A 51 -40.54 0.01 -17.66
C ASN A 51 -40.23 1.34 -18.35
N SER A 52 -38.98 1.50 -18.81
CA SER A 52 -38.53 2.77 -19.48
C SER A 52 -39.11 2.89 -20.90
N ASP A 53 -39.58 1.78 -21.49
CA ASP A 53 -40.08 1.83 -22.86
C ASP A 53 -41.54 1.44 -22.96
N GLY A 54 -42.20 1.12 -21.85
CA GLY A 54 -43.59 0.74 -21.89
C GLY A 54 -43.85 -0.65 -22.41
N SER A 55 -42.81 -1.46 -22.62
CA SER A 55 -42.99 -2.80 -23.15
C SER A 55 -43.26 -3.81 -22.06
N SER A 56 -42.58 -3.69 -20.92
CA SER A 56 -42.72 -4.62 -19.82
C SER A 56 -43.39 -3.91 -18.64
N THR A 57 -44.56 -4.39 -18.26
CA THR A 57 -45.28 -3.90 -17.10
C THR A 57 -45.63 -5.07 -16.19
N ASP A 58 -45.70 -4.80 -14.90
CA ASP A 58 -46.09 -5.84 -13.96
C ASP A 58 -47.05 -5.29 -12.93
N TYR A 59 -47.96 -6.15 -12.47
CA TYR A 59 -49.02 -5.78 -11.55
C TYR A 59 -49.01 -6.72 -10.36
N ALA A 60 -49.68 -6.30 -9.30
CA ALA A 60 -49.68 -7.04 -8.05
C ALA A 60 -50.61 -8.25 -8.13
N ASP A 61 -50.63 -9.02 -7.04
CA ASP A 61 -51.46 -10.23 -6.97
C ASP A 61 -52.93 -9.92 -6.68
N PHE A 62 -53.25 -8.75 -6.15
CA PHE A 62 -54.63 -8.42 -5.82
C PHE A 62 -55.35 -7.67 -6.93
N VAL A 63 -54.68 -7.38 -8.04
CA VAL A 63 -55.31 -6.73 -9.18
C VAL A 63 -55.45 -7.77 -10.29
N LYS A 64 -56.69 -8.14 -10.59
CA LYS A 64 -56.97 -9.18 -11.58
C LYS A 64 -57.32 -8.53 -12.92
N GLY A 65 -56.28 -8.01 -13.57
CA GLY A 65 -56.46 -7.34 -14.84
C GLY A 65 -57.29 -6.08 -14.76
N ARG A 66 -57.50 -5.55 -13.57
CA ARG A 66 -58.33 -4.36 -13.41
C ARG A 66 -57.57 -3.10 -13.82
N PHE A 67 -56.28 -3.05 -13.56
CA PHE A 67 -55.48 -1.84 -13.73
C PHE A 67 -54.66 -1.92 -15.00
N THR A 68 -54.48 -0.77 -15.65
CA THR A 68 -53.63 -0.66 -16.83
C THR A 68 -52.70 0.52 -16.65
N ILE A 69 -51.41 0.30 -16.82
CA ILE A 69 -50.41 1.34 -16.62
C ILE A 69 -49.81 1.72 -17.97
N SER A 70 -49.65 3.02 -18.20
CA SER A 70 -49.14 3.53 -19.46
C SER A 70 -48.16 4.66 -19.19
N ARG A 71 -47.34 4.96 -20.18
CA ARG A 71 -46.29 5.96 -20.05
C ARG A 71 -46.29 6.85 -21.30
N ASP A 72 -45.86 8.10 -21.12
CA ASP A 72 -45.66 9.02 -22.23
C ASP A 72 -44.44 9.87 -21.88
N ASN A 73 -43.29 9.52 -22.47
CA ASN A 73 -42.06 10.22 -22.15
C ASN A 73 -42.01 11.60 -22.77
N ALA A 74 -42.64 11.78 -23.94
CA ALA A 74 -42.67 13.09 -24.56
C ALA A 74 -43.39 14.10 -23.69
N LYS A 75 -44.54 13.71 -23.14
CA LYS A 75 -45.29 14.56 -22.23
C LYS A 75 -44.79 14.48 -20.80
N ASN A 76 -43.82 13.61 -20.51
CA ASN A 76 -43.25 13.43 -19.18
C ASN A 76 -44.33 13.08 -18.17
N THR A 77 -45.07 12.02 -18.47
CA THR A 77 -46.19 11.64 -17.64
C THR A 77 -46.33 10.12 -17.61
N VAL A 78 -46.89 9.62 -16.51
CA VAL A 78 -47.18 8.20 -16.37
C VAL A 78 -48.59 8.06 -15.81
N TYR A 79 -49.41 7.27 -16.49
CA TYR A 79 -50.83 7.13 -16.18
C TYR A 79 -51.13 5.75 -15.63
N LEU A 80 -52.10 5.69 -14.73
CA LEU A 80 -52.62 4.43 -14.21
C LEU A 80 -54.14 4.49 -14.25
N GLN A 81 -54.75 3.59 -15.00
CA GLN A 81 -56.20 3.57 -15.19
C GLN A 81 -56.76 2.36 -14.45
N MET A 82 -57.64 2.61 -13.50
CA MET A 82 -58.33 1.54 -12.78
C MET A 82 -59.76 1.43 -13.25
N ASN A 83 -60.21 0.20 -13.43
CA ASN A 83 -61.59 -0.11 -13.77
C ASN A 83 -62.08 -1.23 -12.87
N SER A 84 -63.40 -1.33 -12.74
CA SER A 84 -64.02 -2.31 -11.86
C SER A 84 -63.49 -2.19 -10.43
N LEU A 85 -63.36 -0.95 -9.97
CA LEU A 85 -62.87 -0.70 -8.62
C LEU A 85 -63.85 -1.23 -7.59
N ARG A 86 -63.32 -1.83 -6.54
CA ARG A 86 -64.11 -2.36 -5.44
C ARG A 86 -63.85 -1.53 -4.19
N ALA A 87 -64.61 -1.83 -3.13
CA ALA A 87 -64.53 -1.05 -1.91
C ALA A 87 -63.16 -1.16 -1.25
N GLU A 88 -62.46 -2.28 -1.44
CA GLU A 88 -61.17 -2.48 -0.81
C GLU A 88 -60.13 -1.49 -1.32
N ASP A 89 -60.24 -1.07 -2.57
CA ASP A 89 -59.22 -0.24 -3.22
C ASP A 89 -59.47 1.24 -2.95
N THR A 90 -59.39 1.62 -1.68
CA THR A 90 -59.50 3.01 -1.26
C THR A 90 -58.26 3.36 -0.46
N ALA A 91 -57.46 4.28 -0.98
CA ALA A 91 -56.15 4.51 -0.39
C ALA A 91 -55.56 5.79 -0.97
N VAL A 92 -54.43 6.19 -0.40
CA VAL A 92 -53.62 7.26 -0.96
C VAL A 92 -52.62 6.62 -1.90
N TYR A 93 -52.64 7.03 -3.16
CA TYR A 93 -51.80 6.43 -4.19
C TYR A 93 -50.60 7.33 -4.44
N TYR A 94 -49.41 6.74 -4.44
CA TYR A 94 -48.15 7.43 -4.60
C TYR A 94 -47.46 6.96 -5.87
N CYS A 95 -46.67 7.86 -6.43
CA CYS A 95 -45.91 7.64 -7.65
C CYS A 95 -44.44 7.65 -7.27
N ALA A 96 -43.74 6.56 -7.54
CA ALA A 96 -42.34 6.43 -7.15
C ALA A 96 -41.49 6.23 -8.40
N ARG A 97 -40.27 6.75 -8.35
CA ARG A 97 -39.33 6.58 -9.45
C ARG A 97 -38.18 5.70 -9.00
N ALA A 98 -37.72 4.83 -9.89
CA ALA A 98 -36.62 3.96 -9.58
C ALA A 98 -35.60 4.01 -10.71
N PRO A 99 -34.32 4.03 -10.40
CA PRO A 99 -33.30 4.11 -11.46
C PRO A 99 -33.25 2.83 -12.27
N GLN A 100 -32.74 2.94 -13.50
CA GLN A 100 -32.54 1.74 -14.34
C GLN A 100 -31.26 1.04 -13.88
N GLY A 101 -31.02 -0.20 -14.33
CA GLY A 101 -29.85 -0.95 -13.85
C GLY A 101 -28.76 -1.09 -14.90
N THR A 102 -27.50 -1.10 -14.47
CA THR A 102 -26.37 -1.28 -15.43
C THR A 102 -26.48 -2.64 -16.05
N VAL A 103 -26.74 -3.67 -15.24
CA VAL A 103 -26.92 -5.06 -15.78
C VAL A 103 -28.44 -5.31 -15.94
N PHE A 104 -28.91 -5.52 -17.16
CA PHE A 104 -30.37 -5.68 -17.40
C PHE A 104 -31.09 -4.54 -16.70
N GLY A 105 -31.96 -4.85 -15.73
CA GLY A 105 -32.65 -3.79 -14.96
C GLY A 105 -32.04 -3.64 -13.57
N VAL A 106 -31.14 -4.55 -13.20
CA VAL A 106 -30.54 -4.52 -11.82
C VAL A 106 -29.39 -3.51 -11.80
N VAL A 107 -29.44 -2.54 -10.89
CA VAL A 107 -28.35 -1.53 -10.76
C VAL A 107 -27.20 -2.17 -9.95
N ILE A 108 -25.95 -1.98 -10.39
CA ILE A 108 -24.81 -2.55 -9.69
C ILE A 108 -24.15 -1.55 -8.77
N ILE A 109 -24.02 -0.30 -9.21
CA ILE A 109 -23.46 0.78 -8.42
C ILE A 109 -24.37 1.99 -8.52
N GLY A 110 -24.45 2.74 -7.43
CA GLY A 110 -25.25 3.95 -7.42
C GLY A 110 -26.63 3.75 -6.83
N ALA A 111 -27.50 4.72 -7.09
CA ALA A 111 -28.83 4.72 -6.52
C ALA A 111 -29.65 3.56 -7.05
N ASP A 112 -30.38 2.91 -6.15
CA ASP A 112 -31.15 1.74 -6.56
C ASP A 112 -32.63 1.81 -6.19
N GLY A 113 -32.96 2.28 -5.00
CA GLY A 113 -34.32 2.22 -4.52
C GLY A 113 -35.19 3.35 -5.08
N PHE A 114 -36.39 3.47 -4.52
CA PHE A 114 -37.32 4.49 -4.97
C PHE A 114 -36.86 5.84 -4.46
N ASP A 115 -36.02 6.52 -5.24
CA ASP A 115 -35.37 7.73 -4.75
C ASP A 115 -36.37 8.84 -4.48
N ILE A 116 -37.31 9.05 -5.39
CA ILE A 116 -38.22 10.20 -5.32
C ILE A 116 -39.65 9.71 -5.47
N TRP A 117 -40.50 10.12 -4.53
CA TRP A 117 -41.92 9.80 -4.50
C TRP A 117 -42.75 11.03 -4.81
N GLY A 118 -44.04 10.81 -5.00
CA GLY A 118 -44.99 11.88 -5.20
C GLY A 118 -45.52 12.41 -3.89
N GLN A 119 -46.66 13.10 -3.97
CA GLN A 119 -47.30 13.63 -2.78
C GLN A 119 -48.52 12.82 -2.35
N GLY A 120 -49.14 12.09 -3.27
CA GLY A 120 -50.28 11.26 -2.92
C GLY A 120 -51.60 11.78 -3.41
N THR A 121 -52.40 10.94 -4.04
CA THR A 121 -53.76 11.26 -4.42
C THR A 121 -54.71 10.32 -3.71
N MET A 122 -55.72 10.88 -3.05
CA MET A 122 -56.66 10.08 -2.27
C MET A 122 -57.75 9.57 -3.19
N VAL A 123 -57.80 8.25 -3.39
CA VAL A 123 -58.84 7.62 -4.19
C VAL A 123 -59.75 6.88 -3.22
N THR A 124 -61.02 7.27 -3.22
CA THR A 124 -62.01 6.73 -2.30
C THR A 124 -63.14 6.10 -3.10
N VAL A 125 -63.53 4.89 -2.71
CA VAL A 125 -64.59 4.14 -3.36
C VAL A 125 -65.70 3.93 -2.33
N SER A 126 -66.88 4.48 -2.60
CA SER A 126 -68.01 4.37 -1.70
C SER A 126 -69.26 4.81 -2.45
N SER A 127 -70.41 4.52 -1.85
CA SER A 127 -71.68 4.92 -2.42
C SER A 127 -72.38 5.95 -1.52
N VAL B 1 3.71 -22.54 35.07
CA VAL B 1 3.37 -23.75 34.34
C VAL B 1 4.53 -24.74 34.38
N GLN B 2 4.24 -25.95 34.83
CA GLN B 2 5.23 -27.01 34.84
C GLN B 2 4.52 -28.35 34.99
N LEU B 3 5.25 -29.40 34.67
CA LEU B 3 4.77 -30.78 34.79
C LEU B 3 5.73 -31.54 35.69
N VAL B 4 5.17 -32.27 36.66
CA VAL B 4 5.97 -33.06 37.58
C VAL B 4 5.63 -34.53 37.37
N GLU B 5 6.65 -35.38 37.38
CA GLU B 5 6.48 -36.80 37.15
C GLU B 5 6.81 -37.59 38.41
N SER B 6 6.14 -38.73 38.55
CA SER B 6 6.36 -39.60 39.69
C SER B 6 6.07 -41.03 39.28
N GLY B 7 6.58 -41.97 40.09
CA GLY B 7 6.32 -43.38 39.90
C GLY B 7 7.49 -44.17 39.36
N GLY B 8 8.50 -43.50 38.82
CA GLY B 8 9.64 -44.21 38.27
C GLY B 8 10.45 -44.88 39.37
N GLY B 9 11.08 -45.99 38.99
CA GLY B 9 11.89 -46.73 39.94
C GLY B 9 12.45 -47.97 39.28
N LEU B 10 13.03 -48.83 40.12
CA LEU B 10 13.60 -50.09 39.68
C LEU B 10 12.54 -51.17 39.72
N VAL B 11 12.36 -51.87 38.61
CA VAL B 11 11.42 -52.98 38.52
C VAL B 11 12.11 -54.15 37.83
N GLN B 12 11.81 -55.35 38.29
CA GLN B 12 12.39 -56.55 37.70
C GLN B 12 11.79 -56.77 36.32
N PRO B 13 12.48 -57.53 35.46
CA PRO B 13 11.91 -57.87 34.16
C PRO B 13 10.60 -58.63 34.31
N GLY B 14 9.69 -58.39 33.38
CA GLY B 14 8.34 -58.91 33.50
C GLY B 14 7.57 -58.33 34.65
N GLY B 15 7.79 -57.05 34.97
CA GLY B 15 7.13 -56.39 36.06
C GLY B 15 6.09 -55.40 35.61
N SER B 16 5.77 -54.46 36.49
CA SER B 16 4.77 -53.44 36.22
C SER B 16 5.15 -52.15 36.93
N LEU B 17 4.74 -51.03 36.35
CA LEU B 17 5.00 -49.71 36.92
C LEU B 17 3.93 -48.74 36.45
N ARG B 18 3.77 -47.67 37.23
CA ARG B 18 2.77 -46.64 36.95
C ARG B 18 3.43 -45.28 37.05
N LEU B 19 3.52 -44.56 35.94
CA LEU B 19 4.06 -43.22 35.92
C LEU B 19 2.94 -42.21 35.85
N SER B 20 3.12 -41.08 36.51
CA SER B 20 2.08 -40.06 36.60
C SER B 20 2.67 -38.68 36.42
N CYS B 21 1.99 -37.85 35.63
CA CYS B 21 2.34 -36.43 35.48
C CYS B 21 1.22 -35.59 36.07
N GLU B 22 1.61 -34.61 36.88
CA GLU B 22 0.70 -33.61 37.39
C GLU B 22 1.10 -32.25 36.83
N ALA B 23 0.13 -31.52 36.32
CA ALA B 23 0.38 -30.22 35.70
C ALA B 23 -0.05 -29.11 36.65
N SER B 24 0.81 -28.11 36.82
CA SER B 24 0.48 -26.93 37.58
C SER B 24 0.63 -25.71 36.70
N GLY B 25 -0.33 -24.80 36.79
CA GLY B 25 -0.31 -23.57 36.02
C GLY B 25 -1.22 -23.57 34.82
N PHE B 26 -1.79 -24.71 34.45
CA PHE B 26 -2.70 -24.77 33.32
C PHE B 26 -3.60 -25.99 33.48
N THR B 27 -4.74 -25.94 32.81
CA THR B 27 -5.67 -27.05 32.79
C THR B 27 -5.39 -27.92 31.56
N LEU B 28 -5.07 -29.19 31.78
CA LEU B 28 -4.63 -30.06 30.70
C LEU B 28 -5.79 -30.70 29.95
N SER B 29 -7.03 -30.27 30.20
CA SER B 29 -8.14 -30.73 29.41
C SER B 29 -8.07 -30.22 27.96
N SER B 30 -7.23 -29.22 27.69
CA SER B 30 -7.09 -28.64 26.36
C SER B 30 -5.65 -28.80 25.86
N TYR B 31 -5.09 -29.99 26.04
CA TYR B 31 -3.73 -30.29 25.59
C TYR B 31 -3.62 -31.79 25.35
N TRP B 32 -3.00 -32.17 24.23
CA TRP B 32 -2.61 -33.55 24.04
C TRP B 32 -1.42 -33.87 24.92
N MET B 33 -1.36 -35.09 25.44
CA MET B 33 -0.30 -35.46 26.37
C MET B 33 0.53 -36.60 25.78
N HIS B 34 1.84 -36.41 25.75
CA HIS B 34 2.76 -37.35 25.12
C HIS B 34 3.73 -37.90 26.16
N TRP B 35 4.06 -39.18 25.99
CA TRP B 35 5.06 -39.89 26.76
C TRP B 35 6.21 -40.24 25.82
N VAL B 36 7.39 -39.70 26.11
CA VAL B 36 8.61 -40.01 25.37
C VAL B 36 9.61 -40.60 26.35
N ARG B 37 10.64 -41.27 25.81
CA ARG B 37 11.67 -41.83 26.65
C ARG B 37 13.03 -41.65 26.00
N GLN B 38 14.05 -41.42 26.83
CA GLN B 38 15.42 -41.26 26.38
C GLN B 38 16.29 -42.26 27.11
N ASP B 39 16.96 -43.13 26.35
CA ASP B 39 17.92 -44.04 26.95
C ASP B 39 19.12 -43.24 27.45
N PRO B 40 19.79 -43.71 28.50
CA PRO B 40 20.92 -42.95 29.05
C PRO B 40 22.04 -42.81 28.04
N GLY B 41 22.26 -41.58 27.56
CA GLY B 41 23.25 -41.29 26.57
C GLY B 41 22.76 -41.40 25.13
N LYS B 42 21.63 -42.05 24.90
CA LYS B 42 21.09 -42.20 23.56
C LYS B 42 20.11 -41.06 23.27
N GLY B 43 19.35 -41.19 22.18
CA GLY B 43 18.45 -40.14 21.74
C GLY B 43 17.06 -40.29 22.31
N LEU B 44 16.15 -39.46 21.80
CA LEU B 44 14.78 -39.39 22.25
C LEU B 44 13.88 -40.22 21.35
N VAL B 45 12.99 -40.99 21.96
CA VAL B 45 12.01 -41.78 21.22
C VAL B 45 10.65 -41.60 21.87
N TRP B 46 9.60 -41.69 21.06
CA TRP B 46 8.25 -41.37 21.47
C TRP B 46 7.49 -42.65 21.75
N VAL B 47 6.77 -42.68 22.87
CA VAL B 47 6.11 -43.88 23.36
C VAL B 47 4.60 -43.83 23.13
N ALA B 48 3.92 -42.88 23.76
CA ALA B 48 2.47 -42.89 23.74
C ALA B 48 1.90 -41.49 23.65
N VAL B 49 0.65 -41.39 23.21
CA VAL B 49 -0.04 -40.10 23.11
C VAL B 49 -1.51 -40.31 23.45
N ILE B 50 -2.05 -39.39 24.24
CA ILE B 50 -3.46 -39.43 24.65
C ILE B 50 -4.10 -38.08 24.37
N ASN B 51 -5.34 -38.14 23.88
CA ASN B 51 -6.08 -36.98 23.41
C ASN B 51 -6.59 -36.15 24.59
N SER B 52 -7.39 -35.15 24.29
CA SER B 52 -7.96 -34.26 25.30
C SER B 52 -9.22 -34.81 25.94
N ASP B 53 -9.70 -35.96 25.48
CA ASP B 53 -10.87 -36.60 26.07
C ASP B 53 -10.65 -38.05 26.44
N GLY B 54 -9.50 -38.64 26.08
CA GLY B 54 -9.23 -40.03 26.34
C GLY B 54 -9.78 -40.99 25.30
N SER B 55 -10.49 -40.49 24.30
CA SER B 55 -11.08 -41.37 23.30
C SER B 55 -10.02 -41.94 22.37
N SER B 56 -9.10 -41.11 21.89
CA SER B 56 -8.10 -41.52 20.91
C SER B 56 -6.75 -41.57 21.58
N THR B 57 -6.13 -42.75 21.58
CA THR B 57 -4.80 -42.95 22.12
C THR B 57 -3.98 -43.72 21.11
N ASP B 58 -2.69 -43.41 21.03
CA ASP B 58 -1.81 -44.12 20.11
C ASP B 58 -0.51 -44.49 20.82
N TYR B 59 0.09 -45.59 20.38
CA TYR B 59 1.28 -46.15 20.99
C TYR B 59 2.31 -46.46 19.93
N ALA B 60 3.56 -46.49 20.35
CA ALA B 60 4.68 -46.70 19.44
C ALA B 60 4.69 -48.14 18.92
N ASP B 61 5.64 -48.42 18.04
CA ASP B 61 5.70 -49.73 17.40
C ASP B 61 6.22 -50.81 18.35
N PHE B 62 7.20 -50.47 19.19
CA PHE B 62 7.80 -51.47 20.06
C PHE B 62 6.89 -51.89 21.22
N VAL B 63 5.89 -51.10 21.55
CA VAL B 63 4.95 -51.42 22.62
C VAL B 63 3.69 -51.98 22.00
N LYS B 64 3.43 -53.27 22.24
CA LYS B 64 2.31 -53.99 21.66
C LYS B 64 1.45 -54.51 22.80
N GLY B 65 0.54 -53.66 23.28
CA GLY B 65 -0.34 -54.02 24.37
C GLY B 65 0.31 -53.98 25.73
N ARG B 66 1.62 -53.74 25.80
CA ARG B 66 2.30 -53.68 27.09
C ARG B 66 1.88 -52.46 27.89
N PHE B 67 1.70 -51.32 27.23
CA PHE B 67 1.48 -50.06 27.91
C PHE B 67 0.05 -49.59 27.70
N THR B 68 -0.50 -48.93 28.72
CA THR B 68 -1.84 -48.36 28.66
C THR B 68 -1.80 -46.94 29.19
N ILE B 69 -2.42 -46.02 28.48
CA ILE B 69 -2.39 -44.61 28.83
C ILE B 69 -3.77 -44.20 29.37
N SER B 70 -3.78 -43.19 30.23
CA SER B 70 -5.03 -42.73 30.82
C SER B 70 -4.86 -41.28 31.27
N ARG B 71 -5.99 -40.60 31.46
CA ARG B 71 -5.93 -39.17 31.81
C ARG B 71 -7.10 -38.76 32.73
N ASP B 72 -6.83 -37.91 33.71
CA ASP B 72 -7.82 -37.39 34.65
C ASP B 72 -7.71 -35.87 34.61
N ASN B 73 -8.63 -35.23 33.88
CA ASN B 73 -8.59 -33.78 33.73
C ASN B 73 -9.02 -33.08 35.01
N ALA B 74 -9.95 -33.66 35.76
CA ALA B 74 -10.37 -33.05 37.02
C ALA B 74 -9.22 -32.99 38.00
N LYS B 75 -8.43 -34.05 38.07
CA LYS B 75 -7.26 -34.11 38.94
C LYS B 75 -6.01 -33.55 38.29
N ASN B 76 -6.08 -33.17 37.02
CA ASN B 76 -4.96 -32.62 36.26
C ASN B 76 -3.76 -33.57 36.30
N THR B 77 -3.97 -34.77 35.80
CA THR B 77 -2.92 -35.79 35.82
C THR B 77 -3.07 -36.70 34.62
N VAL B 78 -1.95 -37.30 34.22
CA VAL B 78 -1.93 -38.27 33.13
C VAL B 78 -1.07 -39.45 33.54
N TYR B 79 -1.61 -40.66 33.37
CA TYR B 79 -0.99 -41.87 33.87
C TYR B 79 -0.59 -42.79 32.72
N LEU B 80 0.48 -43.53 32.94
CA LEU B 80 0.97 -44.54 31.99
C LEU B 80 1.31 -45.80 32.77
N GLN B 81 0.63 -46.89 32.44
CA GLN B 81 0.85 -48.18 33.07
C GLN B 81 1.67 -49.03 32.13
N MET B 82 2.83 -49.48 32.59
CA MET B 82 3.65 -50.42 31.86
C MET B 82 3.59 -51.79 32.54
N ASN B 83 3.32 -52.82 31.74
CA ASN B 83 3.36 -54.19 32.19
C ASN B 83 4.24 -54.97 31.23
N SER B 84 4.72 -56.13 31.69
CA SER B 84 5.58 -56.99 30.89
C SER B 84 6.82 -56.24 30.41
N LEU B 85 7.42 -55.47 31.32
CA LEU B 85 8.62 -54.71 31.00
C LEU B 85 9.80 -55.63 30.72
N ARG B 86 10.71 -55.16 29.88
CA ARG B 86 11.93 -55.88 29.53
C ARG B 86 13.13 -54.97 29.77
N ALA B 87 14.33 -55.53 29.58
CA ALA B 87 15.54 -54.77 29.83
C ALA B 87 15.70 -53.60 28.87
N GLU B 88 15.09 -53.69 27.68
CA GLU B 88 15.17 -52.60 26.71
C GLU B 88 14.46 -51.35 27.24
N ASP B 89 13.37 -51.53 27.97
CA ASP B 89 12.55 -50.43 28.47
C ASP B 89 13.17 -49.83 29.74
N THR B 90 14.42 -49.39 29.61
CA THR B 90 15.15 -48.76 30.71
C THR B 90 15.60 -47.38 30.25
N ALA B 91 14.97 -46.34 30.78
CA ALA B 91 15.21 -45.01 30.22
C ALA B 91 14.61 -43.96 31.14
N VAL B 92 14.86 -42.71 30.78
CA VAL B 92 14.25 -41.57 31.46
C VAL B 92 13.00 -41.20 30.68
N TYR B 93 11.85 -41.25 31.36
CA TYR B 93 10.57 -41.00 30.74
C TYR B 93 10.13 -39.56 30.97
N TYR B 94 9.77 -38.88 29.89
CA TYR B 94 9.38 -37.49 29.89
C TYR B 94 7.90 -37.36 29.50
N CYS B 95 7.26 -36.38 30.11
CA CYS B 95 5.88 -36.02 29.84
C CYS B 95 5.88 -34.69 29.10
N ALA B 96 5.31 -34.67 27.91
CA ALA B 96 5.26 -33.47 27.09
C ALA B 96 3.82 -33.08 26.82
N ARG B 97 3.58 -31.77 26.72
CA ARG B 97 2.27 -31.26 26.37
C ARG B 97 2.32 -30.69 24.97
N ALA B 98 1.26 -30.92 24.21
CA ALA B 98 1.17 -30.43 22.84
C ALA B 98 -0.16 -29.70 22.69
N PRO B 99 -0.16 -28.51 22.10
CA PRO B 99 -1.43 -27.78 21.96
C PRO B 99 -2.42 -28.53 21.09
N GLN B 100 -3.69 -28.47 21.48
CA GLN B 100 -4.76 -29.11 20.65
C GLN B 100 -4.85 -28.36 19.32
N GLY B 101 -5.03 -29.09 18.21
CA GLY B 101 -5.07 -28.45 16.88
C GLY B 101 -6.32 -27.61 16.66
N THR B 102 -6.18 -26.51 15.92
CA THR B 102 -7.34 -25.64 15.62
C THR B 102 -8.32 -26.43 14.77
N VAL B 103 -7.85 -27.05 13.70
CA VAL B 103 -8.73 -27.91 12.84
C VAL B 103 -8.41 -29.38 13.13
N PHE B 104 -9.41 -30.19 13.44
CA PHE B 104 -9.14 -31.60 13.83
C PHE B 104 -8.08 -31.57 14.94
N GLY B 105 -6.90 -32.14 14.66
CA GLY B 105 -5.79 -32.08 15.64
C GLY B 105 -4.66 -31.20 15.13
N VAL B 106 -4.82 -30.63 13.92
CA VAL B 106 -3.73 -29.82 13.32
C VAL B 106 -3.88 -28.34 13.73
N VAL B 107 -2.84 -27.76 14.34
CA VAL B 107 -2.88 -26.32 14.70
C VAL B 107 -2.44 -25.51 13.47
N ILE B 108 -3.30 -24.61 13.00
CA ILE B 108 -2.98 -23.83 11.81
C ILE B 108 -2.08 -22.65 12.18
N ILE B 109 -2.45 -21.92 13.23
CA ILE B 109 -1.69 -20.76 13.70
C ILE B 109 -1.60 -20.82 15.21
N GLY B 110 -0.41 -20.68 15.74
CA GLY B 110 -0.13 -20.75 17.16
C GLY B 110 0.93 -21.79 17.44
N ALA B 111 1.08 -22.12 18.72
CA ALA B 111 2.07 -23.10 19.12
C ALA B 111 1.69 -24.48 18.60
N ASP B 112 2.68 -25.24 18.17
CA ASP B 112 2.37 -26.55 17.59
C ASP B 112 3.13 -27.69 18.22
N GLY B 113 4.39 -27.49 18.59
CA GLY B 113 5.21 -28.56 19.10
C GLY B 113 4.98 -28.83 20.57
N PHE B 114 5.89 -29.62 21.15
CA PHE B 114 5.81 -29.97 22.56
C PHE B 114 6.36 -28.79 23.35
N ASP B 115 5.46 -27.91 23.78
CA ASP B 115 5.90 -26.67 24.41
C ASP B 115 6.54 -26.91 25.77
N ILE B 116 5.87 -27.68 26.62
CA ILE B 116 6.29 -27.87 28.00
C ILE B 116 6.58 -29.35 28.22
N TRP B 117 7.78 -29.63 28.71
CA TRP B 117 8.22 -30.98 29.01
C TRP B 117 8.28 -31.19 30.51
N GLY B 118 8.40 -32.46 30.91
CA GLY B 118 8.51 -32.81 32.30
C GLY B 118 9.95 -32.73 32.78
N GLN B 119 10.20 -33.36 33.92
CA GLN B 119 11.55 -33.40 34.48
C GLN B 119 12.25 -34.73 34.28
N GLY B 120 11.50 -35.82 34.08
CA GLY B 120 12.10 -37.11 33.82
C GLY B 120 12.01 -38.06 34.99
N THR B 121 11.47 -39.25 34.74
CA THR B 121 11.41 -40.31 35.74
C THR B 121 12.23 -41.48 35.24
N MET B 122 13.18 -41.93 36.05
CA MET B 122 14.07 -42.99 35.62
C MET B 122 13.42 -44.34 35.87
N VAL B 123 13.32 -45.16 34.83
CA VAL B 123 12.75 -46.49 34.92
C VAL B 123 13.85 -47.48 34.57
N THR B 124 14.15 -48.37 35.52
CA THR B 124 15.23 -49.34 35.40
C THR B 124 14.66 -50.74 35.42
N VAL B 125 15.16 -51.59 34.54
CA VAL B 125 14.78 -53.00 34.49
C VAL B 125 16.04 -53.81 34.62
N SER B 126 16.16 -54.57 35.70
CA SER B 126 17.33 -55.40 35.95
C SER B 126 16.99 -56.40 37.05
N SER B 127 17.88 -57.37 37.22
CA SER B 127 17.71 -58.38 38.26
C SER B 127 18.68 -58.14 39.42
N VAL C 1 28.79 -2.29 -29.33
CA VAL C 1 28.79 -3.46 -30.20
C VAL C 1 28.49 -3.05 -31.64
N GLN C 2 28.87 -3.90 -32.58
CA GLN C 2 28.66 -3.64 -33.99
C GLN C 2 28.57 -4.95 -34.76
N LEU C 3 27.89 -4.90 -35.90
CA LEU C 3 27.88 -5.99 -36.86
C LEU C 3 28.38 -5.45 -38.19
N VAL C 4 29.38 -6.11 -38.77
CA VAL C 4 29.98 -5.69 -40.03
C VAL C 4 29.76 -6.79 -41.05
N GLU C 5 29.12 -6.45 -42.16
CA GLU C 5 28.81 -7.41 -43.20
C GLU C 5 29.71 -7.21 -44.40
N SER C 6 29.92 -8.28 -45.16
CA SER C 6 30.79 -8.24 -46.31
C SER C 6 30.37 -9.34 -47.27
N GLY C 7 30.87 -9.23 -48.50
CA GLY C 7 30.61 -10.22 -49.54
C GLY C 7 29.70 -9.74 -50.65
N GLY C 8 29.08 -8.58 -50.50
CA GLY C 8 28.20 -8.09 -51.54
C GLY C 8 28.95 -7.65 -52.78
N GLY C 9 28.33 -7.85 -53.93
CA GLY C 9 28.94 -7.47 -55.19
C GLY C 9 28.03 -7.84 -56.34
N LEU C 10 28.51 -7.53 -57.54
CA LEU C 10 27.74 -7.80 -58.75
C LEU C 10 27.94 -9.25 -59.16
N VAL C 11 26.85 -9.96 -59.38
CA VAL C 11 26.87 -11.35 -59.81
C VAL C 11 25.85 -11.54 -60.92
N GLN C 12 26.23 -12.33 -61.92
CA GLN C 12 25.36 -12.58 -63.05
C GLN C 12 24.17 -13.43 -62.64
N PRO C 13 23.07 -13.35 -63.36
CA PRO C 13 21.92 -14.22 -63.05
C PRO C 13 22.30 -15.69 -63.14
N GLY C 14 21.74 -16.49 -62.24
CA GLY C 14 22.11 -17.87 -62.12
C GLY C 14 23.41 -18.11 -61.37
N GLY C 15 24.04 -17.06 -60.86
CA GLY C 15 25.31 -17.18 -60.17
C GLY C 15 25.13 -17.44 -58.69
N SER C 16 26.25 -17.36 -57.97
CA SER C 16 26.29 -17.64 -56.55
C SER C 16 27.07 -16.53 -55.84
N LEU C 17 26.73 -16.32 -54.58
CA LEU C 17 27.37 -15.29 -53.78
C LEU C 17 27.35 -15.70 -52.31
N ARG C 18 28.24 -15.10 -51.54
CA ARG C 18 28.36 -15.40 -50.12
C ARG C 18 28.41 -14.10 -49.33
N LEU C 19 27.60 -14.02 -48.27
CA LEU C 19 27.55 -12.86 -47.39
C LEU C 19 27.93 -13.30 -45.99
N SER C 20 28.69 -12.45 -45.29
CA SER C 20 29.17 -12.79 -43.96
C SER C 20 28.99 -11.60 -43.02
N CYS C 21 28.42 -11.87 -41.85
CA CYS C 21 28.34 -10.92 -40.75
C CYS C 21 29.37 -11.30 -39.71
N GLU C 22 30.09 -10.30 -39.18
CA GLU C 22 31.02 -10.48 -38.09
C GLU C 22 30.57 -9.60 -36.93
N ALA C 23 30.59 -10.15 -35.72
CA ALA C 23 30.19 -9.44 -34.53
C ALA C 23 31.39 -8.76 -33.88
N SER C 24 31.11 -7.72 -33.10
CA SER C 24 32.14 -7.04 -32.34
C SER C 24 31.50 -6.49 -31.07
N GLY C 25 31.76 -7.15 -29.95
CA GLY C 25 31.28 -6.69 -28.66
C GLY C 25 30.30 -7.61 -27.97
N PHE C 26 29.98 -8.77 -28.53
CA PHE C 26 29.03 -9.67 -27.91
C PHE C 26 29.25 -11.08 -28.42
N THR C 27 28.71 -12.05 -27.70
CA THR C 27 28.82 -13.45 -28.06
C THR C 27 27.66 -13.84 -28.97
N LEU C 28 27.98 -14.27 -30.18
CA LEU C 28 26.96 -14.63 -31.16
C LEU C 28 26.15 -15.85 -30.76
N SER C 29 26.63 -16.66 -29.81
CA SER C 29 25.92 -17.88 -29.44
C SER C 29 24.66 -17.61 -28.65
N SER C 30 24.42 -16.37 -28.21
CA SER C 30 23.27 -16.03 -27.38
C SER C 30 22.28 -15.14 -28.12
N TYR C 31 22.22 -15.24 -29.44
CA TYR C 31 21.30 -14.43 -30.24
C TYR C 31 20.88 -15.20 -31.48
N TRP C 32 19.64 -15.02 -31.87
CA TRP C 32 19.17 -15.47 -33.18
C TRP C 32 19.63 -14.47 -34.23
N MET C 33 20.08 -14.98 -35.38
CA MET C 33 20.63 -14.11 -36.40
C MET C 33 19.73 -14.11 -37.63
N HIS C 34 19.31 -12.92 -38.05
CA HIS C 34 18.36 -12.74 -39.13
C HIS C 34 19.01 -12.05 -40.31
N TRP C 35 18.54 -12.41 -41.50
CA TRP C 35 18.93 -11.78 -42.75
C TRP C 35 17.70 -11.14 -43.34
N VAL C 36 17.76 -9.83 -43.55
CA VAL C 36 16.67 -9.10 -44.21
C VAL C 36 17.24 -8.43 -45.44
N ARG C 37 16.37 -8.11 -46.39
CA ARG C 37 16.79 -7.44 -47.60
C ARG C 37 15.84 -6.30 -47.91
N GLN C 38 16.39 -5.19 -48.38
CA GLN C 38 15.64 -3.99 -48.70
C GLN C 38 15.94 -3.60 -50.13
N ASP C 39 14.91 -3.60 -50.97
CA ASP C 39 15.08 -3.10 -52.33
C ASP C 39 15.37 -1.61 -52.26
N PRO C 40 16.19 -1.09 -53.19
CA PRO C 40 16.58 0.33 -53.10
C PRO C 40 15.39 1.25 -53.22
N GLY C 41 15.06 1.94 -52.12
CA GLY C 41 13.93 2.82 -52.07
C GLY C 41 12.63 2.16 -51.64
N LYS C 42 12.58 0.83 -51.61
CA LYS C 42 11.37 0.11 -51.25
C LYS C 42 11.44 -0.32 -49.78
N GLY C 43 10.49 -1.14 -49.36
CA GLY C 43 10.38 -1.54 -47.97
C GLY C 43 11.30 -2.69 -47.60
N LEU C 44 11.25 -3.05 -46.32
CA LEU C 44 12.10 -4.09 -45.76
C LEU C 44 11.44 -5.45 -45.90
N VAL C 45 12.22 -6.45 -46.29
CA VAL C 45 11.74 -7.80 -46.50
C VAL C 45 12.63 -8.77 -45.74
N TRP C 46 12.02 -9.65 -44.96
CA TRP C 46 12.76 -10.65 -44.20
C TRP C 46 13.13 -11.81 -45.10
N VAL C 47 14.33 -12.35 -44.90
CA VAL C 47 14.84 -13.40 -45.78
C VAL C 47 15.05 -14.70 -45.03
N ALA C 48 15.91 -14.70 -44.01
CA ALA C 48 16.28 -15.97 -43.38
C ALA C 48 16.58 -15.77 -41.90
N VAL C 49 16.56 -16.88 -41.16
CA VAL C 49 16.88 -16.85 -39.72
C VAL C 49 17.64 -18.12 -39.35
N ILE C 50 18.63 -17.96 -38.48
CA ILE C 50 19.43 -19.05 -37.94
C ILE C 50 19.40 -18.99 -36.42
N ASN C 51 19.26 -20.15 -35.80
CA ASN C 51 19.17 -20.32 -34.36
C ASN C 51 20.51 -20.03 -33.70
N SER C 52 20.54 -20.17 -32.37
CA SER C 52 21.75 -19.96 -31.59
C SER C 52 22.69 -21.16 -31.60
N ASP C 53 22.25 -22.29 -32.15
CA ASP C 53 23.08 -23.48 -32.25
C ASP C 53 23.17 -24.00 -33.68
N GLY C 54 22.64 -23.26 -34.65
CA GLY C 54 22.70 -23.71 -36.02
C GLY C 54 21.84 -24.92 -36.32
N SER C 55 20.91 -25.24 -35.43
CA SER C 55 20.09 -26.43 -35.59
C SER C 55 18.78 -26.15 -36.34
N SER C 56 18.11 -25.05 -36.02
CA SER C 56 16.84 -24.70 -36.63
C SER C 56 17.02 -23.43 -37.44
N THR C 57 16.69 -23.51 -38.72
CA THR C 57 16.76 -22.37 -39.63
C THR C 57 15.42 -22.22 -40.34
N ASP C 58 15.15 -21.02 -40.81
CA ASP C 58 13.95 -20.79 -41.59
C ASP C 58 14.21 -19.79 -42.71
N TYR C 59 13.45 -19.92 -43.78
CA TYR C 59 13.63 -19.12 -44.99
C TYR C 59 12.28 -18.57 -45.42
N ALA C 60 12.32 -17.50 -46.20
CA ALA C 60 11.12 -16.82 -46.64
C ALA C 60 10.40 -17.61 -47.71
N ASP C 61 9.32 -17.03 -48.24
CA ASP C 61 8.50 -17.69 -49.24
C ASP C 61 9.08 -17.61 -50.64
N PHE C 62 9.96 -16.64 -50.91
CA PHE C 62 10.54 -16.48 -52.23
C PHE C 62 11.87 -17.20 -52.38
N VAL C 63 12.29 -17.94 -51.38
CA VAL C 63 13.54 -18.70 -51.40
C VAL C 63 13.16 -20.17 -51.47
N LYS C 64 13.21 -20.76 -52.66
CA LYS C 64 12.88 -22.16 -52.85
C LYS C 64 14.14 -23.01 -52.82
N GLY C 65 14.80 -23.01 -51.67
CA GLY C 65 16.02 -23.75 -51.49
C GLY C 65 17.25 -23.09 -52.08
N ARG C 66 17.11 -21.89 -52.64
CA ARG C 66 18.26 -21.21 -53.21
C ARG C 66 19.30 -20.83 -52.16
N PHE C 67 18.84 -20.37 -50.99
CA PHE C 67 19.72 -19.79 -49.99
C PHE C 67 19.97 -20.80 -48.89
N THR C 68 21.21 -20.81 -48.38
CA THR C 68 21.60 -21.65 -47.27
C THR C 68 22.26 -20.80 -46.21
N ILE C 69 21.76 -20.87 -44.98
CA ILE C 69 22.26 -20.07 -43.88
C ILE C 69 23.08 -20.96 -42.95
N SER C 70 24.10 -20.36 -42.34
CA SER C 70 25.02 -21.12 -41.51
C SER C 70 25.67 -20.18 -40.50
N ARG C 71 26.29 -20.78 -39.49
CA ARG C 71 26.82 -20.04 -38.37
C ARG C 71 28.15 -20.64 -37.95
N ASP C 72 29.00 -19.79 -37.35
CA ASP C 72 30.23 -20.25 -36.69
C ASP C 72 30.41 -19.36 -35.47
N ASN C 73 30.04 -19.87 -34.30
CA ASN C 73 30.08 -19.07 -33.09
C ASN C 73 31.50 -18.89 -32.55
N ALA C 74 32.40 -19.82 -32.87
CA ALA C 74 33.79 -19.65 -32.45
C ALA C 74 34.42 -18.43 -33.09
N LYS C 75 34.13 -18.20 -34.37
CA LYS C 75 34.62 -17.04 -35.09
C LYS C 75 33.66 -15.86 -35.06
N ASN C 76 32.50 -16.03 -34.44
CA ASN C 76 31.48 -14.98 -34.35
C ASN C 76 31.05 -14.50 -35.74
N THR C 77 30.69 -15.45 -36.60
CA THR C 77 30.36 -15.11 -37.97
C THR C 77 29.08 -15.84 -38.39
N VAL C 78 28.31 -15.17 -39.24
CA VAL C 78 27.11 -15.71 -39.83
C VAL C 78 27.26 -15.67 -41.34
N TYR C 79 26.91 -16.75 -42.01
CA TYR C 79 27.10 -16.88 -43.44
C TYR C 79 25.76 -17.13 -44.13
N LEU C 80 25.55 -16.47 -45.26
CA LEU C 80 24.40 -16.71 -46.11
C LEU C 80 24.91 -16.94 -47.53
N GLN C 81 24.68 -18.14 -48.06
CA GLN C 81 25.15 -18.52 -49.38
C GLN C 81 23.95 -18.56 -50.31
N MET C 82 23.95 -17.70 -51.32
CA MET C 82 22.88 -17.64 -52.29
C MET C 82 23.33 -18.26 -53.60
N ASN C 83 22.44 -19.04 -54.21
CA ASN C 83 22.64 -19.61 -55.52
C ASN C 83 21.38 -19.44 -56.33
N SER C 84 21.49 -19.64 -57.64
CA SER C 84 20.36 -19.48 -58.57
C SER C 84 19.74 -18.10 -58.45
N LEU C 85 20.60 -17.08 -58.31
CA LEU C 85 20.13 -15.71 -58.19
C LEU C 85 19.42 -15.26 -59.47
N ARG C 86 18.37 -14.48 -59.30
CA ARG C 86 17.60 -13.93 -60.41
C ARG C 86 17.60 -12.41 -60.33
N ALA C 87 17.02 -11.78 -61.36
CA ALA C 87 17.02 -10.33 -61.43
C ALA C 87 16.29 -9.69 -60.27
N GLU C 88 15.29 -10.38 -59.71
CA GLU C 88 14.50 -9.80 -58.63
C GLU C 88 15.33 -9.65 -57.35
N ASP C 89 16.25 -10.59 -57.09
CA ASP C 89 16.95 -10.64 -55.82
C ASP C 89 18.13 -9.68 -55.75
N THR C 90 17.92 -8.40 -56.06
CA THR C 90 18.95 -7.39 -55.94
C THR C 90 18.50 -6.35 -54.92
N ALA C 91 19.31 -6.14 -53.89
CA ALA C 91 18.88 -5.33 -52.76
C ALA C 91 20.06 -5.12 -51.83
N VAL C 92 19.83 -4.28 -50.82
CA VAL C 92 20.78 -4.12 -49.73
C VAL C 92 20.42 -5.11 -48.64
N TYR C 93 21.36 -5.98 -48.30
CA TYR C 93 21.14 -7.03 -47.32
C TYR C 93 21.67 -6.59 -45.97
N TYR C 94 20.83 -6.75 -44.95
CA TYR C 94 21.12 -6.38 -43.58
C TYR C 94 21.15 -7.62 -42.71
N CYS C 95 22.08 -7.61 -41.75
CA CYS C 95 22.17 -8.62 -40.71
C CYS C 95 21.56 -8.04 -39.44
N ALA C 96 20.72 -8.82 -38.78
CA ALA C 96 20.06 -8.36 -37.56
C ALA C 96 20.25 -9.38 -36.45
N ARG C 97 20.29 -8.88 -35.22
CA ARG C 97 20.40 -9.74 -34.05
C ARG C 97 19.11 -9.66 -33.25
N ALA C 98 18.68 -10.80 -32.73
CA ALA C 98 17.49 -10.84 -31.89
C ALA C 98 17.79 -11.65 -30.63
N PRO C 99 17.29 -11.22 -29.48
CA PRO C 99 17.58 -11.95 -28.25
C PRO C 99 16.93 -13.32 -28.24
N GLN C 100 17.53 -14.25 -27.48
CA GLN C 100 16.96 -15.61 -27.35
C GLN C 100 16.29 -15.72 -25.96
N GLY C 101 14.96 -15.89 -25.93
CA GLY C 101 14.25 -15.96 -24.65
C GLY C 101 14.44 -17.29 -23.95
N THR C 102 14.29 -17.31 -22.62
CA THR C 102 14.47 -18.55 -21.84
C THR C 102 13.41 -19.56 -22.23
N VAL C 103 12.15 -19.14 -22.30
CA VAL C 103 11.04 -20.06 -22.72
C VAL C 103 11.19 -20.31 -24.23
N PHE C 104 11.51 -21.54 -24.62
CA PHE C 104 11.76 -21.83 -26.06
C PHE C 104 12.68 -20.73 -26.59
N GLY C 105 12.20 -19.93 -27.54
CA GLY C 105 13.00 -18.79 -28.04
C GLY C 105 12.27 -17.49 -27.76
N VAL C 106 11.13 -17.55 -27.06
CA VAL C 106 10.33 -16.38 -26.79
C VAL C 106 10.87 -15.66 -25.57
N VAL C 107 10.94 -14.33 -25.66
CA VAL C 107 11.38 -13.48 -24.56
C VAL C 107 10.15 -12.97 -23.83
N ILE C 108 10.08 -13.23 -22.53
CA ILE C 108 8.96 -12.73 -21.72
C ILE C 108 9.27 -11.35 -21.16
N ILE C 109 10.48 -11.15 -20.64
CA ILE C 109 10.90 -9.88 -20.08
C ILE C 109 12.22 -9.48 -20.74
N GLY C 110 12.39 -8.19 -20.94
CA GLY C 110 13.60 -7.68 -21.56
C GLY C 110 13.46 -7.49 -23.05
N ALA C 111 14.63 -7.32 -23.69
CA ALA C 111 14.67 -6.99 -25.10
C ALA C 111 14.15 -8.14 -25.95
N ASP C 112 13.36 -7.80 -26.97
CA ASP C 112 12.79 -8.85 -27.81
C ASP C 112 13.02 -8.65 -29.29
N GLY C 113 12.96 -7.42 -29.79
CA GLY C 113 13.04 -7.18 -31.21
C GLY C 113 14.46 -7.22 -31.73
N PHE C 114 14.61 -6.82 -32.99
CA PHE C 114 15.92 -6.78 -33.62
C PHE C 114 16.72 -5.61 -33.05
N ASP C 115 17.53 -5.87 -32.04
CA ASP C 115 18.18 -4.79 -31.31
C ASP C 115 19.25 -4.11 -32.15
N ILE C 116 20.13 -4.90 -32.78
CA ILE C 116 21.29 -4.38 -33.50
C ILE C 116 21.23 -4.86 -34.94
N TRP C 117 21.32 -3.93 -35.88
CA TRP C 117 21.42 -4.21 -37.29
C TRP C 117 22.83 -3.96 -37.77
N GLY C 118 23.08 -4.32 -39.02
CA GLY C 118 24.37 -4.13 -39.64
C GLY C 118 24.48 -2.79 -40.35
N GLN C 119 25.31 -2.76 -41.38
CA GLN C 119 25.45 -1.58 -42.23
C GLN C 119 24.91 -1.78 -43.63
N GLY C 120 24.75 -3.03 -44.06
CA GLY C 120 24.15 -3.30 -45.35
C GLY C 120 25.17 -3.53 -46.45
N THR C 121 25.03 -4.64 -47.16
CA THR C 121 25.84 -4.91 -48.34
C THR C 121 24.94 -4.95 -49.57
N MET C 122 25.32 -4.23 -50.60
CA MET C 122 24.52 -4.18 -51.82
C MET C 122 24.84 -5.38 -52.68
N VAL C 123 23.82 -6.17 -53.00
CA VAL C 123 23.95 -7.29 -53.93
C VAL C 123 23.15 -6.93 -55.17
N THR C 124 23.83 -6.88 -56.32
CA THR C 124 23.25 -6.46 -57.57
C THR C 124 23.45 -7.54 -58.61
N VAL C 125 22.42 -7.76 -59.42
CA VAL C 125 22.44 -8.79 -60.45
C VAL C 125 22.06 -8.15 -61.79
N SER C 126 22.85 -8.45 -62.81
CA SER C 126 22.61 -7.93 -64.16
C SER C 126 23.55 -8.68 -65.10
N SER C 127 23.49 -8.30 -66.38
CA SER C 127 24.39 -8.87 -67.38
C SER C 127 25.36 -7.81 -67.89
N ILE D 1 -42.74 -13.71 -1.33
CA ILE D 1 -41.77 -13.31 -0.33
C ILE D 1 -42.46 -12.41 0.70
N GLN D 2 -42.10 -12.57 1.98
CA GLN D 2 -42.74 -11.86 3.07
C GLN D 2 -41.70 -11.17 3.93
N MET D 3 -42.01 -9.95 4.35
CA MET D 3 -41.14 -9.16 5.21
C MET D 3 -41.82 -8.96 6.55
N THR D 4 -41.10 -9.27 7.63
CA THR D 4 -41.64 -9.16 8.98
C THR D 4 -40.79 -8.20 9.80
N HIS D 5 -41.44 -7.33 10.56
CA HIS D 5 -40.78 -6.31 11.35
C HIS D 5 -40.78 -6.69 12.82
N ILE D 6 -39.61 -6.57 13.45
CA ILE D 6 -39.46 -6.79 14.88
C ILE D 6 -38.71 -5.61 15.48
N PRO D 7 -39.27 -4.90 16.47
CA PRO D 7 -40.62 -5.04 17.01
C PRO D 7 -41.65 -4.29 16.18
N VAL D 8 -42.92 -4.60 16.32
CA VAL D 8 -43.96 -3.92 15.53
C VAL D 8 -43.99 -2.43 15.86
N SER D 9 -43.90 -2.09 17.14
CA SER D 9 -43.79 -0.71 17.58
C SER D 9 -42.79 -0.64 18.72
N LEU D 10 -42.12 0.50 18.84
CA LEU D 10 -41.12 0.67 19.89
C LEU D 10 -41.07 2.14 20.28
N SER D 11 -40.57 2.38 21.49
CA SER D 11 -40.44 3.73 22.04
C SER D 11 -39.07 3.89 22.65
N ALA D 12 -38.47 5.06 22.44
CA ALA D 12 -37.14 5.34 22.97
C ALA D 12 -36.99 6.85 23.14
N SER D 13 -35.97 7.23 23.90
CA SER D 13 -35.69 8.62 24.21
C SER D 13 -34.64 9.19 23.28
N VAL D 14 -34.63 10.52 23.17
CA VAL D 14 -33.67 11.19 22.31
C VAL D 14 -32.26 10.96 22.84
N GLY D 15 -31.35 10.62 21.94
CA GLY D 15 -30.00 10.30 22.32
C GLY D 15 -29.74 8.85 22.65
N ASP D 16 -30.62 7.94 22.24
CA ASP D 16 -30.50 6.53 22.54
C ASP D 16 -30.44 5.74 21.24
N ARG D 17 -29.67 4.65 21.26
CA ARG D 17 -29.61 3.72 20.15
C ARG D 17 -30.94 2.98 20.00
N VAL D 18 -31.17 2.48 18.79
CA VAL D 18 -32.40 1.75 18.49
C VAL D 18 -32.13 0.82 17.31
N THR D 19 -32.72 -0.36 17.36
CA THR D 19 -32.55 -1.36 16.32
C THR D 19 -33.92 -1.84 15.83
N ILE D 20 -34.10 -1.85 14.51
CA ILE D 20 -35.32 -2.33 13.87
C ILE D 20 -34.92 -3.44 12.92
N THR D 21 -35.51 -4.62 13.07
CA THR D 21 -35.09 -5.79 12.33
C THR D 21 -36.17 -6.22 11.35
N CYS D 22 -35.75 -6.51 10.13
CA CYS D 22 -36.62 -7.04 9.09
C CYS D 22 -36.15 -8.44 8.73
N ARG D 23 -37.08 -9.38 8.79
CA ARG D 23 -36.80 -10.78 8.50
C ARG D 23 -37.55 -11.20 7.24
N ALA D 24 -36.92 -12.05 6.45
CA ALA D 24 -37.43 -12.45 5.14
C ALA D 24 -37.85 -13.92 5.17
N SER D 25 -38.91 -14.22 4.40
CA SER D 25 -39.37 -15.60 4.30
C SER D 25 -38.35 -16.48 3.58
N GLN D 26 -37.63 -15.92 2.61
CA GLN D 26 -36.56 -16.62 1.92
C GLN D 26 -35.28 -15.80 1.99
N SER D 27 -34.26 -16.17 1.23
CA SER D 27 -33.02 -15.41 1.20
C SER D 27 -33.10 -14.39 0.07
N ILE D 28 -33.05 -13.11 0.43
CA ILE D 28 -33.16 -12.04 -0.55
C ILE D 28 -31.84 -11.28 -0.69
N SER D 29 -30.72 -11.91 -0.31
CA SER D 29 -29.37 -11.38 -0.50
C SER D 29 -29.30 -9.99 0.12
N SER D 30 -28.82 -8.98 -0.60
CA SER D 30 -28.76 -7.61 -0.11
C SER D 30 -29.73 -6.72 -0.87
N TRP D 31 -30.89 -7.26 -1.24
CA TRP D 31 -31.88 -6.52 -2.00
C TRP D 31 -32.95 -5.93 -1.07
N LEU D 32 -32.48 -5.10 -0.14
CA LEU D 32 -33.36 -4.48 0.85
C LEU D 32 -33.14 -2.98 0.88
N ALA D 33 -34.23 -2.24 1.06
CA ALA D 33 -34.22 -0.79 1.18
C ALA D 33 -34.99 -0.39 2.43
N TRP D 34 -34.47 0.60 3.13
CA TRP D 34 -35.11 1.16 4.32
C TRP D 34 -35.62 2.55 3.99
N TYR D 35 -36.93 2.74 4.18
CA TYR D 35 -37.62 4.00 3.97
C TYR D 35 -38.13 4.54 5.31
N GLN D 36 -38.29 5.86 5.38
CA GLN D 36 -38.83 6.52 6.56
C GLN D 36 -40.01 7.38 6.13
N GLN D 37 -41.15 7.25 6.81
CA GLN D 37 -42.33 8.03 6.52
C GLN D 37 -42.90 8.63 7.79
N LYS D 38 -43.07 9.90 7.78
CA LYS D 38 -43.74 10.70 8.79
C LYS D 38 -45.22 10.83 8.45
N PRO D 39 -46.08 11.03 9.45
CA PRO D 39 -47.52 10.98 9.19
C PRO D 39 -47.96 12.01 8.15
N GLY D 40 -48.86 11.60 7.26
CA GLY D 40 -49.39 12.48 6.25
C GLY D 40 -48.35 13.04 5.30
N LYS D 41 -47.40 12.21 4.87
CA LYS D 41 -46.34 12.65 3.98
C LYS D 41 -46.00 11.51 3.04
N ALA D 42 -44.89 11.65 2.33
CA ALA D 42 -44.41 10.63 1.42
C ALA D 42 -43.09 10.05 1.94
N PRO D 43 -42.87 8.75 1.78
CA PRO D 43 -41.66 8.14 2.32
C PRO D 43 -40.41 8.68 1.66
N LYS D 44 -39.35 8.80 2.44
CA LYS D 44 -38.04 9.17 1.94
C LYS D 44 -37.09 8.00 2.15
N LEU D 45 -36.35 7.65 1.09
CA LEU D 45 -35.46 6.51 1.16
C LEU D 45 -34.27 6.82 2.06
N LEU D 46 -33.99 5.89 2.98
CA LEU D 46 -32.84 6.02 3.86
C LEU D 46 -31.66 5.17 3.41
N ILE D 47 -31.89 3.89 3.13
CA ILE D 47 -30.81 2.96 2.83
C ILE D 47 -31.20 2.09 1.66
N TYR D 48 -30.25 1.81 0.77
CA TYR D 48 -30.43 0.79 -0.26
C TYR D 48 -29.26 -0.18 -0.22
N LYS D 49 -29.48 -1.36 -0.78
CA LYS D 49 -28.53 -2.47 -0.75
C LYS D 49 -28.18 -2.89 0.67
N ALA D 50 -29.06 -2.59 1.62
CA ALA D 50 -29.01 -3.03 3.01
C ALA D 50 -27.89 -2.36 3.79
N SER D 51 -27.01 -1.64 3.10
CA SER D 51 -25.91 -0.97 3.78
C SER D 51 -25.61 0.44 3.30
N THR D 52 -25.98 0.82 2.08
CA THR D 52 -25.58 2.11 1.53
C THR D 52 -26.54 3.20 1.97
N LEU D 53 -25.99 4.39 2.20
CA LEU D 53 -26.75 5.55 2.63
C LEU D 53 -27.08 6.42 1.43
N GLU D 54 -28.35 6.84 1.34
CA GLU D 54 -28.73 7.81 0.33
C GLU D 54 -28.07 9.15 0.61
N SER D 55 -27.69 9.85 -0.45
CA SER D 55 -27.10 11.18 -0.29
C SER D 55 -28.10 12.12 0.36
N GLY D 56 -27.65 12.78 1.43
CA GLY D 56 -28.50 13.64 2.23
C GLY D 56 -29.00 13.00 3.51
N VAL D 57 -28.94 11.69 3.62
CA VAL D 57 -29.32 11.02 4.87
C VAL D 57 -28.20 11.21 5.89
N PRO D 58 -28.52 11.59 7.13
CA PRO D 58 -27.48 11.77 8.14
C PRO D 58 -26.76 10.46 8.43
N SER D 59 -25.49 10.58 8.83
CA SER D 59 -24.66 9.43 9.10
C SER D 59 -25.11 8.63 10.32
N ARG D 60 -26.04 9.18 11.12
CA ARG D 60 -26.53 8.46 12.29
C ARG D 60 -27.29 7.19 11.92
N PHE D 61 -27.81 7.10 10.70
CA PHE D 61 -28.45 5.88 10.24
C PHE D 61 -27.41 4.88 9.76
N SER D 62 -27.60 3.61 10.11
CA SER D 62 -26.69 2.56 9.69
C SER D 62 -27.50 1.31 9.39
N GLY D 63 -27.30 0.77 8.20
CA GLY D 63 -27.99 -0.48 7.85
C GLY D 63 -27.00 -1.60 7.83
N SER D 64 -27.47 -2.79 8.14
CA SER D 64 -26.57 -3.94 8.21
C SER D 64 -27.35 -5.23 8.14
N GLY D 65 -26.90 -6.17 7.33
CA GLY D 65 -27.54 -7.48 7.23
C GLY D 65 -27.33 -8.12 5.88
N SER D 66 -27.64 -9.40 5.77
CA SER D 66 -27.62 -10.07 4.46
C SER D 66 -28.49 -11.33 4.58
N GLY D 67 -28.97 -11.85 3.47
CA GLY D 67 -29.69 -13.12 3.55
C GLY D 67 -31.11 -12.99 4.02
N THR D 68 -31.38 -13.31 5.28
CA THR D 68 -32.77 -13.33 5.74
C THR D 68 -32.99 -12.42 6.92
N ASP D 69 -31.95 -11.95 7.59
CA ASP D 69 -32.09 -11.08 8.79
C ASP D 69 -31.35 -9.76 8.58
N PHE D 70 -32.02 -8.62 8.72
CA PHE D 70 -31.44 -7.27 8.43
C PHE D 70 -31.79 -6.31 9.54
N THR D 71 -31.09 -5.19 9.66
CA THR D 71 -31.28 -4.26 10.79
C THR D 71 -31.00 -2.82 10.45
N LEU D 72 -31.79 -1.89 10.97
CA LEU D 72 -31.56 -0.43 10.81
C LEU D 72 -31.29 0.09 12.21
N THR D 73 -30.14 0.69 12.40
CA THR D 73 -29.77 1.29 13.67
C THR D 73 -29.74 2.80 13.52
N ILE D 74 -30.50 3.49 14.36
CA ILE D 74 -30.50 4.94 14.38
C ILE D 74 -29.75 5.40 15.63
N ASN D 75 -28.45 5.62 15.49
CA ASN D 75 -27.67 6.12 16.62
C ASN D 75 -28.04 7.56 16.92
N SER D 76 -28.16 7.87 18.21
CA SER D 76 -28.47 9.22 18.68
C SER D 76 -29.80 9.72 18.09
N LEU D 77 -30.86 9.07 18.54
CA LEU D 77 -32.21 9.47 18.13
C LEU D 77 -32.43 10.96 18.36
N GLN D 78 -33.05 11.59 17.38
CA GLN D 78 -33.34 13.01 17.38
C GLN D 78 -34.83 13.23 17.15
N PRO D 79 -35.35 14.43 17.47
CA PRO D 79 -36.78 14.67 17.28
C PRO D 79 -37.25 14.45 15.84
N ASP D 80 -36.41 14.75 14.85
CA ASP D 80 -36.76 14.55 13.46
C ASP D 80 -36.64 13.10 13.02
N ASP D 81 -36.38 12.18 13.96
CA ASP D 81 -36.22 10.76 13.67
C ASP D 81 -37.32 9.93 14.33
N PHE D 82 -38.50 10.51 14.48
CA PHE D 82 -39.66 9.80 15.02
C PHE D 82 -40.66 9.64 13.89
N ALA D 83 -40.74 8.44 13.33
CA ALA D 83 -41.60 8.17 12.19
C ALA D 83 -41.83 6.67 12.10
N THR D 84 -42.40 6.24 10.99
CA THR D 84 -42.59 4.82 10.70
C THR D 84 -41.56 4.38 9.67
N TYR D 85 -40.83 3.32 9.99
CA TYR D 85 -39.74 2.83 9.16
C TYR D 85 -40.16 1.55 8.46
N TYR D 86 -39.93 1.48 7.15
CA TYR D 86 -40.36 0.37 6.32
C TYR D 86 -39.16 -0.31 5.68
N CYS D 87 -39.18 -1.64 5.68
CA CYS D 87 -38.23 -2.44 4.93
C CYS D 87 -38.91 -2.91 3.66
N GLN D 88 -38.20 -2.84 2.54
CA GLN D 88 -38.71 -3.25 1.25
C GLN D 88 -37.72 -4.19 0.59
N HIS D 89 -38.23 -5.31 0.09
CA HIS D 89 -37.48 -6.19 -0.79
C HIS D 89 -37.74 -5.78 -2.22
N TYR D 90 -36.70 -5.30 -2.89
CA TYR D 90 -36.79 -4.88 -4.29
C TYR D 90 -35.85 -5.72 -5.12
N ASN D 91 -36.35 -6.24 -6.24
CA ASN D 91 -35.56 -7.03 -7.17
C ASN D 91 -36.10 -6.74 -8.56
N THR D 92 -35.36 -5.92 -9.32
CA THR D 92 -35.75 -5.59 -10.68
C THR D 92 -35.72 -6.83 -11.57
N TYR D 93 -34.66 -7.61 -11.50
CA TYR D 93 -34.71 -8.97 -11.98
C TYR D 93 -35.66 -9.76 -11.09
N SER D 94 -36.43 -10.65 -11.69
CA SER D 94 -37.46 -11.46 -11.04
C SER D 94 -38.68 -10.64 -10.63
N ARG D 95 -38.66 -9.32 -10.79
CA ARG D 95 -39.82 -8.45 -10.63
C ARG D 95 -40.52 -8.68 -9.28
N ALA D 96 -39.82 -8.36 -8.20
CA ALA D 96 -40.35 -8.59 -6.87
C ALA D 96 -40.16 -7.34 -6.01
N TRP D 97 -41.25 -6.65 -5.71
CA TRP D 97 -41.22 -5.53 -4.78
C TRP D 97 -42.23 -5.78 -3.68
N THR D 98 -41.78 -5.72 -2.44
CA THR D 98 -42.59 -6.08 -1.29
C THR D 98 -42.24 -5.18 -0.12
N PHE D 99 -43.25 -4.69 0.58
CA PHE D 99 -43.07 -3.75 1.67
C PHE D 99 -43.38 -4.42 3.01
N GLY D 100 -42.67 -3.97 4.04
CA GLY D 100 -42.97 -4.42 5.38
C GLY D 100 -44.13 -3.68 6.00
N GLN D 101 -44.60 -4.19 7.13
CA GLN D 101 -45.71 -3.56 7.84
C GLN D 101 -45.30 -2.21 8.40
N GLY D 102 -44.10 -2.11 8.94
CA GLY D 102 -43.59 -0.85 9.43
C GLY D 102 -43.57 -0.80 10.94
N THR D 103 -42.61 -0.06 11.48
CA THR D 103 -42.44 0.11 12.92
C THR D 103 -42.49 1.58 13.27
N LYS D 104 -43.33 1.93 14.24
CA LYS D 104 -43.47 3.30 14.70
C LYS D 104 -42.59 3.51 15.92
N VAL D 105 -41.70 4.48 15.84
CA VAL D 105 -40.86 4.85 16.97
C VAL D 105 -41.46 6.09 17.63
N GLU D 106 -41.55 6.07 18.95
CA GLU D 106 -42.23 7.11 19.70
C GLU D 106 -41.33 7.60 20.82
N VAL D 107 -41.85 8.55 21.60
CA VAL D 107 -41.14 9.06 22.77
C VAL D 107 -42.14 9.33 23.88
N ILE E 1 8.31 -43.52 8.69
CA ILE E 1 9.06 -42.32 8.36
C ILE E 1 10.33 -42.26 9.21
N GLN E 2 11.42 -41.84 8.59
CA GLN E 2 12.72 -41.78 9.24
C GLN E 2 13.32 -40.41 9.03
N MET E 3 14.00 -39.89 10.05
CA MET E 3 14.58 -38.56 9.99
C MET E 3 16.04 -38.65 10.39
N THR E 4 16.92 -38.08 9.59
CA THR E 4 18.36 -38.26 9.75
C THR E 4 19.04 -36.91 9.85
N HIS E 5 20.19 -36.89 10.52
CA HIS E 5 20.92 -35.67 10.82
C HIS E 5 22.23 -35.62 10.06
N ILE E 6 22.62 -34.41 9.67
CA ILE E 6 23.89 -34.15 8.98
C ILE E 6 24.45 -32.83 9.51
N PRO E 7 25.62 -32.83 10.16
CA PRO E 7 26.44 -33.98 10.57
C PRO E 7 25.98 -34.56 11.88
N VAL E 8 26.44 -35.76 12.25
CA VAL E 8 26.09 -36.34 13.54
C VAL E 8 26.63 -35.48 14.67
N SER E 9 27.86 -35.00 14.54
CA SER E 9 28.47 -34.08 15.49
C SER E 9 29.13 -32.95 14.74
N LEU E 10 29.14 -31.76 15.35
CA LEU E 10 29.65 -30.57 14.68
C LEU E 10 30.24 -29.65 15.74
N SER E 11 31.55 -29.42 15.64
CA SER E 11 32.27 -28.59 16.61
C SER E 11 32.58 -27.24 15.99
N ALA E 12 32.23 -26.17 16.69
CA ALA E 12 32.44 -24.83 16.19
C ALA E 12 32.77 -23.90 17.34
N SER E 13 33.42 -22.79 17.02
CA SER E 13 33.82 -21.80 18.02
C SER E 13 32.70 -20.81 18.28
N VAL E 14 32.85 -20.05 19.36
CA VAL E 14 31.84 -19.08 19.74
C VAL E 14 31.82 -17.94 18.72
N GLY E 15 30.61 -17.52 18.34
CA GLY E 15 30.45 -16.48 17.35
C GLY E 15 30.46 -16.96 15.91
N ASP E 16 30.40 -18.26 15.68
CA ASP E 16 30.45 -18.84 14.34
C ASP E 16 29.08 -19.36 13.95
N ARG E 17 28.70 -19.10 12.70
CA ARG E 17 27.45 -19.62 12.18
C ARG E 17 27.47 -21.14 12.15
N VAL E 18 26.38 -21.76 12.62
CA VAL E 18 26.26 -23.20 12.64
C VAL E 18 25.10 -23.60 11.76
N THR E 19 25.11 -24.86 11.31
CA THR E 19 24.08 -25.35 10.41
C THR E 19 23.92 -26.85 10.61
N ILE E 20 22.71 -27.27 10.99
CA ILE E 20 22.37 -28.67 11.15
C ILE E 20 21.26 -28.99 10.16
N THR E 21 21.43 -30.06 9.38
CA THR E 21 20.48 -30.39 8.34
C THR E 21 19.79 -31.71 8.66
N CYS E 22 18.47 -31.69 8.67
CA CYS E 22 17.67 -32.88 8.92
C CYS E 22 16.94 -33.26 7.64
N ARG E 23 17.10 -34.52 7.23
CA ARG E 23 16.51 -35.03 6.00
C ARG E 23 15.50 -36.12 6.32
N ALA E 24 14.39 -36.13 5.60
CA ALA E 24 13.31 -37.07 5.82
C ALA E 24 13.29 -38.16 4.76
N SER E 25 12.75 -39.32 5.14
CA SER E 25 12.60 -40.41 4.18
C SER E 25 11.46 -40.18 3.20
N GLN E 26 10.50 -39.33 3.56
CA GLN E 26 9.42 -38.93 2.66
C GLN E 26 9.29 -37.42 2.66
N SER E 27 8.24 -36.90 2.04
CA SER E 27 7.96 -35.47 2.07
C SER E 27 7.02 -35.19 3.24
N ILE E 28 7.50 -34.46 4.22
CA ILE E 28 6.73 -34.18 5.42
C ILE E 28 6.31 -32.70 5.49
N SER E 29 6.36 -32.00 4.35
CA SER E 29 5.89 -30.62 4.21
C SER E 29 6.63 -29.76 5.23
N SER E 30 5.93 -28.94 6.00
CA SER E 30 6.55 -28.10 7.02
C SER E 30 6.19 -28.58 8.43
N TRP E 31 6.15 -29.89 8.63
CA TRP E 31 5.81 -30.47 9.92
C TRP E 31 7.07 -30.86 10.68
N LEU E 32 7.90 -29.87 10.99
CA LEU E 32 9.15 -30.07 11.69
C LEU E 32 9.23 -29.20 12.93
N ALA E 33 9.86 -29.75 13.97
CA ALA E 33 10.12 -29.03 15.20
C ALA E 33 11.56 -29.27 15.62
N TRP E 34 12.27 -28.19 15.90
CA TRP E 34 13.64 -28.24 16.39
C TRP E 34 13.63 -28.03 17.90
N TYR E 35 14.20 -29.00 18.62
CA TYR E 35 14.34 -29.00 20.07
C TYR E 35 15.81 -28.95 20.44
N GLN E 36 16.08 -28.43 21.64
CA GLN E 36 17.44 -28.33 22.17
C GLN E 36 17.47 -28.94 23.56
N GLN E 37 18.46 -29.80 23.81
CA GLN E 37 18.61 -30.46 25.10
C GLN E 37 20.05 -30.40 25.56
N LYS E 38 20.27 -29.82 26.71
CA LYS E 38 21.53 -29.85 27.41
C LYS E 38 21.61 -31.10 28.27
N PRO E 39 22.81 -31.58 28.58
CA PRO E 39 22.93 -32.86 29.28
C PRO E 39 22.19 -32.87 30.61
N GLY E 40 21.47 -33.96 30.86
CA GLY E 40 20.73 -34.12 32.09
C GLY E 40 19.62 -33.12 32.31
N LYS E 41 18.88 -32.78 31.26
CA LYS E 41 17.80 -31.81 31.37
C LYS E 41 16.76 -32.11 30.30
N ALA E 42 15.56 -31.57 30.52
CA ALA E 42 14.49 -31.75 29.56
C ALA E 42 14.70 -30.87 28.34
N PRO E 43 14.27 -31.32 27.16
CA PRO E 43 14.45 -30.52 25.96
C PRO E 43 13.58 -29.27 25.99
N LYS E 44 14.05 -28.24 25.31
CA LYS E 44 13.28 -27.03 25.10
C LYS E 44 13.04 -26.84 23.61
N LEU E 45 11.83 -26.45 23.26
CA LEU E 45 11.44 -26.33 21.86
C LEU E 45 11.94 -25.01 21.30
N LEU E 46 12.70 -25.09 20.21
CA LEU E 46 13.24 -23.90 19.56
C LEU E 46 12.37 -23.43 18.40
N ILE E 47 12.00 -24.33 17.51
CA ILE E 47 11.32 -23.94 16.27
C ILE E 47 10.20 -24.92 15.98
N TYR E 48 9.08 -24.41 15.45
CA TYR E 48 8.02 -25.27 14.95
C TYR E 48 7.59 -24.80 13.57
N LYS E 49 7.04 -25.73 12.79
CA LYS E 49 6.66 -25.51 11.40
C LYS E 49 7.85 -25.08 10.54
N ALA E 50 9.06 -25.49 10.97
CA ALA E 50 10.30 -25.38 10.22
C ALA E 50 10.77 -23.94 10.05
N SER E 51 9.95 -22.97 10.45
CA SER E 51 10.36 -21.58 10.37
C SER E 51 10.00 -20.73 11.57
N THR E 52 9.01 -21.11 12.37
CA THR E 52 8.49 -20.24 13.41
C THR E 52 9.24 -20.46 14.72
N LEU E 53 9.54 -19.37 15.41
CA LEU E 53 10.33 -19.38 16.62
C LEU E 53 9.41 -19.36 17.83
N GLU E 54 9.68 -20.24 18.78
CA GLU E 54 8.92 -20.26 20.02
C GLU E 54 9.19 -18.98 20.81
N SER E 55 8.17 -18.51 21.53
CA SER E 55 8.31 -17.28 22.30
C SER E 55 9.40 -17.44 23.35
N GLY E 56 10.30 -16.46 23.41
CA GLY E 56 11.41 -16.46 24.33
C GLY E 56 12.71 -16.98 23.75
N VAL E 57 12.64 -17.71 22.64
CA VAL E 57 13.87 -18.21 22.01
C VAL E 57 14.60 -17.05 21.36
N PRO E 58 15.93 -16.95 21.53
CA PRO E 58 16.65 -15.82 20.93
C PRO E 58 16.57 -15.83 19.42
N SER E 59 16.61 -14.62 18.84
CA SER E 59 16.49 -14.47 17.40
C SER E 59 17.69 -15.03 16.64
N ARG E 60 18.76 -15.38 17.34
CA ARG E 60 19.93 -15.94 16.67
C ARG E 60 19.65 -17.30 16.04
N PHE E 61 18.54 -17.94 16.39
CA PHE E 61 18.13 -19.18 15.76
C PHE E 61 17.31 -18.89 14.51
N SER E 62 17.48 -19.76 13.52
CA SER E 62 16.71 -19.61 12.26
C SER E 62 16.28 -20.99 11.79
N GLY E 63 15.15 -21.06 11.10
CA GLY E 63 14.68 -22.34 10.55
C GLY E 63 14.45 -22.21 9.07
N SER E 64 14.61 -23.29 8.33
CA SER E 64 14.49 -23.20 6.87
C SER E 64 14.22 -24.57 6.27
N GLY E 65 13.42 -24.61 5.22
CA GLY E 65 13.23 -25.87 4.52
C GLY E 65 11.80 -26.28 4.37
N SER E 66 11.58 -27.24 3.49
CA SER E 66 10.24 -27.83 3.33
C SER E 66 10.46 -29.19 2.67
N GLY E 67 9.44 -30.01 2.59
CA GLY E 67 9.57 -31.27 1.87
C GLY E 67 10.43 -32.27 2.58
N THR E 68 11.58 -32.58 2.04
CA THR E 68 12.40 -33.65 2.60
C THR E 68 13.61 -33.10 3.32
N ASP E 69 14.11 -31.93 2.95
CA ASP E 69 15.37 -31.42 3.55
C ASP E 69 15.13 -30.14 4.34
N PHE E 70 15.69 -30.01 5.54
CA PHE E 70 15.45 -28.85 6.45
C PHE E 70 16.74 -28.45 7.14
N THR E 71 16.78 -27.30 7.80
CA THR E 71 18.05 -26.80 8.37
C THR E 71 17.85 -25.85 9.52
N LEU E 72 18.60 -26.02 10.61
CA LEU E 72 18.58 -25.04 11.73
C LEU E 72 19.91 -24.33 11.68
N THR E 73 19.88 -23.03 11.67
CA THR E 73 21.09 -22.21 11.64
C THR E 73 21.17 -21.37 12.91
N ILE E 74 22.29 -21.46 13.60
CA ILE E 74 22.54 -20.62 14.77
C ILE E 74 23.63 -19.62 14.43
N ASN E 75 23.23 -18.45 13.93
CA ASN E 75 24.20 -17.39 13.69
C ASN E 75 24.61 -16.76 15.00
N SER E 76 25.89 -16.37 15.08
CA SER E 76 26.48 -15.80 16.29
C SER E 76 26.34 -16.77 17.46
N LEU E 77 27.03 -17.90 17.33
CA LEU E 77 26.98 -18.94 18.36
C LEU E 77 27.44 -18.35 19.69
N GLN E 78 26.69 -18.67 20.74
CA GLN E 78 26.92 -18.18 22.10
C GLN E 78 27.07 -19.35 23.05
N PRO E 79 27.71 -19.15 24.20
CA PRO E 79 28.07 -20.30 25.05
C PRO E 79 26.88 -21.14 25.50
N ASP E 80 25.69 -20.57 25.61
CA ASP E 80 24.52 -21.33 26.02
C ASP E 80 23.93 -22.16 24.90
N ASP E 81 24.57 -22.18 23.72
CA ASP E 81 24.07 -22.91 22.56
C ASP E 81 24.90 -24.15 22.28
N PHE E 82 25.50 -24.74 23.30
CA PHE E 82 26.28 -25.97 23.16
C PHE E 82 25.46 -27.10 23.78
N ALA E 83 24.71 -27.80 22.95
CA ALA E 83 23.81 -28.83 23.42
C ALA E 83 23.57 -29.82 22.30
N THR E 84 22.57 -30.68 22.47
CA THR E 84 22.16 -31.64 21.46
C THR E 84 20.84 -31.18 20.84
N TYR E 85 20.81 -31.11 19.51
CA TYR E 85 19.67 -30.58 18.79
C TYR E 85 18.93 -31.71 18.07
N TYR E 86 17.61 -31.72 18.22
CA TYR E 86 16.77 -32.78 17.71
C TYR E 86 15.74 -32.24 16.72
N CYS E 87 15.55 -32.94 15.61
CA CYS E 87 14.49 -32.64 14.66
C CYS E 87 13.39 -33.67 14.82
N GLN E 88 12.15 -33.19 14.98
CA GLN E 88 11.00 -34.04 15.18
C GLN E 88 9.97 -33.80 14.09
N HIS E 89 9.52 -34.87 13.46
CA HIS E 89 8.38 -34.83 12.55
C HIS E 89 7.14 -35.09 13.37
N TYR E 90 6.27 -34.08 13.46
CA TYR E 90 5.02 -34.18 14.19
C TYR E 90 3.86 -33.95 13.23
N ASN E 91 2.88 -34.84 13.28
CA ASN E 91 1.68 -34.74 12.47
C ASN E 91 0.54 -35.29 13.31
N THR E 92 -0.26 -34.39 13.90
CA THR E 92 -1.39 -34.82 14.71
C THR E 92 -2.41 -35.57 13.88
N TYR E 93 -2.74 -35.03 12.71
CA TYR E 93 -3.39 -35.84 11.68
C TYR E 93 -2.39 -36.90 11.23
N SER E 94 -2.89 -38.12 11.01
CA SER E 94 -2.08 -39.26 10.60
C SER E 94 -1.21 -39.77 11.75
N ARG E 95 -1.20 -39.05 12.87
CA ARG E 95 -0.63 -39.51 14.13
C ARG E 95 0.79 -40.05 13.95
N ALA E 96 1.70 -39.16 13.57
CA ALA E 96 3.09 -39.54 13.32
C ALA E 96 4.00 -38.60 14.09
N TRP E 97 4.69 -39.11 15.10
CA TRP E 97 5.64 -38.35 15.89
C TRP E 97 6.95 -39.12 15.93
N THR E 98 7.99 -38.53 15.36
CA THR E 98 9.27 -39.20 15.24
C THR E 98 10.39 -38.22 15.51
N PHE E 99 11.41 -38.68 16.24
CA PHE E 99 12.54 -37.85 16.62
C PHE E 99 13.77 -38.23 15.80
N GLY E 100 14.64 -37.25 15.61
CA GLY E 100 15.91 -37.51 14.96
C GLY E 100 16.91 -38.14 15.90
N GLN E 101 18.00 -38.63 15.30
CA GLN E 101 19.06 -39.25 16.10
C GLN E 101 19.74 -38.24 17.00
N GLY E 102 19.97 -37.03 16.50
CA GLY E 102 20.54 -35.97 17.32
C GLY E 102 21.88 -35.47 16.84
N THR E 103 22.16 -34.19 17.05
CA THR E 103 23.43 -33.59 16.70
C THR E 103 24.03 -32.93 17.93
N LYS E 104 25.35 -32.97 18.04
CA LYS E 104 26.07 -32.41 19.19
C LYS E 104 26.94 -31.27 18.73
N VAL E 105 26.84 -30.14 19.42
CA VAL E 105 27.62 -28.96 19.10
C VAL E 105 28.62 -28.76 20.23
N GLU E 106 29.91 -28.93 19.94
CA GLU E 106 30.98 -28.85 20.91
C GLU E 106 31.83 -27.62 20.66
N VAL E 107 32.87 -27.47 21.48
CA VAL E 107 33.79 -26.36 21.35
C VAL E 107 35.02 -26.82 20.58
N ILE F 1 0.30 -13.75 -42.68
CA ILE F 1 -0.02 -12.50 -41.99
C ILE F 1 0.49 -11.32 -42.79
N GLN F 2 -0.41 -10.39 -43.11
CA GLN F 2 -0.07 -9.16 -43.80
C GLN F 2 -0.24 -7.99 -42.85
N MET F 3 0.69 -7.05 -42.90
CA MET F 3 0.65 -5.88 -42.03
C MET F 3 0.63 -4.63 -42.88
N THR F 4 -0.38 -3.79 -42.69
CA THR F 4 -0.63 -2.63 -43.53
C THR F 4 -0.52 -1.34 -42.73
N HIS F 5 -0.15 -0.27 -43.42
CA HIS F 5 0.14 1.01 -42.79
C HIS F 5 -0.91 2.04 -43.17
N ILE F 6 -1.25 2.89 -42.21
CA ILE F 6 -2.18 4.00 -42.42
C ILE F 6 -1.59 5.25 -41.76
N PRO F 7 -1.29 6.30 -42.53
CA PRO F 7 -1.31 6.37 -44.00
C PRO F 7 0.03 5.97 -44.59
N VAL F 8 0.10 5.77 -45.90
CA VAL F 8 1.36 5.38 -46.53
C VAL F 8 2.41 6.47 -46.35
N SER F 9 2.03 7.72 -46.57
CA SER F 9 2.91 8.86 -46.39
C SER F 9 2.18 9.94 -45.62
N LEU F 10 2.95 10.79 -44.94
CA LEU F 10 2.36 11.79 -44.05
C LEU F 10 3.25 13.02 -44.04
N SER F 11 2.63 14.19 -43.92
CA SER F 11 3.32 15.45 -43.79
C SER F 11 2.92 16.12 -42.48
N ALA F 12 3.90 16.51 -41.68
CA ALA F 12 3.64 17.16 -40.42
C ALA F 12 4.79 18.09 -40.08
N SER F 13 4.49 19.07 -39.21
CA SER F 13 5.45 20.09 -38.84
C SER F 13 6.10 19.76 -37.50
N VAL F 14 7.15 20.51 -37.19
CA VAL F 14 7.88 20.31 -35.94
C VAL F 14 7.02 20.75 -34.76
N GLY F 15 7.04 19.99 -33.68
CA GLY F 15 6.23 20.27 -32.52
C GLY F 15 4.81 19.76 -32.61
N ASP F 16 4.49 18.98 -33.62
CA ASP F 16 3.14 18.46 -33.83
C ASP F 16 3.09 16.99 -33.47
N ARG F 17 2.12 16.62 -32.64
CA ARG F 17 1.90 15.21 -32.32
C ARG F 17 1.40 14.48 -33.56
N VAL F 18 1.95 13.29 -33.80
CA VAL F 18 1.65 12.51 -34.99
C VAL F 18 1.26 11.10 -34.58
N THR F 19 0.64 10.38 -35.51
CA THR F 19 0.11 9.06 -35.23
C THR F 19 0.14 8.21 -36.50
N ILE F 20 0.78 7.05 -36.41
CA ILE F 20 0.88 6.09 -37.50
C ILE F 20 0.23 4.79 -37.03
N THR F 21 -0.72 4.29 -37.81
CA THR F 21 -1.45 3.09 -37.43
C THR F 21 -1.03 1.92 -38.31
N CYS F 22 -0.87 0.74 -37.71
CA CYS F 22 -0.55 -0.46 -38.45
C CYS F 22 -1.60 -1.51 -38.09
N ARG F 23 -2.16 -2.14 -39.12
CA ARG F 23 -3.22 -3.12 -38.96
C ARG F 23 -2.75 -4.48 -39.44
N ALA F 24 -3.22 -5.52 -38.77
CA ALA F 24 -2.80 -6.89 -39.04
C ALA F 24 -3.95 -7.69 -39.63
N SER F 25 -3.60 -8.65 -40.49
CA SER F 25 -4.61 -9.51 -41.12
C SER F 25 -5.33 -10.35 -40.08
N GLN F 26 -4.60 -10.91 -39.12
CA GLN F 26 -5.17 -11.69 -38.03
C GLN F 26 -4.77 -11.06 -36.71
N SER F 27 -5.10 -11.74 -35.62
CA SER F 27 -4.74 -11.28 -34.28
C SER F 27 -3.34 -11.74 -33.94
N ILE F 28 -2.48 -10.80 -33.59
CA ILE F 28 -1.08 -11.10 -33.26
C ILE F 28 -0.72 -10.61 -31.86
N SER F 29 -1.72 -10.51 -30.98
CA SER F 29 -1.52 -10.12 -29.59
C SER F 29 -0.72 -8.82 -29.47
N SER F 30 0.43 -8.89 -28.80
CA SER F 30 1.31 -7.77 -28.62
C SER F 30 2.67 -8.04 -29.23
N TRP F 31 2.69 -8.71 -30.38
CA TRP F 31 3.92 -9.06 -31.06
C TRP F 31 4.23 -8.06 -32.17
N LEU F 32 4.44 -6.81 -31.78
CA LEU F 32 4.76 -5.75 -32.72
C LEU F 32 6.03 -5.03 -32.31
N ALA F 33 6.84 -4.71 -33.31
CA ALA F 33 8.06 -3.92 -33.12
C ALA F 33 8.04 -2.75 -34.09
N TRP F 34 8.26 -1.56 -33.57
CA TRP F 34 8.29 -0.33 -34.35
C TRP F 34 9.74 0.07 -34.56
N TYR F 35 10.14 0.20 -35.83
CA TYR F 35 11.47 0.57 -36.27
C TYR F 35 11.44 1.91 -37.01
N GLN F 36 12.57 2.60 -37.00
CA GLN F 36 12.76 3.87 -37.69
C GLN F 36 13.98 3.79 -38.56
N GLN F 37 13.88 4.29 -39.79
CA GLN F 37 14.98 4.24 -40.75
C GLN F 37 15.08 5.56 -41.47
N LYS F 38 16.19 6.18 -41.37
CA LYS F 38 16.59 7.37 -42.12
C LYS F 38 17.28 6.94 -43.41
N PRO F 39 17.23 7.76 -44.46
CA PRO F 39 17.70 7.31 -45.77
C PRO F 39 19.14 6.84 -45.75
N GLY F 40 19.38 5.71 -46.43
CA GLY F 40 20.72 5.15 -46.51
C GLY F 40 21.33 4.78 -45.19
N LYS F 41 20.56 4.14 -44.32
CA LYS F 41 21.06 3.74 -43.01
C LYS F 41 20.28 2.53 -42.52
N ALA F 42 20.87 1.83 -41.57
CA ALA F 42 20.21 0.67 -40.99
C ALA F 42 19.10 1.13 -40.04
N PRO F 43 18.02 0.37 -39.94
CA PRO F 43 16.93 0.77 -39.05
C PRO F 43 17.34 0.68 -37.60
N LYS F 44 16.73 1.54 -36.79
CA LYS F 44 16.91 1.52 -35.34
C LYS F 44 15.57 1.16 -34.69
N LEU F 45 15.62 0.25 -33.72
CA LEU F 45 14.41 -0.24 -33.09
C LEU F 45 13.92 0.74 -32.04
N LEU F 46 12.66 1.15 -32.16
CA LEU F 46 12.05 2.07 -31.22
C LEU F 46 11.24 1.35 -30.15
N ILE F 47 10.32 0.48 -30.55
CA ILE F 47 9.35 -0.10 -29.62
C ILE F 47 9.29 -1.61 -29.84
N TYR F 48 9.21 -2.36 -28.75
CA TYR F 48 8.91 -3.78 -28.82
C TYR F 48 7.75 -4.11 -27.88
N LYS F 49 7.07 -5.22 -28.18
CA LYS F 49 5.86 -5.64 -27.48
C LYS F 49 4.76 -4.58 -27.53
N ALA F 50 4.82 -3.74 -28.58
CA ALA F 50 3.77 -2.78 -28.93
C ALA F 50 3.62 -1.66 -27.92
N SER F 51 4.32 -1.74 -26.80
CA SER F 51 4.27 -0.68 -25.79
C SER F 51 5.60 -0.31 -25.17
N THR F 52 6.61 -1.18 -25.19
CA THR F 52 7.82 -0.98 -24.42
C THR F 52 8.84 -0.18 -25.22
N LEU F 53 9.35 0.89 -24.62
CA LEU F 53 10.40 1.68 -25.24
C LEU F 53 11.73 0.95 -25.13
N GLU F 54 12.46 0.90 -26.24
CA GLU F 54 13.81 0.37 -26.20
C GLU F 54 14.72 1.33 -25.45
N SER F 55 15.68 0.77 -24.72
CA SER F 55 16.59 1.59 -23.94
C SER F 55 17.38 2.53 -24.85
N GLY F 56 17.35 3.82 -24.53
CA GLY F 56 18.07 4.82 -25.27
C GLY F 56 17.22 5.67 -26.19
N VAL F 57 15.99 5.26 -26.48
CA VAL F 57 15.13 6.03 -27.38
C VAL F 57 14.49 7.16 -26.60
N PRO F 58 14.11 8.27 -27.25
CA PRO F 58 13.47 9.37 -26.53
C PRO F 58 12.11 8.98 -26.00
N SER F 59 11.71 9.63 -24.90
CA SER F 59 10.44 9.32 -24.25
C SER F 59 9.25 9.80 -25.04
N ARG F 60 9.45 10.58 -26.10
CA ARG F 60 8.32 11.11 -26.86
C ARG F 60 7.61 10.00 -27.64
N PHE F 61 8.31 8.93 -28.00
CA PHE F 61 7.68 7.84 -28.73
C PHE F 61 6.75 7.08 -27.81
N SER F 62 5.53 6.80 -28.28
CA SER F 62 4.56 6.07 -27.49
C SER F 62 3.91 5.02 -28.36
N GLY F 63 3.98 3.76 -27.94
CA GLY F 63 3.36 2.66 -28.64
C GLY F 63 2.11 2.21 -27.89
N SER F 64 1.09 1.82 -28.64
CA SER F 64 -0.13 1.32 -28.04
C SER F 64 -0.81 0.41 -29.04
N GLY F 65 -1.82 -0.30 -28.57
CA GLY F 65 -2.63 -1.16 -29.41
C GLY F 65 -2.50 -2.63 -29.03
N SER F 66 -3.33 -3.43 -29.68
CA SER F 66 -3.39 -4.86 -29.39
C SER F 66 -4.29 -5.54 -30.41
N GLY F 67 -3.93 -6.76 -30.75
CA GLY F 67 -4.78 -7.54 -31.63
C GLY F 67 -4.53 -7.24 -33.09
N THR F 68 -5.40 -6.43 -33.68
CA THR F 68 -5.29 -6.01 -35.07
C THR F 68 -4.77 -4.59 -35.22
N ASP F 69 -5.22 -3.67 -34.37
CA ASP F 69 -4.88 -2.26 -34.50
C ASP F 69 -3.73 -1.91 -33.57
N PHE F 70 -2.72 -1.22 -34.12
CA PHE F 70 -1.59 -0.73 -33.34
C PHE F 70 -1.30 0.70 -33.76
N THR F 71 -0.75 1.49 -32.84
CA THR F 71 -0.55 2.90 -33.04
C THR F 71 0.78 3.34 -32.46
N LEU F 72 1.58 4.04 -33.25
CA LEU F 72 2.82 4.66 -32.80
C LEU F 72 2.67 6.16 -32.92
N THR F 73 2.92 6.86 -31.81
CA THR F 73 2.79 8.31 -31.75
C THR F 73 4.14 8.93 -31.49
N ILE F 74 4.54 9.85 -32.34
CA ILE F 74 5.72 10.69 -32.11
C ILE F 74 5.18 12.01 -31.60
N ASN F 75 5.05 12.11 -30.28
CA ASN F 75 4.58 13.34 -29.67
C ASN F 75 5.71 14.38 -29.69
N SER F 76 5.35 15.63 -30.01
CA SER F 76 6.31 16.73 -30.09
C SER F 76 7.41 16.40 -31.10
N LEU F 77 6.98 16.33 -32.37
CA LEU F 77 7.90 16.03 -33.47
C LEU F 77 9.10 16.96 -33.44
N GLN F 78 10.27 16.40 -33.73
CA GLN F 78 11.54 17.08 -33.71
C GLN F 78 12.29 16.78 -35.01
N PRO F 79 13.29 17.58 -35.37
CA PRO F 79 13.94 17.40 -36.67
C PRO F 79 14.51 16.01 -36.89
N ASP F 80 15.03 15.36 -35.84
CA ASP F 80 15.60 14.03 -35.99
C ASP F 80 14.54 12.96 -36.21
N ASP F 81 13.25 13.29 -36.07
CA ASP F 81 12.17 12.33 -36.15
C ASP F 81 11.50 12.31 -37.52
N PHE F 82 12.23 12.66 -38.58
CA PHE F 82 11.71 12.63 -39.94
C PHE F 82 12.39 11.46 -40.64
N ALA F 83 11.69 10.34 -40.73
CA ALA F 83 12.25 9.14 -41.33
C ALA F 83 11.09 8.25 -41.81
N THR F 84 11.40 6.99 -42.08
CA THR F 84 10.41 5.99 -42.44
C THR F 84 10.20 5.05 -41.28
N TYR F 85 8.95 4.82 -40.92
CA TYR F 85 8.61 4.04 -39.74
C TYR F 85 7.97 2.73 -40.17
N TYR F 86 8.51 1.61 -39.68
CA TYR F 86 8.07 0.28 -40.05
C TYR F 86 7.47 -0.44 -38.85
N CYS F 87 6.38 -1.15 -39.08
CA CYS F 87 5.81 -2.04 -38.08
C CYS F 87 6.15 -3.47 -38.49
N GLN F 88 6.61 -4.26 -37.53
CA GLN F 88 6.97 -5.65 -37.78
C GLN F 88 6.24 -6.56 -36.83
N HIS F 89 5.68 -7.64 -37.35
CA HIS F 89 5.14 -8.73 -36.55
C HIS F 89 6.24 -9.77 -36.38
N TYR F 90 6.70 -9.95 -35.15
CA TYR F 90 7.71 -10.93 -34.83
C TYR F 90 7.16 -11.94 -33.84
N ASN F 91 7.31 -13.22 -34.18
CA ASN F 91 6.87 -14.32 -33.32
C ASN F 91 7.90 -15.42 -33.46
N THR F 92 8.77 -15.56 -32.46
CA THR F 92 9.79 -16.60 -32.50
C THR F 92 9.15 -17.98 -32.48
N TYR F 93 8.21 -18.19 -31.57
CA TYR F 93 7.31 -19.33 -31.70
C TYR F 93 6.48 -19.13 -32.95
N SER F 94 6.26 -20.21 -33.68
CA SER F 94 5.52 -20.21 -34.95
C SER F 94 6.34 -19.56 -36.07
N ARG F 95 7.47 -18.97 -35.71
CA ARG F 95 8.49 -18.53 -36.67
C ARG F 95 7.90 -17.63 -37.77
N ALA F 96 7.39 -16.48 -37.35
CA ALA F 96 6.75 -15.54 -38.27
C ALA F 96 7.34 -14.15 -38.07
N TRP F 97 8.11 -13.69 -39.03
CA TRP F 97 8.65 -12.33 -39.02
C TRP F 97 8.23 -11.64 -40.30
N THR F 98 7.52 -10.53 -40.16
CA THR F 98 6.93 -9.84 -41.30
C THR F 98 7.03 -8.35 -41.08
N PHE F 99 7.43 -7.62 -42.12
CA PHE F 99 7.61 -6.18 -42.05
C PHE F 99 6.48 -5.47 -42.78
N GLY F 100 6.15 -4.27 -42.30
CA GLY F 100 5.18 -3.44 -42.98
C GLY F 100 5.78 -2.74 -44.17
N GLN F 101 4.89 -2.14 -44.97
CA GLN F 101 5.33 -1.46 -46.18
C GLN F 101 6.14 -0.21 -45.84
N GLY F 102 5.73 0.53 -44.83
CA GLY F 102 6.44 1.72 -44.43
C GLY F 102 5.58 2.96 -44.35
N THR F 103 6.02 3.95 -43.56
CA THR F 103 5.32 5.21 -43.42
C THR F 103 6.36 6.33 -43.36
N LYS F 104 6.34 7.22 -44.34
CA LYS F 104 7.32 8.29 -44.44
C LYS F 104 6.70 9.57 -43.93
N VAL F 105 7.35 10.19 -42.95
CA VAL F 105 6.91 11.47 -42.40
C VAL F 105 7.77 12.57 -43.00
N GLU F 106 7.13 13.60 -43.53
CA GLU F 106 7.80 14.71 -44.19
C GLU F 106 7.48 15.99 -43.42
N VAL F 107 7.85 17.12 -44.00
CA VAL F 107 7.70 18.43 -43.38
C VAL F 107 6.74 19.28 -44.21
N ASP G 1 -35.52 -33.05 -31.68
CA ASP G 1 -35.71 -31.96 -30.72
C ASP G 1 -34.41 -31.68 -29.98
N THR G 2 -33.97 -30.42 -30.02
CA THR G 2 -32.72 -30.01 -29.43
C THR G 2 -32.95 -28.94 -28.37
N ILE G 3 -32.08 -28.92 -27.37
CA ILE G 3 -32.04 -27.87 -26.37
C ILE G 3 -30.59 -27.44 -26.21
N CYS G 4 -30.26 -26.22 -26.59
CA CYS G 4 -28.88 -25.75 -26.59
C CYS G 4 -28.63 -24.76 -25.47
N ILE G 5 -27.51 -24.94 -24.79
CA ILE G 5 -27.07 -24.08 -23.70
C ILE G 5 -26.09 -23.06 -24.25
N GLY G 6 -26.34 -21.79 -23.99
CA GLY G 6 -25.48 -20.75 -24.51
C GLY G 6 -25.52 -19.51 -23.66
N TYR G 7 -24.84 -18.45 -24.10
CA TYR G 7 -24.73 -17.25 -23.30
C TYR G 7 -25.17 -16.04 -24.12
N HIS G 8 -25.05 -14.87 -23.51
CA HIS G 8 -25.56 -13.61 -24.01
C HIS G 8 -24.54 -12.91 -24.88
N ALA G 9 -25.04 -12.15 -25.87
CA ALA G 9 -24.19 -11.31 -26.70
C ALA G 9 -25.01 -10.10 -27.13
N ASN G 10 -24.37 -8.92 -27.15
CA ASN G 10 -25.06 -7.70 -27.52
C ASN G 10 -24.13 -6.85 -28.39
N ASN G 11 -24.50 -5.58 -28.56
CA ASN G 11 -23.77 -4.65 -29.40
C ASN G 11 -22.95 -3.66 -28.57
N SER G 12 -22.37 -4.11 -27.48
CA SER G 12 -21.58 -3.25 -26.63
C SER G 12 -20.18 -3.08 -27.20
N THR G 13 -19.64 -1.87 -27.07
CA THR G 13 -18.26 -1.57 -27.42
C THR G 13 -17.39 -1.34 -26.20
N ASP G 14 -17.87 -1.77 -25.03
CA ASP G 14 -17.10 -1.59 -23.80
C ASP G 14 -15.93 -2.56 -23.77
N THR G 15 -14.75 -2.05 -23.44
CA THR G 15 -13.52 -2.84 -23.41
C THR G 15 -12.92 -2.76 -22.02
N VAL G 16 -12.40 -3.89 -21.55
CA VAL G 16 -11.75 -3.98 -20.26
C VAL G 16 -10.39 -4.66 -20.45
N ASP G 17 -9.54 -4.50 -19.45
CA ASP G 17 -8.22 -5.10 -19.45
C ASP G 17 -8.17 -6.21 -18.41
N THR G 18 -7.63 -7.36 -18.81
CA THR G 18 -7.41 -8.49 -17.93
C THR G 18 -5.93 -8.80 -17.86
N VAL G 19 -5.57 -9.74 -16.99
CA VAL G 19 -4.17 -10.14 -16.88
C VAL G 19 -3.74 -10.91 -18.10
N LEU G 20 -4.61 -11.79 -18.61
CA LEU G 20 -4.24 -12.65 -19.72
C LEU G 20 -4.40 -11.95 -21.07
N GLU G 21 -5.34 -11.02 -21.18
CA GLU G 21 -5.63 -10.35 -22.43
C GLU G 21 -5.85 -8.87 -22.21
N LYS G 22 -5.62 -8.07 -23.25
CA LYS G 22 -5.89 -6.65 -23.24
C LYS G 22 -7.01 -6.33 -24.23
N ASN G 23 -7.81 -5.33 -23.88
CA ASN G 23 -8.88 -4.83 -24.74
C ASN G 23 -9.88 -5.93 -25.07
N VAL G 24 -10.55 -6.43 -24.03
CA VAL G 24 -11.56 -7.48 -24.16
C VAL G 24 -12.92 -6.82 -24.19
N THR G 25 -13.65 -7.00 -25.28
CA THR G 25 -15.01 -6.47 -25.37
C THR G 25 -15.93 -7.27 -24.47
N VAL G 26 -16.75 -6.56 -23.69
CA VAL G 26 -17.58 -7.19 -22.68
C VAL G 26 -19.02 -6.73 -22.85
N THR G 27 -19.94 -7.56 -22.37
CA THR G 27 -21.36 -7.26 -22.49
C THR G 27 -21.75 -6.10 -21.58
N HIS G 28 -21.34 -6.15 -20.32
CA HIS G 28 -21.65 -5.11 -19.34
C HIS G 28 -20.41 -4.75 -18.56
N SER G 29 -20.31 -3.48 -18.18
CA SER G 29 -19.14 -2.99 -17.46
C SER G 29 -19.55 -1.81 -16.59
N VAL G 30 -18.69 -1.50 -15.62
CA VAL G 30 -18.92 -0.43 -14.66
C VAL G 30 -17.68 0.45 -14.60
N ASN G 31 -17.86 1.76 -14.75
CA ASN G 31 -16.76 2.71 -14.67
C ASN G 31 -16.55 3.11 -13.22
N LEU G 32 -15.33 2.95 -12.73
CA LEU G 32 -14.97 3.31 -11.36
C LEU G 32 -14.21 4.62 -11.28
N LEU G 33 -14.01 5.31 -12.41
CA LEU G 33 -13.19 6.51 -12.46
C LEU G 33 -14.06 7.71 -12.83
N GLU G 34 -13.92 8.78 -12.07
CA GLU G 34 -14.63 10.03 -12.34
C GLU G 34 -13.68 10.98 -13.06
N ASP G 35 -14.04 11.36 -14.28
CA ASP G 35 -13.20 12.22 -15.10
C ASP G 35 -13.81 13.58 -15.39
N SER G 36 -15.11 13.74 -15.21
CA SER G 36 -15.80 14.98 -15.54
C SER G 36 -16.02 15.81 -14.28
N HIS G 37 -16.28 17.10 -14.50
CA HIS G 37 -16.52 18.03 -13.41
C HIS G 37 -17.36 19.20 -13.92
N ASN G 38 -17.89 19.97 -12.97
CA ASN G 38 -18.73 21.12 -13.31
C ASN G 38 -17.96 22.16 -14.10
N GLY G 39 -16.74 22.45 -13.67
CA GLY G 39 -16.01 23.60 -14.16
C GLY G 39 -16.25 24.87 -13.39
N LYS G 40 -17.13 24.85 -12.41
CA LYS G 40 -17.48 26.02 -11.62
C LYS G 40 -17.22 25.77 -10.15
N LEU G 41 -16.99 26.84 -9.40
CA LEU G 41 -16.83 26.76 -7.96
C LEU G 41 -18.21 26.78 -7.33
N CYS G 42 -18.60 25.67 -6.72
CA CYS G 42 -19.94 25.51 -6.16
C CYS G 42 -19.90 25.74 -4.65
N ARG G 43 -21.09 25.69 -4.06
CA ARG G 43 -21.19 25.72 -2.61
C ARG G 43 -20.89 24.34 -2.04
N LEU G 44 -20.68 24.30 -0.72
CA LEU G 44 -20.30 23.08 -0.03
C LEU G 44 -21.05 23.04 1.29
N LYS G 45 -21.89 22.02 1.46
CA LYS G 45 -22.71 21.86 2.66
C LYS G 45 -23.58 23.08 2.92
N GLY G 46 -23.93 23.80 1.86
CA GLY G 46 -24.74 25.01 1.96
C GLY G 46 -23.98 26.31 2.07
N ILE G 47 -22.90 26.33 2.86
CA ILE G 47 -22.16 27.56 3.09
C ILE G 47 -21.37 27.92 1.83
N ALA G 48 -21.48 29.17 1.40
CA ALA G 48 -20.77 29.64 0.23
C ALA G 48 -19.28 29.83 0.53
N PRO G 49 -18.42 29.73 -0.48
CA PRO G 49 -17.00 29.91 -0.25
C PRO G 49 -16.60 31.37 -0.05
N LEU G 50 -15.30 31.63 0.04
CA LEU G 50 -14.78 32.98 0.27
C LEU G 50 -13.71 33.27 -0.78
N GLN G 51 -14.11 33.89 -1.88
CA GLN G 51 -13.16 34.26 -2.92
C GLN G 51 -12.53 35.60 -2.56
N LEU G 52 -11.21 35.60 -2.38
CA LEU G 52 -10.53 36.79 -1.92
C LEU G 52 -10.37 37.83 -3.02
N GLY G 53 -10.51 37.43 -4.27
CA GLY G 53 -10.38 38.37 -5.37
C GLY G 53 -8.96 38.46 -5.85
N ASN G 54 -8.42 39.68 -5.85
CA ASN G 54 -7.03 39.91 -6.22
C ASN G 54 -6.10 39.97 -5.02
N CYS G 55 -6.63 39.98 -3.80
CA CYS G 55 -5.81 40.11 -2.61
C CYS G 55 -5.64 38.77 -1.91
N SER G 56 -4.48 38.60 -1.28
CA SER G 56 -4.08 37.33 -0.71
C SER G 56 -4.57 37.21 0.73
N VAL G 57 -4.15 36.14 1.41
CA VAL G 57 -4.52 35.94 2.80
C VAL G 57 -3.89 37.01 3.69
N ALA G 58 -2.69 37.46 3.36
CA ALA G 58 -2.09 38.57 4.09
C ALA G 58 -2.91 39.83 3.94
N GLY G 59 -3.34 40.15 2.73
CA GLY G 59 -4.18 41.31 2.53
C GLY G 59 -5.55 41.16 3.18
N TRP G 60 -6.11 39.96 3.13
CA TRP G 60 -7.40 39.71 3.74
C TRP G 60 -7.34 39.86 5.25
N ILE G 61 -6.26 39.37 5.87
CA ILE G 61 -6.17 39.36 7.33
C ILE G 61 -5.63 40.66 7.88
N LEU G 62 -4.88 41.42 7.10
CA LEU G 62 -4.44 42.74 7.52
C LEU G 62 -5.40 43.85 7.13
N GLY G 63 -6.42 43.54 6.33
CA GLY G 63 -7.35 44.56 5.90
C GLY G 63 -6.77 45.49 4.86
N ASN G 64 -6.47 44.95 3.68
CA ASN G 64 -5.93 45.78 2.61
C ASN G 64 -6.95 46.84 2.24
N PRO G 65 -6.54 48.09 2.02
CA PRO G 65 -7.51 49.14 1.71
C PRO G 65 -8.24 48.90 0.40
N GLU G 66 -7.69 48.05 -0.47
CA GLU G 66 -8.23 47.86 -1.81
C GLU G 66 -9.05 46.58 -1.95
N CYS G 67 -9.38 45.91 -0.84
CA CYS G 67 -10.39 44.86 -0.90
C CYS G 67 -11.12 44.84 0.45
N GLU G 68 -12.21 45.59 0.52
CA GLU G 68 -13.04 45.65 1.72
C GLU G 68 -14.26 44.76 1.64
N LEU G 69 -14.59 44.23 0.47
CA LEU G 69 -15.77 43.39 0.32
C LEU G 69 -15.67 42.09 1.08
N LEU G 70 -14.46 41.69 1.48
CA LEU G 70 -14.29 40.48 2.25
C LEU G 70 -14.57 40.66 3.74
N ILE G 71 -14.72 41.91 4.20
CA ILE G 71 -14.99 42.15 5.61
C ILE G 71 -16.35 41.59 6.00
N SER G 72 -17.35 41.77 5.15
CA SER G 72 -18.70 41.33 5.49
C SER G 72 -18.77 39.82 5.67
N ARG G 73 -18.10 39.06 4.80
CA ARG G 73 -18.16 37.61 4.89
C ARG G 73 -17.42 37.12 6.13
N GLU G 74 -18.11 36.33 6.94
CA GLU G 74 -17.54 35.83 8.19
C GLU G 74 -17.82 34.34 8.40
N SER G 75 -18.09 33.59 7.35
CA SER G 75 -18.32 32.15 7.44
C SER G 75 -18.22 31.56 6.05
N TRP G 76 -17.41 30.50 5.91
CA TRP G 76 -17.12 29.97 4.59
C TRP G 76 -17.01 28.45 4.68
N SER G 77 -17.06 27.81 3.52
CA SER G 77 -16.77 26.40 3.40
C SER G 77 -15.32 26.14 3.00
N TYR G 78 -14.75 27.00 2.17
CA TYR G 78 -13.36 26.94 1.80
C TYR G 78 -12.94 28.31 1.28
N ILE G 79 -11.65 28.50 1.08
CA ILE G 79 -11.08 29.77 0.64
C ILE G 79 -10.46 29.58 -0.73
N VAL G 80 -10.73 30.53 -1.62
CA VAL G 80 -10.19 30.53 -2.98
C VAL G 80 -9.25 31.71 -3.13
N GLU G 81 -8.03 31.44 -3.54
CA GLU G 81 -7.01 32.45 -3.73
C GLU G 81 -6.46 32.34 -5.14
N LYS G 82 -6.04 33.47 -5.68
CA LYS G 82 -5.43 33.45 -6.99
C LYS G 82 -4.07 32.77 -6.91
N PRO G 83 -3.63 32.12 -8.00
CA PRO G 83 -2.29 31.49 -7.97
C PRO G 83 -1.18 32.48 -7.68
N ASN G 84 -1.28 33.72 -8.18
CA ASN G 84 -0.29 34.77 -7.92
C ASN G 84 -1.04 36.03 -7.52
N PRO G 85 -1.55 36.08 -6.28
CA PRO G 85 -2.27 37.28 -5.84
C PRO G 85 -1.35 38.50 -5.80
N GLU G 86 -1.91 39.65 -6.18
CA GLU G 86 -1.15 40.87 -6.35
C GLU G 86 -1.43 41.94 -5.31
N ASN G 87 -2.61 41.93 -4.70
CA ASN G 87 -3.01 42.95 -3.75
C ASN G 87 -2.73 42.52 -2.30
N GLY G 88 -1.50 42.12 -2.02
CA GLY G 88 -1.15 41.64 -0.69
C GLY G 88 -0.78 42.74 0.28
N THR G 89 0.33 42.57 0.99
CA THR G 89 0.81 43.57 1.94
C THR G 89 1.26 44.81 1.19
N CYS G 90 0.47 45.89 1.27
CA CYS G 90 0.78 47.09 0.49
C CYS G 90 2.11 47.70 0.92
N TYR G 91 2.32 47.85 2.21
CA TYR G 91 3.61 48.33 2.70
C TYR G 91 4.61 47.18 2.71
N PRO G 92 5.76 47.33 2.05
CA PRO G 92 6.69 46.20 1.96
C PRO G 92 7.21 45.77 3.31
N GLY G 93 7.45 44.47 3.45
CA GLY G 93 7.93 43.93 4.70
C GLY G 93 7.79 42.43 4.73
N HIS G 94 8.15 41.87 5.87
CA HIS G 94 8.14 40.43 6.08
C HIS G 94 6.98 40.04 6.99
N PHE G 95 6.15 39.13 6.52
CA PHE G 95 5.07 38.57 7.32
C PHE G 95 5.60 37.32 8.00
N ALA G 96 5.85 37.41 9.30
CA ALA G 96 6.45 36.31 10.03
C ALA G 96 5.47 35.15 10.16
N ASP G 97 5.99 33.93 9.94
CA ASP G 97 5.21 32.70 10.08
C ASP G 97 3.96 32.74 9.22
N TYR G 98 4.13 33.17 7.97
CA TYR G 98 2.99 33.34 7.08
C TYR G 98 2.33 32.00 6.76
N GLU G 99 3.13 30.97 6.49
CA GLU G 99 2.57 29.66 6.17
C GLU G 99 1.90 29.03 7.39
N GLU G 100 2.42 29.29 8.59
CA GLU G 100 1.74 28.83 9.79
C GLU G 100 0.37 29.48 9.93
N LEU G 101 0.30 30.78 9.62
CA LEU G 101 -0.99 31.47 9.65
C LEU G 101 -1.95 30.90 8.62
N ARG G 102 -1.45 30.59 7.42
CA ARG G 102 -2.29 29.99 6.41
C ARG G 102 -2.81 28.63 6.87
N GLU G 103 -1.97 27.84 7.53
CA GLU G 103 -2.42 26.56 8.05
C GLU G 103 -3.48 26.75 9.14
N GLN G 104 -3.28 27.73 10.03
CA GLN G 104 -4.26 27.97 11.08
C GLN G 104 -5.59 28.41 10.51
N LEU G 105 -5.56 29.28 9.50
CA LEU G 105 -6.79 29.75 8.88
C LEU G 105 -7.42 28.73 7.95
N SER G 106 -6.66 27.69 7.56
CA SER G 106 -7.24 26.62 6.77
C SER G 106 -8.18 25.73 7.55
N SER G 107 -8.24 25.88 8.87
CA SER G 107 -9.10 25.05 9.70
C SER G 107 -10.12 25.85 10.50
N VAL G 108 -10.22 27.16 10.27
CA VAL G 108 -11.21 27.98 10.94
C VAL G 108 -12.39 28.18 10.00
N SER G 109 -13.60 27.90 10.50
CA SER G 109 -14.78 27.96 9.67
C SER G 109 -15.45 29.32 9.70
N SER G 110 -15.21 30.11 10.73
CA SER G 110 -15.80 31.44 10.88
C SER G 110 -15.12 32.14 12.04
N PHE G 111 -14.86 33.44 11.89
CA PHE G 111 -14.39 34.24 13.00
C PHE G 111 -15.24 35.50 13.13
N GLU G 112 -15.10 36.16 14.27
CA GLU G 112 -15.75 37.43 14.56
C GLU G 112 -14.70 38.51 14.71
N ARG G 113 -14.86 39.58 13.96
CA ARG G 113 -13.94 40.72 14.01
C ARG G 113 -14.39 41.66 15.12
N PHE G 114 -13.50 41.94 16.07
CA PHE G 114 -13.78 42.86 17.16
C PHE G 114 -12.61 43.80 17.36
N GLU G 115 -12.91 44.98 17.89
CA GLU G 115 -11.90 46.03 18.09
C GLU G 115 -11.14 45.75 19.38
N ILE G 116 -9.94 45.18 19.24
CA ILE G 116 -9.13 44.85 20.41
C ILE G 116 -8.68 46.12 21.12
N PHE G 117 -8.40 47.18 20.38
CA PHE G 117 -8.03 48.48 20.94
C PHE G 117 -8.79 49.56 20.19
N PRO G 118 -9.96 49.95 20.67
CA PRO G 118 -10.80 50.90 19.93
C PRO G 118 -10.08 52.22 19.69
N LYS G 119 -10.11 52.67 18.44
CA LYS G 119 -9.33 53.85 18.06
C LYS G 119 -9.81 55.09 18.81
N GLU G 120 -11.10 55.16 19.12
CA GLU G 120 -11.65 56.38 19.71
C GLU G 120 -11.14 56.61 21.13
N SER G 121 -10.89 55.56 21.89
CA SER G 121 -10.58 55.71 23.31
C SER G 121 -9.42 54.81 23.72
N SER G 122 -8.36 54.78 22.94
CA SER G 122 -7.24 53.94 23.34
C SER G 122 -5.91 54.67 23.38
N TRP G 123 -5.66 55.60 22.45
CA TRP G 123 -4.39 56.31 22.37
C TRP G 123 -4.63 57.81 22.39
N PRO G 124 -5.00 58.36 23.55
CA PRO G 124 -5.15 59.82 23.65
C PRO G 124 -3.82 60.54 23.61
N ASN G 125 -2.72 59.85 23.87
CA ASN G 125 -1.40 60.46 23.91
C ASN G 125 -0.64 60.32 22.60
N HIS G 126 -1.25 59.72 21.58
CA HIS G 126 -0.63 59.56 20.28
C HIS G 126 -1.61 59.94 19.19
N THR G 127 -1.09 60.32 18.02
CA THR G 127 -1.93 60.62 16.87
C THR G 127 -2.13 59.36 16.04
N THR G 128 -3.37 58.89 15.98
CA THR G 128 -3.73 57.62 15.35
C THR G 128 -4.17 57.82 13.91
N THR G 129 -3.38 58.50 13.09
CA THR G 129 -3.71 58.71 11.67
C THR G 129 -2.42 58.65 10.87
N GLY G 130 -2.06 57.45 10.44
CA GLY G 130 -0.87 57.28 9.62
C GLY G 130 -1.21 56.63 8.30
N VAL G 131 -1.06 57.37 7.22
CA VAL G 131 -1.39 56.89 5.89
C VAL G 131 -0.12 56.87 5.06
N SER G 132 -0.12 56.04 4.02
CA SER G 132 1.03 55.92 3.14
C SER G 132 0.57 55.97 1.69
N ALA G 133 1.47 56.45 0.82
CA ALA G 133 1.16 56.50 -0.60
C ALA G 133 1.08 55.11 -1.21
N SER G 134 1.82 54.15 -0.65
CA SER G 134 1.76 52.78 -1.15
C SER G 134 0.37 52.18 -0.95
N CYS G 135 -0.23 52.41 0.22
CA CYS G 135 -1.58 51.91 0.50
C CYS G 135 -2.59 53.01 0.19
N SER G 136 -2.69 53.30 -1.11
CA SER G 136 -3.55 54.37 -1.61
C SER G 136 -4.88 53.77 -2.04
N HIS G 137 -5.94 54.07 -1.27
CA HIS G 137 -7.28 53.64 -1.61
C HIS G 137 -7.93 54.69 -2.50
N ASN G 138 -8.41 54.25 -3.67
CA ASN G 138 -9.07 55.10 -4.67
C ASN G 138 -8.37 56.45 -4.82
N GLY G 139 -7.04 56.44 -4.88
CA GLY G 139 -6.25 57.65 -4.97
C GLY G 139 -5.85 58.24 -3.64
N GLU G 140 -6.77 58.24 -2.68
CA GLU G 140 -6.47 58.79 -1.36
C GLU G 140 -5.53 57.86 -0.61
N SER G 141 -4.48 58.42 -0.03
CA SER G 141 -3.55 57.63 0.76
C SER G 141 -4.23 57.13 2.02
N SER G 142 -3.97 55.88 2.37
CA SER G 142 -4.64 55.22 3.48
C SER G 142 -3.70 54.22 4.11
N PHE G 143 -4.25 53.30 4.90
CA PHE G 143 -3.48 52.28 5.60
C PHE G 143 -4.39 51.08 5.84
N TYR G 144 -3.82 50.04 6.44
CA TYR G 144 -4.56 48.82 6.71
C TYR G 144 -5.73 49.10 7.65
N LYS G 145 -6.83 48.39 7.44
CA LYS G 145 -8.03 48.59 8.23
C LYS G 145 -7.98 47.87 9.57
N ASN G 146 -6.99 47.02 9.81
CA ASN G 146 -6.85 46.31 11.07
C ASN G 146 -5.62 46.72 11.87
N LEU G 147 -4.86 47.70 11.39
CA LEU G 147 -3.67 48.17 12.08
C LEU G 147 -3.69 49.69 12.16
N LEU G 148 -3.06 50.21 13.21
CA LEU G 148 -3.04 51.64 13.49
C LEU G 148 -1.59 52.10 13.58
N TRP G 149 -1.20 53.01 12.69
CA TRP G 149 0.12 53.61 12.75
C TRP G 149 0.11 54.73 13.77
N LEU G 150 1.03 54.68 14.72
CA LEU G 150 1.02 55.59 15.86
C LEU G 150 2.23 56.52 15.76
N THR G 151 1.98 57.75 15.34
CA THR G 151 2.95 58.81 15.37
C THR G 151 2.80 59.61 16.67
N GLY G 152 3.84 60.36 17.00
CA GLY G 152 3.78 61.20 18.18
C GLY G 152 2.95 62.45 17.97
N LYS G 153 2.59 63.07 19.08
CA LYS G 153 1.84 64.32 19.08
C LYS G 153 2.53 65.31 20.00
N ASN G 154 2.37 66.60 19.67
CA ASN G 154 3.00 67.69 20.42
C ASN G 154 4.51 67.52 20.53
N GLY G 155 5.12 66.91 19.50
CA GLY G 155 6.54 66.72 19.52
C GLY G 155 7.04 65.67 20.49
N LEU G 156 6.14 64.85 21.03
CA LEU G 156 6.50 63.83 22.00
C LEU G 156 5.84 62.52 21.64
N TYR G 157 6.52 61.42 21.96
CA TYR G 157 5.97 60.07 21.86
C TYR G 157 6.06 59.45 23.25
N PRO G 158 4.99 59.51 24.04
CA PRO G 158 5.02 58.92 25.37
C PRO G 158 5.12 57.41 25.30
N ASN G 159 5.66 56.82 26.38
CA ASN G 159 5.74 55.37 26.47
C ASN G 159 4.35 54.76 26.42
N LEU G 160 4.24 53.61 25.76
CA LEU G 160 2.97 52.95 25.53
C LEU G 160 2.95 51.62 26.28
N SER G 161 1.91 51.41 27.07
CA SER G 161 1.71 50.16 27.79
C SER G 161 0.22 49.86 27.77
N LYS G 162 -0.17 48.92 26.90
CA LYS G 162 -1.58 48.55 26.74
C LYS G 162 -1.74 47.06 26.94
N SER G 163 -2.97 46.64 27.20
CA SER G 163 -3.22 45.25 27.55
C SER G 163 -4.61 44.86 27.10
N TYR G 164 -4.81 43.55 26.93
CA TYR G 164 -6.13 43.02 26.63
C TYR G 164 -6.26 41.62 27.21
N ALA G 165 -7.30 41.39 27.99
CA ALA G 165 -7.57 40.09 28.57
C ALA G 165 -8.61 39.36 27.74
N ASN G 166 -8.33 38.10 27.41
CA ASN G 166 -9.25 37.32 26.60
C ASN G 166 -10.52 37.01 27.39
N ASN G 167 -11.65 37.53 26.92
CA ASN G 167 -12.93 37.33 27.58
C ASN G 167 -13.97 36.68 26.66
N LYS G 168 -13.57 36.27 25.47
CA LYS G 168 -14.48 35.67 24.50
C LYS G 168 -14.49 34.14 24.58
N GLU G 169 -13.69 33.55 25.46
CA GLU G 169 -13.62 32.11 25.70
C GLU G 169 -13.17 31.32 24.48
N LYS G 170 -12.82 31.99 23.38
CA LYS G 170 -12.29 31.34 22.20
C LYS G 170 -10.97 32.00 21.82
N GLU G 171 -10.16 31.29 21.04
CA GLU G 171 -8.86 31.79 20.65
C GLU G 171 -9.00 33.08 19.86
N VAL G 172 -8.08 34.01 20.11
CA VAL G 172 -8.14 35.34 19.51
C VAL G 172 -6.82 35.58 18.78
N LEU G 173 -6.91 35.87 17.49
CA LEU G 173 -5.74 36.14 16.68
C LEU G 173 -5.42 37.62 16.74
N VAL G 174 -4.21 37.96 17.16
CA VAL G 174 -3.79 39.35 17.29
C VAL G 174 -2.66 39.60 16.31
N LEU G 175 -2.83 40.62 15.47
CA LEU G 175 -1.87 41.01 14.45
C LEU G 175 -1.34 42.39 14.75
N TRP G 176 -0.02 42.53 14.73
CA TRP G 176 0.59 43.84 14.91
C TRP G 176 1.79 43.93 13.98
N GLY G 177 2.51 45.03 14.06
CA GLY G 177 3.67 45.23 13.23
C GLY G 177 4.70 46.10 13.91
N VAL G 178 5.92 46.02 13.40
CA VAL G 178 7.04 46.86 13.85
C VAL G 178 7.64 47.54 12.64
N HIS G 179 7.81 48.85 12.73
CA HIS G 179 8.21 49.67 11.59
C HIS G 179 9.72 49.93 11.63
N HIS G 180 10.35 49.81 10.47
CA HIS G 180 11.77 50.11 10.27
C HIS G 180 11.88 51.30 9.33
N PRO G 181 12.16 52.50 9.84
CA PRO G 181 12.21 53.66 8.96
C PRO G 181 13.40 53.59 8.03
N PRO G 182 13.33 54.24 6.86
CA PRO G 182 14.43 54.14 5.90
C PRO G 182 15.73 54.74 6.39
N ASN G 183 15.67 55.76 7.24
CA ASN G 183 16.86 56.47 7.69
C ASN G 183 16.64 56.92 9.13
N ILE G 184 17.71 57.45 9.72
CA ILE G 184 17.62 57.96 11.09
C ILE G 184 16.73 59.19 11.14
N GLY G 185 16.67 59.95 10.05
CA GLY G 185 15.82 61.14 10.04
C GLY G 185 14.36 60.81 10.21
N ASP G 186 13.88 59.79 9.49
CA ASP G 186 12.49 59.36 9.65
C ASP G 186 12.25 58.82 11.05
N GLN G 187 13.24 58.12 11.61
CA GLN G 187 13.09 57.60 12.97
C GLN G 187 12.95 58.73 13.98
N ARG G 188 13.75 59.79 13.83
CA ARG G 188 13.71 60.91 14.77
C ARG G 188 12.58 61.88 14.49
N ALA G 189 11.96 61.80 13.32
CA ALA G 189 10.82 62.68 13.03
C ALA G 189 9.50 62.02 13.37
N LEU G 190 9.32 60.75 13.02
CA LEU G 190 8.08 60.05 13.32
C LEU G 190 7.93 59.84 14.83
N TYR G 191 9.02 59.53 15.52
CA TYR G 191 8.96 59.11 16.92
C TYR G 191 9.78 59.95 17.87
N HIS G 192 10.70 60.77 17.39
CA HIS G 192 11.57 61.61 18.23
C HIS G 192 12.35 60.75 19.23
N LYS G 193 13.11 59.80 18.70
CA LYS G 193 13.86 58.89 19.55
C LYS G 193 14.92 58.14 18.76
N GLU G 194 16.15 58.13 19.25
CA GLU G 194 17.25 57.54 18.50
C GLU G 194 17.07 56.03 18.36
N ASN G 195 16.76 55.35 19.45
CA ASN G 195 16.50 53.92 19.44
C ASN G 195 15.17 53.66 20.11
N ALA G 196 14.44 52.67 19.60
CA ALA G 196 13.13 52.32 20.11
C ALA G 196 13.10 50.84 20.48
N TYR G 197 12.05 50.44 21.17
CA TYR G 197 11.88 49.05 21.55
C TYR G 197 10.40 48.71 21.58
N VAL G 198 10.06 47.53 21.11
CA VAL G 198 8.72 46.99 21.20
C VAL G 198 8.82 45.67 21.96
N SER G 199 7.91 45.46 22.90
CA SER G 199 7.90 44.24 23.70
C SER G 199 6.47 43.74 23.76
N VAL G 200 6.23 42.58 23.16
CA VAL G 200 4.92 41.95 23.20
C VAL G 200 5.04 40.70 24.05
N VAL G 201 4.31 40.65 25.16
CA VAL G 201 4.40 39.55 26.09
C VAL G 201 3.01 39.02 26.38
N SER G 202 2.94 37.75 26.76
CA SER G 202 1.69 37.10 27.11
C SER G 202 2.01 35.98 28.09
N SER G 203 1.06 35.07 28.29
CA SER G 203 1.31 33.92 29.16
C SER G 203 2.41 33.03 28.60
N HIS G 204 2.40 32.79 27.29
CA HIS G 204 3.35 31.84 26.73
C HIS G 204 3.96 32.35 25.42
N TYR G 205 4.08 33.66 25.26
CA TYR G 205 4.71 34.24 24.07
C TYR G 205 5.33 35.56 24.49
N SER G 206 6.65 35.65 24.42
CA SER G 206 7.36 36.85 24.81
C SER G 206 8.36 37.20 23.73
N ARG G 207 8.36 38.47 23.30
CA ARG G 207 9.25 38.87 22.23
C ARG G 207 9.59 40.34 22.37
N LYS G 208 10.82 40.68 22.00
CA LYS G 208 11.33 42.05 22.03
C LYS G 208 11.89 42.37 20.66
N PHE G 209 11.23 43.27 19.94
CA PHE G 209 11.66 43.73 18.63
C PHE G 209 12.35 45.08 18.75
N THR G 210 13.33 45.31 17.88
CA THR G 210 14.05 46.56 17.84
C THR G 210 14.09 47.06 16.40
N PRO G 211 14.02 48.37 16.20
CA PRO G 211 14.18 48.91 14.84
C PRO G 211 15.51 48.53 14.23
N GLU G 212 15.49 48.34 12.92
CA GLU G 212 16.65 47.90 12.15
C GLU G 212 16.93 48.89 11.04
N ILE G 213 17.04 50.17 11.41
CA ILE G 213 17.20 51.27 10.47
C ILE G 213 18.31 50.98 9.47
N ALA G 214 17.97 51.03 8.19
CA ALA G 214 18.90 50.79 7.10
C ALA G 214 18.24 51.25 5.81
N LYS G 215 19.04 51.41 4.78
CA LYS G 215 18.55 51.74 3.44
C LYS G 215 18.38 50.45 2.66
N ARG G 216 17.18 50.22 2.14
CA ARG G 216 16.85 49.00 1.44
C ARG G 216 16.26 49.32 0.08
N PRO G 217 16.37 48.40 -0.88
CA PRO G 217 15.84 48.67 -2.22
C PRO G 217 14.34 48.97 -2.19
N LYS G 218 13.94 49.90 -3.06
CA LYS G 218 12.56 50.38 -3.07
C LYS G 218 11.62 49.31 -3.59
N VAL G 219 10.48 49.15 -2.92
CA VAL G 219 9.39 48.30 -3.37
C VAL G 219 8.09 49.05 -3.16
N ARG G 220 7.28 49.15 -4.23
CA ARG G 220 6.03 49.90 -4.20
C ARG G 220 6.27 51.35 -3.79
N ASP G 221 7.41 51.90 -4.22
CA ASP G 221 7.79 53.27 -3.91
C ASP G 221 7.89 53.50 -2.41
N GLN G 222 8.63 52.63 -1.73
CA GLN G 222 8.88 52.77 -0.31
C GLN G 222 10.22 52.12 0.03
N GLU G 223 10.94 52.73 0.98
CA GLU G 223 12.22 52.22 1.42
C GLU G 223 12.16 51.58 2.80
N GLY G 224 11.56 52.26 3.77
CA GLY G 224 11.33 51.64 5.06
C GLY G 224 10.30 50.54 4.98
N ARG G 225 10.34 49.62 5.94
CA ARG G 225 9.53 48.42 5.84
C ARG G 225 8.92 48.05 7.19
N ILE G 226 7.71 47.51 7.14
CA ILE G 226 6.98 47.09 8.34
C ILE G 226 6.99 45.58 8.37
N ASN G 227 7.50 45.02 9.48
CA ASN G 227 7.46 43.59 9.69
C ASN G 227 6.21 43.24 10.48
N TYR G 228 5.39 42.36 9.92
CA TYR G 228 4.10 42.00 10.49
C TYR G 228 4.21 40.70 11.28
N TYR G 229 3.70 40.71 12.51
CA TYR G 229 3.72 39.55 13.39
C TYR G 229 2.32 39.29 13.93
N TRP G 230 2.14 38.07 14.43
CA TRP G 230 0.84 37.65 14.93
C TRP G 230 1.03 36.69 16.09
N THR G 231 -0.06 36.50 16.85
CA THR G 231 -0.09 35.55 17.94
C THR G 231 -1.51 35.04 18.12
N LEU G 232 -1.63 33.92 18.80
CA LEU G 232 -2.92 33.29 19.08
C LEU G 232 -3.13 33.27 20.59
N LEU G 233 -3.85 34.26 21.10
CA LEU G 233 -4.20 34.32 22.51
C LEU G 233 -5.17 33.20 22.83
N GLU G 234 -4.82 32.39 23.83
CA GLU G 234 -5.72 31.37 24.33
C GLU G 234 -6.82 32.00 25.14
N PRO G 235 -7.96 31.33 25.28
CA PRO G 235 -9.03 31.86 26.13
C PRO G 235 -8.56 32.02 27.57
N GLY G 236 -9.08 33.06 28.22
CA GLY G 236 -8.68 33.34 29.59
C GLY G 236 -7.23 33.76 29.74
N ASP G 237 -6.75 34.62 28.85
CA ASP G 237 -5.36 35.03 28.84
C ASP G 237 -5.28 36.52 28.52
N THR G 238 -4.12 37.11 28.77
CA THR G 238 -3.92 38.53 28.59
C THR G 238 -2.68 38.76 27.73
N ILE G 239 -2.74 39.80 26.92
CA ILE G 239 -1.64 40.21 26.04
C ILE G 239 -1.23 41.62 26.43
N ILE G 240 0.07 41.84 26.53
CA ILE G 240 0.62 43.11 26.97
C ILE G 240 1.53 43.65 25.87
N PHE G 241 1.27 44.86 25.43
CA PHE G 241 2.08 45.59 24.48
C PHE G 241 2.80 46.71 25.21
N GLU G 242 4.11 46.80 25.00
CA GLU G 242 4.89 47.93 25.48
C GLU G 242 5.70 48.46 24.32
N ALA G 243 5.77 49.78 24.19
CA ALA G 243 6.49 50.37 23.08
C ALA G 243 6.75 51.84 23.28
N ASN G 244 8.01 52.26 23.14
CA ASN G 244 8.31 53.68 23.07
C ASN G 244 8.39 54.18 21.64
N GLY G 245 8.25 53.31 20.66
CA GLY G 245 8.27 53.72 19.28
C GLY G 245 8.19 52.53 18.35
N ASN G 246 7.89 52.82 17.10
CA ASN G 246 7.82 51.82 16.03
C ASN G 246 6.84 50.70 16.36
N LEU G 247 5.57 51.08 16.49
CA LEU G 247 4.52 50.11 16.78
C LEU G 247 3.32 50.40 15.90
N ILE G 248 2.96 49.42 15.07
CA ILE G 248 1.71 49.44 14.32
C ILE G 248 0.73 48.62 15.12
N ALA G 249 -0.07 49.29 15.95
CA ALA G 249 -0.87 48.61 16.94
C ALA G 249 -2.02 47.85 16.31
N PRO G 250 -2.51 46.80 16.95
CA PRO G 250 -3.71 46.13 16.47
C PRO G 250 -4.95 47.00 16.67
N ARG G 251 -5.85 46.95 15.72
CA ARG G 251 -7.15 47.59 15.85
C ARG G 251 -8.29 46.58 15.90
N TYR G 252 -8.30 45.62 14.98
CA TYR G 252 -9.32 44.58 14.95
C TYR G 252 -8.66 43.22 15.09
N ALA G 253 -9.13 42.44 16.05
CA ALA G 253 -8.69 41.06 16.20
C ALA G 253 -9.73 40.13 15.62
N PHE G 254 -9.48 38.84 15.72
CA PHE G 254 -10.37 37.83 15.17
C PHE G 254 -10.60 36.73 16.21
N ALA G 255 -11.87 36.38 16.42
CA ALA G 255 -12.25 35.32 17.35
C ALA G 255 -12.51 34.05 16.54
N LEU G 256 -11.50 33.18 16.48
CA LEU G 256 -11.53 32.04 15.58
C LEU G 256 -12.45 30.95 16.11
N SER G 257 -13.38 30.49 15.27
CA SER G 257 -14.20 29.34 15.55
C SER G 257 -13.78 28.24 14.60
N ARG G 258 -13.39 27.09 15.16
CA ARG G 258 -12.67 26.07 14.42
C ARG G 258 -13.58 24.90 14.04
N GLY G 259 -13.34 24.35 12.86
CA GLY G 259 -14.07 23.19 12.39
C GLY G 259 -13.37 22.53 11.21
N PHE G 260 -13.35 21.20 11.21
CA PHE G 260 -12.71 20.48 10.13
C PHE G 260 -13.52 20.60 8.84
N GLY G 261 -12.85 20.33 7.73
CA GLY G 261 -13.48 20.40 6.43
C GLY G 261 -13.36 21.75 5.77
N SER G 262 -12.13 22.25 5.68
CA SER G 262 -11.86 23.55 5.08
C SER G 262 -10.50 23.50 4.40
N GLY G 263 -10.06 24.64 3.90
CA GLY G 263 -8.77 24.73 3.26
C GLY G 263 -8.67 25.95 2.40
N ILE G 264 -7.53 26.06 1.73
CA ILE G 264 -7.26 27.12 0.76
C ILE G 264 -6.86 26.48 -0.55
N ILE G 265 -7.53 26.87 -1.63
CA ILE G 265 -7.23 26.33 -2.96
C ILE G 265 -7.02 27.49 -3.93
N ASN G 266 -6.23 27.23 -4.95
CA ASN G 266 -5.94 28.19 -6.00
C ASN G 266 -6.66 27.78 -7.27
N SER G 267 -7.52 28.66 -7.77
CA SER G 267 -8.35 28.34 -8.91
C SER G 267 -8.72 29.62 -9.65
N ASN G 268 -9.22 29.43 -10.87
CA ASN G 268 -9.65 30.54 -11.71
C ASN G 268 -11.08 30.41 -12.17
N ALA G 269 -11.76 29.32 -11.85
CA ALA G 269 -13.12 29.11 -12.29
C ALA G 269 -14.07 30.08 -11.57
N PRO G 270 -15.11 30.54 -12.26
CA PRO G 270 -16.08 31.43 -11.61
C PRO G 270 -17.01 30.67 -10.67
N MET G 271 -17.56 31.42 -9.73
CA MET G 271 -18.48 30.82 -8.77
C MET G 271 -19.84 30.57 -9.42
N ASP G 272 -20.61 29.71 -8.79
CA ASP G 272 -21.97 29.43 -9.23
C ASP G 272 -22.80 29.00 -8.03
N GLU G 273 -24.12 29.15 -8.17
CA GLU G 273 -25.03 28.81 -7.07
C GLU G 273 -25.18 27.31 -6.87
N CYS G 274 -24.41 26.48 -7.56
CA CYS G 274 -24.54 25.04 -7.44
C CYS G 274 -24.09 24.58 -6.05
N ASP G 275 -24.65 23.44 -5.63
CA ASP G 275 -24.25 22.78 -4.40
C ASP G 275 -23.58 21.45 -4.75
N ALA G 276 -22.39 21.23 -4.20
CA ALA G 276 -21.62 20.03 -4.53
C ALA G 276 -21.07 19.42 -3.24
N LYS G 277 -20.78 18.13 -3.32
CA LYS G 277 -20.17 17.39 -2.21
C LYS G 277 -18.67 17.24 -2.36
N CYS G 278 -18.07 17.81 -3.39
CA CYS G 278 -16.64 17.74 -3.59
C CYS G 278 -16.21 18.91 -4.47
N GLN G 279 -15.06 19.49 -4.16
CA GLN G 279 -14.57 20.66 -4.88
C GLN G 279 -13.09 20.52 -5.14
N THR G 280 -12.71 20.56 -6.41
CA THR G 280 -11.35 20.55 -6.86
C THR G 280 -11.00 21.90 -7.48
N PRO G 281 -9.72 22.25 -7.52
CA PRO G 281 -9.34 23.56 -8.09
C PRO G 281 -9.67 23.71 -9.57
N GLN G 282 -10.15 22.63 -10.20
CA GLN G 282 -10.57 22.65 -11.58
C GLN G 282 -12.08 22.62 -11.77
N GLY G 283 -12.83 22.42 -10.70
CA GLY G 283 -14.27 22.27 -10.78
C GLY G 283 -14.76 21.25 -9.77
N ALA G 284 -16.07 21.24 -9.58
CA ALA G 284 -16.68 20.37 -8.58
C ALA G 284 -17.01 18.99 -9.16
N ILE G 285 -17.04 18.00 -8.29
CA ILE G 285 -17.30 16.62 -8.65
C ILE G 285 -18.54 16.15 -7.90
N ASN G 286 -19.52 15.63 -8.63
CA ASN G 286 -20.74 15.09 -8.04
C ASN G 286 -20.89 13.65 -8.50
N SER G 287 -20.23 12.75 -7.76
CA SER G 287 -20.24 11.33 -8.14
C SER G 287 -19.82 10.51 -6.94
N SER G 288 -20.41 9.31 -6.82
CA SER G 288 -20.12 8.39 -5.75
C SER G 288 -19.10 7.33 -6.14
N LEU G 289 -18.45 7.49 -7.28
CA LEU G 289 -17.43 6.54 -7.70
C LEU G 289 -16.24 6.59 -6.73
N PRO G 290 -15.53 5.47 -6.57
CA PRO G 290 -14.46 5.44 -5.56
C PRO G 290 -13.20 6.17 -5.95
N PHE G 291 -12.98 6.43 -7.24
CA PHE G 291 -11.73 7.02 -7.70
C PHE G 291 -12.02 8.22 -8.60
N GLN G 292 -10.99 9.05 -8.76
CA GLN G 292 -11.05 10.18 -9.67
C GLN G 292 -9.64 10.54 -10.12
N ASN G 293 -9.54 11.14 -11.30
CA ASN G 293 -8.25 11.58 -11.82
C ASN G 293 -8.30 13.05 -12.22
N VAL G 294 -9.15 13.83 -11.57
CA VAL G 294 -9.26 15.25 -11.88
C VAL G 294 -8.10 16.03 -11.27
N HIS G 295 -7.98 15.99 -9.94
CA HIS G 295 -6.94 16.74 -9.26
C HIS G 295 -6.68 16.13 -7.90
N PRO G 296 -5.41 16.08 -7.46
CA PRO G 296 -5.14 15.59 -6.10
C PRO G 296 -5.75 16.44 -5.01
N VAL G 297 -5.87 17.75 -5.21
CA VAL G 297 -6.43 18.64 -4.22
C VAL G 297 -7.95 18.51 -4.23
N THR G 298 -8.53 18.30 -3.06
CA THR G 298 -9.97 18.10 -2.94
C THR G 298 -10.44 18.70 -1.62
N ILE G 299 -11.72 19.08 -1.57
CA ILE G 299 -12.33 19.57 -0.35
C ILE G 299 -13.74 18.98 -0.26
N GLY G 300 -13.97 18.17 0.76
CA GLY G 300 -15.27 17.52 0.93
C GLY G 300 -15.19 16.01 0.87
N GLU G 301 -16.33 15.36 0.64
CA GLU G 301 -16.39 13.90 0.54
C GLU G 301 -16.04 13.51 -0.89
N CYS G 302 -14.74 13.34 -1.13
CA CYS G 302 -14.25 13.20 -2.49
C CYS G 302 -13.69 11.80 -2.74
N PRO G 303 -13.75 11.33 -3.98
CA PRO G 303 -13.14 10.04 -4.31
C PRO G 303 -11.62 10.12 -4.25
N LYS G 304 -11.01 8.95 -4.05
CA LYS G 304 -9.56 8.88 -3.96
C LYS G 304 -8.92 9.16 -5.32
N TYR G 305 -7.83 9.92 -5.30
CA TYR G 305 -7.17 10.34 -6.53
C TYR G 305 -6.22 9.25 -7.00
N VAL G 306 -6.27 8.94 -8.29
CA VAL G 306 -5.38 8.00 -8.92
C VAL G 306 -4.82 8.62 -10.19
N ARG G 307 -3.69 8.11 -10.64
CA ARG G 307 -3.05 8.56 -11.86
C ARG G 307 -3.47 7.75 -13.08
N SER G 308 -4.31 6.73 -12.90
CA SER G 308 -4.79 5.96 -14.02
C SER G 308 -5.76 6.79 -14.87
N ALA G 309 -5.93 6.35 -16.12
CA ALA G 309 -6.86 6.98 -17.03
C ALA G 309 -8.05 6.10 -17.39
N LYS G 310 -8.07 4.85 -16.93
CA LYS G 310 -9.16 3.95 -17.30
C LYS G 310 -9.26 2.86 -16.24
N LEU G 311 -10.30 2.91 -15.42
CA LEU G 311 -10.61 1.88 -14.42
C LEU G 311 -12.03 1.40 -14.69
N ARG G 312 -12.15 0.22 -15.28
CA ARG G 312 -13.45 -0.32 -15.68
C ARG G 312 -13.54 -1.76 -15.23
N MET G 313 -14.45 -2.03 -14.31
CA MET G 313 -14.67 -3.39 -13.82
C MET G 313 -15.70 -4.09 -14.69
N VAL G 314 -15.36 -5.29 -15.15
CA VAL G 314 -16.31 -6.09 -15.91
C VAL G 314 -17.37 -6.64 -14.98
N THR G 315 -18.63 -6.53 -15.40
CA THR G 315 -19.74 -7.17 -14.73
C THR G 315 -20.45 -8.18 -15.60
N GLY G 316 -20.06 -8.33 -16.85
CA GLY G 316 -20.73 -9.23 -17.76
C GLY G 316 -19.80 -10.27 -18.35
N LEU G 317 -20.08 -10.66 -19.59
CA LEU G 317 -19.40 -11.76 -20.25
C LEU G 317 -18.46 -11.23 -21.32
N ARG G 318 -17.84 -12.15 -22.03
CA ARG G 318 -17.04 -11.83 -23.21
C ARG G 318 -17.97 -11.80 -24.42
N ASN G 319 -17.98 -10.67 -25.11
CA ASN G 319 -18.92 -10.45 -26.21
C ASN G 319 -18.41 -11.16 -27.46
N ILE G 320 -19.07 -12.24 -27.84
CA ILE G 320 -18.72 -12.98 -29.06
C ILE G 320 -19.97 -13.19 -29.90
N PRO G 321 -20.47 -12.15 -30.60
CA PRO G 321 -21.60 -12.32 -31.51
C PRO G 321 -21.15 -12.67 -32.92
N ASP H 1 -25.18 -52.44 -3.52
CA ASP H 1 -24.14 -51.79 -2.73
C ASP H 1 -23.79 -50.44 -3.32
N THR H 2 -23.81 -49.42 -2.48
CA THR H 2 -23.59 -48.04 -2.91
C THR H 2 -22.42 -47.43 -2.16
N ILE H 3 -21.67 -46.58 -2.85
CA ILE H 3 -20.63 -45.75 -2.25
C ILE H 3 -20.91 -44.31 -2.63
N CYS H 4 -20.86 -43.41 -1.65
CA CYS H 4 -21.16 -42.01 -1.85
C CYS H 4 -19.97 -41.16 -1.44
N ILE H 5 -19.74 -40.07 -2.18
CA ILE H 5 -18.68 -39.12 -1.90
C ILE H 5 -19.31 -37.85 -1.36
N GLY H 6 -18.81 -37.36 -0.24
CA GLY H 6 -19.37 -36.19 0.39
C GLY H 6 -18.36 -35.49 1.26
N TYR H 7 -18.81 -34.44 1.93
CA TYR H 7 -17.91 -33.64 2.73
C TYR H 7 -18.41 -33.53 4.17
N HIS H 8 -17.76 -32.66 4.94
CA HIS H 8 -17.91 -32.61 6.38
C HIS H 8 -18.77 -31.42 6.78
N ALA H 9 -19.72 -31.65 7.67
CA ALA H 9 -20.53 -30.59 8.25
C ALA H 9 -20.55 -30.76 9.76
N ASN H 10 -20.65 -29.64 10.47
CA ASN H 10 -20.64 -29.64 11.93
C ASN H 10 -21.60 -28.58 12.43
N ASN H 11 -21.53 -28.30 13.73
CA ASN H 11 -22.44 -27.40 14.40
C ASN H 11 -21.83 -26.02 14.64
N SER H 12 -20.93 -25.58 13.77
CA SER H 12 -20.27 -24.32 13.96
C SER H 12 -21.18 -23.16 13.60
N THR H 13 -20.93 -22.01 14.22
CA THR H 13 -21.58 -20.76 13.88
C THR H 13 -20.59 -19.72 13.38
N ASP H 14 -19.35 -20.12 13.12
CA ASP H 14 -18.34 -19.18 12.65
C ASP H 14 -18.67 -18.71 11.24
N THR H 15 -18.51 -17.42 11.01
CA THR H 15 -18.90 -16.79 9.75
C THR H 15 -17.73 -16.02 9.17
N VAL H 16 -17.62 -16.05 7.85
CA VAL H 16 -16.61 -15.31 7.11
C VAL H 16 -17.30 -14.56 5.98
N ASP H 17 -16.59 -13.57 5.44
CA ASP H 17 -17.05 -12.79 4.31
C ASP H 17 -16.20 -13.11 3.08
N THR H 18 -16.86 -13.31 1.95
CA THR H 18 -16.20 -13.56 0.68
C THR H 18 -16.55 -12.45 -0.29
N VAL H 19 -15.93 -12.48 -1.47
CA VAL H 19 -16.26 -11.48 -2.48
C VAL H 19 -17.66 -11.71 -3.03
N LEU H 20 -18.04 -12.98 -3.19
CA LEU H 20 -19.32 -13.29 -3.80
C LEU H 20 -20.46 -13.26 -2.79
N GLU H 21 -20.18 -13.48 -1.50
CA GLU H 21 -21.22 -13.64 -0.50
C GLU H 21 -20.79 -12.99 0.80
N LYS H 22 -21.78 -12.73 1.64
CA LYS H 22 -21.58 -12.15 2.97
C LYS H 22 -22.14 -13.10 4.01
N ASN H 23 -21.45 -13.18 5.16
CA ASN H 23 -21.89 -13.98 6.30
C ASN H 23 -22.06 -15.45 5.90
N VAL H 24 -20.96 -16.05 5.46
CA VAL H 24 -20.95 -17.46 5.07
C VAL H 24 -20.52 -18.28 6.28
N THR H 25 -21.39 -19.18 6.72
CA THR H 25 -21.05 -20.08 7.81
C THR H 25 -20.06 -21.13 7.33
N VAL H 26 -19.02 -21.36 8.11
CA VAL H 26 -17.92 -22.23 7.72
C VAL H 26 -17.65 -23.24 8.81
N THR H 27 -17.08 -24.37 8.40
CA THR H 27 -16.76 -25.44 9.36
C THR H 27 -15.65 -25.01 10.30
N HIS H 28 -14.57 -24.46 9.77
CA HIS H 28 -13.44 -24.04 10.57
C HIS H 28 -12.93 -22.69 10.09
N SER H 29 -12.40 -21.90 11.02
CA SER H 29 -11.90 -20.58 10.68
C SER H 29 -10.87 -20.16 11.72
N VAL H 30 -10.05 -19.19 11.36
CA VAL H 30 -9.06 -18.61 12.26
C VAL H 30 -9.30 -17.11 12.35
N ASN H 31 -9.05 -16.56 13.53
CA ASN H 31 -9.21 -15.15 13.79
C ASN H 31 -7.84 -14.48 13.76
N LEU H 32 -7.66 -13.57 12.80
CA LEU H 32 -6.39 -12.90 12.61
C LEU H 32 -6.36 -11.51 13.22
N LEU H 33 -7.33 -11.18 14.07
CA LEU H 33 -7.45 -9.86 14.67
C LEU H 33 -7.50 -10.01 16.18
N GLU H 34 -6.69 -9.22 16.87
CA GLU H 34 -6.66 -9.23 18.33
C GLU H 34 -7.44 -8.03 18.84
N ASP H 35 -8.45 -8.31 19.68
CA ASP H 35 -9.31 -7.26 20.21
C ASP H 35 -9.21 -7.10 21.71
N SER H 36 -8.74 -8.10 22.44
CA SER H 36 -8.70 -8.05 23.89
C SER H 36 -7.33 -7.62 24.39
N HIS H 37 -7.29 -7.19 25.65
CA HIS H 37 -6.05 -6.75 26.27
C HIS H 37 -6.14 -7.02 27.77
N ASN H 38 -4.98 -6.97 28.42
CA ASN H 38 -4.92 -7.21 29.87
C ASN H 38 -5.71 -6.15 30.63
N GLY H 39 -5.56 -4.88 30.24
CA GLY H 39 -6.20 -3.79 30.94
C GLY H 39 -5.30 -3.03 31.87
N LYS H 40 -4.11 -3.54 32.17
CA LYS H 40 -3.19 -2.91 33.10
C LYS H 40 -1.80 -2.84 32.48
N LEU H 41 -1.07 -1.78 32.81
CA LEU H 41 0.31 -1.65 32.37
C LEU H 41 1.15 -2.73 33.01
N CYS H 42 2.03 -3.33 32.21
CA CYS H 42 2.84 -4.45 32.67
C CYS H 42 4.25 -4.30 32.11
N ARG H 43 5.18 -5.07 32.67
CA ARG H 43 6.58 -4.96 32.31
C ARG H 43 6.83 -5.44 30.88
N LEU H 44 7.95 -5.00 30.33
CA LEU H 44 8.36 -5.32 28.97
C LEU H 44 9.77 -5.88 29.02
N LYS H 45 9.91 -7.19 28.80
CA LYS H 45 11.20 -7.87 28.88
C LYS H 45 11.85 -7.67 30.25
N GLY H 46 11.03 -7.65 31.29
CA GLY H 46 11.51 -7.57 32.66
C GLY H 46 11.68 -6.18 33.24
N ILE H 47 12.22 -5.25 32.47
CA ILE H 47 12.44 -3.90 32.97
C ILE H 47 11.10 -3.22 33.21
N ALA H 48 10.91 -2.68 34.41
CA ALA H 48 9.66 -2.08 34.82
C ALA H 48 9.46 -0.71 34.19
N PRO H 49 8.22 -0.31 33.95
CA PRO H 49 7.96 1.02 33.41
C PRO H 49 8.21 2.11 34.45
N LEU H 50 8.42 3.31 33.95
CA LEU H 50 8.63 4.49 34.79
C LEU H 50 7.35 5.33 34.74
N GLN H 51 6.54 5.21 35.78
CA GLN H 51 5.31 5.97 35.88
C GLN H 51 5.59 7.25 36.66
N LEU H 52 5.58 8.38 35.96
CA LEU H 52 5.92 9.65 36.61
C LEU H 52 4.84 10.09 37.58
N GLY H 53 3.62 9.64 37.41
CA GLY H 53 2.56 10.00 38.34
C GLY H 53 1.96 11.34 37.99
N ASN H 54 1.87 12.22 38.98
CA ASN H 54 1.24 13.51 38.78
C ASN H 54 2.13 14.52 38.09
N CYS H 55 3.44 14.26 37.99
CA CYS H 55 4.35 15.20 37.36
C CYS H 55 4.68 14.79 35.93
N SER H 56 5.02 15.77 35.12
CA SER H 56 5.27 15.60 33.70
C SER H 56 6.76 15.37 33.45
N VAL H 57 7.15 15.32 32.18
CA VAL H 57 8.54 15.10 31.83
C VAL H 57 9.39 16.28 32.25
N ALA H 58 8.86 17.49 32.12
CA ALA H 58 9.59 18.66 32.59
C ALA H 58 9.80 18.63 34.10
N GLY H 59 8.75 18.28 34.85
CA GLY H 59 8.89 18.18 36.29
C GLY H 59 9.81 17.05 36.70
N TRP H 60 9.79 15.94 35.97
CA TRP H 60 10.68 14.84 36.26
C TRP H 60 12.12 15.20 35.99
N ILE H 61 12.38 15.95 34.92
CA ILE H 61 13.74 16.21 34.49
C ILE H 61 14.35 17.41 35.20
N LEU H 62 13.53 18.35 35.64
CA LEU H 62 14.01 19.48 36.43
C LEU H 62 14.10 19.14 37.91
N GLY H 63 13.53 18.02 38.34
CA GLY H 63 13.49 17.70 39.75
C GLY H 63 12.45 18.51 40.49
N ASN H 64 11.20 18.33 40.13
CA ASN H 64 10.13 19.02 40.84
C ASN H 64 10.14 18.59 42.31
N PRO H 65 10.01 19.53 43.25
CA PRO H 65 10.11 19.15 44.66
C PRO H 65 9.00 18.22 45.12
N GLU H 66 7.88 18.17 44.39
CA GLU H 66 6.72 17.44 44.84
C GLU H 66 6.60 16.05 44.21
N CYS H 67 7.63 15.59 43.49
CA CYS H 67 7.72 14.19 43.12
C CYS H 67 9.20 13.81 43.06
N GLU H 68 9.71 13.29 44.18
CA GLU H 68 11.07 12.81 44.28
C GLU H 68 11.17 11.30 44.20
N LEU H 69 10.04 10.60 44.09
CA LEU H 69 10.07 9.14 44.06
C LEU H 69 10.65 8.61 42.76
N LEU H 70 10.77 9.44 41.73
CA LEU H 70 11.37 9.04 40.47
C LEU H 70 12.88 9.22 40.43
N ILE H 71 13.48 9.82 41.46
CA ILE H 71 14.92 10.03 41.48
C ILE H 71 15.65 8.70 41.53
N SER H 72 15.15 7.76 42.34
CA SER H 72 15.82 6.46 42.46
C SER H 72 15.79 5.69 41.16
N ARG H 73 14.68 5.75 40.42
CA ARG H 73 14.54 4.96 39.21
C ARG H 73 15.52 5.43 38.15
N GLU H 74 16.22 4.48 37.54
CA GLU H 74 17.25 4.79 36.55
C GLU H 74 17.10 4.01 35.26
N SER H 75 16.40 2.88 35.26
CA SER H 75 16.19 2.07 34.06
C SER H 75 14.70 1.85 33.87
N TRP H 76 14.27 1.77 32.62
CA TRP H 76 12.86 1.61 32.32
C TRP H 76 12.71 1.05 30.91
N SER H 77 11.50 0.56 30.63
CA SER H 77 11.11 0.14 29.30
C SER H 77 10.31 1.19 28.55
N TYR H 78 9.44 1.92 29.26
CA TYR H 78 8.70 3.03 28.67
C TYR H 78 8.27 3.96 29.80
N ILE H 79 7.90 5.17 29.42
CA ILE H 79 7.47 6.20 30.36
C ILE H 79 5.97 6.41 30.21
N VAL H 80 5.29 6.50 31.35
CA VAL H 80 3.84 6.69 31.39
C VAL H 80 3.59 8.04 32.04
N GLU H 81 2.88 8.90 31.33
CA GLU H 81 2.58 10.25 31.79
C GLU H 81 1.07 10.45 31.77
N LYS H 82 0.55 11.18 32.76
CA LYS H 82 -0.87 11.44 32.82
C LYS H 82 -1.29 12.30 31.62
N PRO H 83 -2.54 12.14 31.15
CA PRO H 83 -2.97 12.90 29.97
C PRO H 83 -2.87 14.41 30.14
N ASN H 84 -3.15 14.91 31.34
CA ASN H 84 -3.06 16.34 31.64
C ASN H 84 -2.26 16.50 32.92
N PRO H 85 -0.93 16.39 32.84
CA PRO H 85 -0.10 16.48 34.05
C PRO H 85 -0.22 17.87 34.67
N GLU H 86 -0.20 17.89 36.00
CA GLU H 86 -0.37 19.13 36.75
C GLU H 86 0.84 19.54 37.56
N ASN H 87 1.69 18.60 37.95
CA ASN H 87 2.85 18.90 38.78
C ASN H 87 4.11 19.09 37.95
N GLY H 88 4.05 19.97 36.95
CA GLY H 88 5.18 20.19 36.07
C GLY H 88 6.14 21.26 36.54
N THR H 89 6.41 22.24 35.69
CA THR H 89 7.30 23.35 36.03
C THR H 89 6.61 24.26 37.03
N CYS H 90 7.04 24.20 38.30
CA CYS H 90 6.37 24.97 39.35
C CYS H 90 6.50 26.47 39.10
N TYR H 91 7.72 26.94 38.90
CA TYR H 91 7.93 28.34 38.58
C TYR H 91 7.50 28.60 37.14
N PRO H 92 6.57 29.52 36.89
CA PRO H 92 6.07 29.70 35.52
C PRO H 92 7.17 30.17 34.58
N GLY H 93 7.07 29.74 33.33
CA GLY H 93 8.05 30.10 32.34
C GLY H 93 7.98 29.18 31.14
N HIS H 94 8.90 29.41 30.22
CA HIS H 94 8.94 28.70 28.96
C HIS H 94 10.05 27.67 28.97
N PHE H 95 9.72 26.44 28.59
CA PHE H 95 10.69 25.35 28.46
C PHE H 95 11.09 25.24 26.99
N ALA H 96 12.31 25.63 26.68
CA ALA H 96 12.76 25.67 25.29
C ALA H 96 12.89 24.26 24.71
N ASP H 97 12.32 24.06 23.54
CA ASP H 97 12.40 22.79 22.82
C ASP H 97 11.92 21.62 23.68
N TYR H 98 10.76 21.80 24.30
CA TYR H 98 10.22 20.78 25.18
C TYR H 98 9.92 19.49 24.42
N GLU H 99 9.32 19.61 23.24
CA GLU H 99 8.98 18.43 22.44
C GLU H 99 10.24 17.74 21.94
N GLU H 100 11.27 18.50 21.61
CA GLU H 100 12.54 17.89 21.22
C GLU H 100 13.15 17.10 22.36
N LEU H 101 13.09 17.64 23.58
CA LEU H 101 13.59 16.91 24.73
C LEU H 101 12.79 15.64 24.96
N ARG H 102 11.48 15.71 24.77
CA ARG H 102 10.66 14.50 24.89
C ARG H 102 11.07 13.46 23.87
N GLU H 103 11.35 13.88 22.63
CA GLU H 103 11.82 12.93 21.63
C GLU H 103 13.16 12.32 22.03
N GLN H 104 14.06 13.15 22.56
CA GLN H 104 15.37 12.63 22.97
C GLN H 104 15.24 11.63 24.10
N LEU H 105 14.36 11.90 25.06
CA LEU H 105 14.14 11.01 26.18
C LEU H 105 13.29 9.80 25.83
N SER H 106 12.61 9.82 24.70
CA SER H 106 11.87 8.65 24.25
C SER H 106 12.78 7.51 23.83
N SER H 107 14.08 7.75 23.68
CA SER H 107 15.01 6.72 23.23
C SER H 107 16.21 6.63 24.16
N VAL H 108 15.99 6.78 25.47
CA VAL H 108 17.03 6.55 26.46
C VAL H 108 16.59 5.40 27.34
N SER H 109 17.42 4.35 27.39
CA SER H 109 17.09 3.21 28.24
C SER H 109 17.37 3.50 29.70
N SER H 110 18.44 4.25 29.98
CA SER H 110 18.81 4.59 31.34
C SER H 110 19.70 5.83 31.28
N PHE H 111 19.80 6.51 32.42
CA PHE H 111 20.81 7.55 32.58
C PHE H 111 21.31 7.54 34.02
N GLU H 112 22.46 8.18 34.21
CA GLU H 112 23.07 8.35 35.52
C GLU H 112 23.03 9.81 35.92
N ARG H 113 22.50 10.09 37.10
CA ARG H 113 22.42 11.45 37.63
C ARG H 113 23.69 11.76 38.40
N PHE H 114 24.42 12.79 37.97
CA PHE H 114 25.67 13.15 38.62
C PHE H 114 25.71 14.65 38.89
N GLU H 115 26.51 15.02 39.89
CA GLU H 115 26.69 16.41 40.30
C GLU H 115 27.47 17.17 39.24
N ILE H 116 26.76 17.92 38.40
CA ILE H 116 27.44 18.69 37.37
C ILE H 116 28.27 19.80 38.00
N PHE H 117 27.73 20.45 39.04
CA PHE H 117 28.39 21.48 39.82
C PHE H 117 28.03 21.27 41.28
N PRO H 118 28.94 20.71 42.09
CA PRO H 118 28.60 20.43 43.49
C PRO H 118 28.18 21.69 44.23
N LYS H 119 27.08 21.58 44.98
CA LYS H 119 26.56 22.75 45.68
C LYS H 119 27.53 23.23 46.75
N GLU H 120 28.19 22.30 47.45
CA GLU H 120 29.00 22.67 48.60
C GLU H 120 30.29 23.40 48.20
N SER H 121 30.85 23.08 47.04
CA SER H 121 32.18 23.57 46.71
C SER H 121 32.28 24.06 45.27
N SER H 122 31.28 24.81 44.81
CA SER H 122 31.38 25.37 43.47
C SER H 122 31.14 26.87 43.44
N TRP H 123 30.29 27.37 44.33
CA TRP H 123 29.91 28.77 44.33
C TRP H 123 30.20 29.38 45.70
N PRO H 124 31.48 29.62 46.01
CA PRO H 124 31.80 30.26 47.29
C PRO H 124 31.54 31.75 47.28
N ASN H 125 31.45 32.37 46.11
CA ASN H 125 31.22 33.79 45.98
C ASN H 125 29.75 34.15 45.84
N HIS H 126 28.86 33.16 45.87
CA HIS H 126 27.43 33.38 45.74
C HIS H 126 26.70 32.56 46.79
N THR H 127 25.50 33.02 47.14
CA THR H 127 24.63 32.28 48.07
C THR H 127 23.68 31.41 47.26
N THR H 128 23.82 30.10 47.40
CA THR H 128 23.03 29.14 46.64
C THR H 128 21.89 28.58 47.49
N THR H 129 20.97 29.46 47.85
CA THR H 129 19.78 29.05 48.62
C THR H 129 18.63 29.96 48.21
N GLY H 130 17.88 29.52 47.21
CA GLY H 130 16.75 30.29 46.72
C GLY H 130 15.50 29.45 46.67
N VAL H 131 14.50 29.84 47.45
CA VAL H 131 13.27 29.07 47.61
C VAL H 131 12.11 29.92 47.14
N SER H 132 11.16 29.29 46.47
CA SER H 132 9.98 29.97 45.98
C SER H 132 8.73 29.47 46.71
N ALA H 133 7.77 30.36 46.89
CA ALA H 133 6.50 29.96 47.45
C ALA H 133 5.75 29.01 46.52
N SER H 134 5.94 29.17 45.21
CA SER H 134 5.29 28.28 44.25
C SER H 134 5.79 26.85 44.42
N CYS H 135 7.10 26.67 44.57
CA CYS H 135 7.70 25.36 44.71
C CYS H 135 7.94 25.11 46.19
N SER H 136 6.95 24.52 46.85
CA SER H 136 7.00 24.28 48.29
C SER H 136 6.79 22.79 48.57
N HIS H 137 7.73 22.19 49.29
CA HIS H 137 7.64 20.80 49.68
C HIS H 137 7.21 20.74 51.15
N ASN H 138 6.12 20.02 51.42
CA ASN H 138 5.57 19.90 52.77
C ASN H 138 5.30 21.28 53.37
N GLY H 139 4.81 22.19 52.53
CA GLY H 139 4.54 23.54 52.97
C GLY H 139 5.75 24.44 52.93
N GLU H 140 6.89 23.94 53.38
CA GLU H 140 8.11 24.74 53.39
C GLU H 140 8.56 25.04 51.96
N SER H 141 8.94 26.29 51.72
CA SER H 141 9.36 26.70 50.39
C SER H 141 10.64 25.97 49.98
N SER H 142 10.73 25.65 48.70
CA SER H 142 11.86 24.88 48.18
C SER H 142 12.10 25.32 46.74
N PHE H 143 12.82 24.50 45.98
CA PHE H 143 13.14 24.76 44.60
C PHE H 143 13.42 23.43 43.91
N TYR H 144 13.70 23.50 42.61
CA TYR H 144 14.01 22.30 41.85
C TYR H 144 15.26 21.63 42.39
N LYS H 145 15.25 20.30 42.37
CA LYS H 145 16.37 19.54 42.91
C LYS H 145 17.55 19.47 41.96
N ASN H 146 17.39 19.90 40.71
CA ASN H 146 18.47 19.88 39.73
C ASN H 146 18.96 21.27 39.35
N LEU H 147 18.46 22.31 39.99
CA LEU H 147 18.83 23.68 39.66
C LEU H 147 19.11 24.46 40.94
N LEU H 148 19.95 25.49 40.81
CA LEU H 148 20.35 26.33 41.92
C LEU H 148 20.05 27.79 41.58
N TRP H 149 19.35 28.46 42.48
CA TRP H 149 19.12 29.90 42.36
C TRP H 149 20.21 30.65 43.11
N LEU H 150 20.91 31.53 42.40
CA LEU H 150 22.07 32.20 42.95
C LEU H 150 21.75 33.67 43.20
N THR H 151 22.12 34.15 44.39
CA THR H 151 21.88 35.52 44.80
C THR H 151 23.19 36.14 45.28
N GLY H 152 23.21 37.46 45.32
CA GLY H 152 24.42 38.15 45.75
C GLY H 152 24.72 37.86 47.21
N LYS H 153 26.01 37.72 47.51
CA LYS H 153 26.51 37.56 48.86
C LYS H 153 27.23 38.84 49.27
N ASN H 154 26.96 39.31 50.48
CA ASN H 154 27.57 40.53 51.01
C ASN H 154 27.25 41.73 50.14
N GLY H 155 26.07 41.75 49.54
CA GLY H 155 25.68 42.87 48.70
C GLY H 155 26.35 42.92 47.35
N LEU H 156 27.11 41.90 46.99
CA LEU H 156 27.81 41.84 45.71
C LEU H 156 27.46 40.55 44.99
N TYR H 157 27.33 40.64 43.66
CA TYR H 157 27.13 39.49 42.79
C TYR H 157 28.31 39.44 41.83
N PRO H 158 29.37 38.72 42.15
CA PRO H 158 30.53 38.67 41.25
C PRO H 158 30.20 37.92 39.97
N ASN H 159 30.96 38.24 38.92
CA ASN H 159 30.85 37.48 37.69
C ASN H 159 31.27 36.04 37.93
N LEU H 160 30.61 35.11 37.26
CA LEU H 160 30.96 33.71 37.35
C LEU H 160 31.19 33.14 35.96
N SER H 161 32.24 32.33 35.84
CA SER H 161 32.59 31.68 34.59
C SER H 161 33.04 30.26 34.94
N LYS H 162 32.09 29.34 34.96
CA LYS H 162 32.37 27.94 35.26
C LYS H 162 32.38 27.10 33.99
N SER H 163 32.89 25.89 34.13
CA SER H 163 33.06 25.01 32.99
C SER H 163 33.00 23.57 33.45
N TYR H 164 32.72 22.68 32.50
CA TYR H 164 32.79 21.25 32.76
C TYR H 164 33.13 20.53 31.47
N ALA H 165 34.07 19.59 31.56
CA ALA H 165 34.49 18.80 30.41
C ALA H 165 33.89 17.41 30.48
N ASN H 166 33.23 17.00 29.41
CA ASN H 166 32.60 15.68 29.36
C ASN H 166 33.68 14.60 29.33
N ASN H 167 33.74 13.79 30.39
CA ASN H 167 34.73 12.72 30.49
C ASN H 167 34.08 11.36 30.72
N LYS H 168 32.77 11.25 30.54
CA LYS H 168 32.05 10.00 30.76
C LYS H 168 31.87 9.19 29.49
N GLU H 169 32.41 9.66 28.36
CA GLU H 169 32.34 8.98 27.07
C GLU H 169 30.92 8.77 26.59
N LYS H 170 29.95 9.44 27.19
CA LYS H 170 28.55 9.35 26.77
C LYS H 170 27.94 10.74 26.81
N GLU H 171 26.84 10.90 26.07
CA GLU H 171 26.19 12.19 25.99
C GLU H 171 25.67 12.61 27.37
N VAL H 172 25.73 13.91 27.65
CA VAL H 172 25.30 14.45 28.94
C VAL H 172 24.30 15.56 28.68
N LEU H 173 23.12 15.45 29.28
CA LEU H 173 22.08 16.46 29.13
C LEU H 173 22.22 17.48 30.25
N VAL H 174 22.39 18.75 29.88
CA VAL H 174 22.60 19.83 30.83
C VAL H 174 21.41 20.76 30.76
N LEU H 175 20.82 21.04 31.92
CA LEU H 175 19.65 21.90 32.04
C LEU H 175 20.00 23.10 32.89
N TRP H 176 19.62 24.29 32.42
CA TRP H 176 19.79 25.50 33.19
C TRP H 176 18.58 26.39 32.96
N GLY H 177 18.62 27.58 33.54
CA GLY H 177 17.52 28.51 33.38
C GLY H 177 18.01 29.94 33.48
N VAL H 178 17.22 30.85 32.92
CA VAL H 178 17.46 32.28 33.02
C VAL H 178 16.24 32.91 33.65
N HIS H 179 16.46 33.68 34.71
CA HIS H 179 15.38 34.32 35.45
C HIS H 179 15.00 35.64 34.80
N HIS H 180 13.71 35.98 34.90
CA HIS H 180 13.17 37.24 34.41
C HIS H 180 12.33 37.84 35.54
N PRO H 181 12.88 38.77 36.30
CA PRO H 181 12.20 39.23 37.52
C PRO H 181 10.95 40.03 37.20
N PRO H 182 10.00 40.10 38.13
CA PRO H 182 8.76 40.83 37.85
C PRO H 182 8.97 42.29 37.59
N ASN H 183 9.94 42.91 38.25
CA ASN H 183 10.18 44.34 38.14
C ASN H 183 11.66 44.61 38.27
N ILE H 184 12.06 45.81 37.85
CA ILE H 184 13.46 46.19 37.93
C ILE H 184 13.91 46.29 39.38
N GLY H 185 12.99 46.64 40.29
CA GLY H 185 13.34 46.68 41.69
C GLY H 185 13.80 45.34 42.22
N ASP H 186 13.07 44.28 41.88
CA ASP H 186 13.51 42.94 42.27
C ASP H 186 14.82 42.58 41.60
N GLN H 187 15.04 43.06 40.37
CA GLN H 187 16.30 42.78 39.69
C GLN H 187 17.48 43.34 40.45
N ARG H 188 17.36 44.58 40.94
CA ARG H 188 18.44 45.12 41.77
C ARG H 188 18.50 44.42 43.12
N ALA H 189 17.35 44.15 43.74
CA ALA H 189 17.35 43.58 45.08
C ALA H 189 17.90 42.16 45.10
N LEU H 190 17.90 41.48 43.96
CA LEU H 190 18.36 40.10 43.89
C LEU H 190 19.75 39.96 43.29
N TYR H 191 20.14 40.88 42.41
CA TYR H 191 21.41 40.77 41.70
C TYR H 191 22.25 42.03 41.69
N HIS H 192 21.68 43.18 42.04
CA HIS H 192 22.40 44.46 42.10
C HIS H 192 23.00 44.82 40.75
N LYS H 193 22.14 44.90 39.73
CA LYS H 193 22.60 45.28 38.40
C LYS H 193 21.40 45.64 37.53
N GLU H 194 21.50 46.76 36.82
CA GLU H 194 20.40 47.20 35.97
C GLU H 194 20.16 46.21 34.84
N ASN H 195 21.23 45.79 34.19
CA ASN H 195 21.14 44.81 33.10
C ASN H 195 22.14 43.70 33.35
N ALA H 196 21.76 42.48 32.99
CA ALA H 196 22.59 41.31 33.20
C ALA H 196 22.80 40.59 31.88
N TYR H 197 23.50 39.47 31.94
CA TYR H 197 23.73 38.66 30.75
C TYR H 197 24.13 37.26 31.17
N VAL H 198 23.66 36.27 30.41
CA VAL H 198 24.10 34.89 30.56
C VAL H 198 24.61 34.45 29.20
N SER H 199 25.64 33.62 29.20
CA SER H 199 26.25 33.14 27.96
C SER H 199 26.66 31.70 28.17
N VAL H 200 26.03 30.78 27.46
CA VAL H 200 26.36 29.37 27.54
C VAL H 200 27.00 28.98 26.21
N VAL H 201 28.25 28.53 26.26
CA VAL H 201 29.01 28.23 25.05
C VAL H 201 29.62 26.84 25.17
N SER H 202 29.45 26.03 24.14
CA SER H 202 30.10 24.74 24.06
C SER H 202 30.82 24.63 22.73
N SER H 203 31.27 23.43 22.37
CA SER H 203 31.98 23.25 21.11
C SER H 203 31.10 23.60 19.92
N HIS H 204 29.85 23.16 19.93
CA HIS H 204 28.95 23.39 18.80
C HIS H 204 27.60 23.94 19.27
N TYR H 205 27.58 24.66 20.39
CA TYR H 205 26.37 25.31 20.87
C TYR H 205 26.80 26.59 21.56
N SER H 206 26.22 27.72 21.17
CA SER H 206 26.61 29.01 21.71
C SER H 206 25.38 29.91 21.73
N ARG H 207 25.04 30.43 22.90
CA ARG H 207 23.86 31.26 23.04
C ARG H 207 24.09 32.30 24.12
N LYS H 208 23.46 33.46 23.94
CA LYS H 208 23.52 34.57 24.88
C LYS H 208 22.12 35.02 25.21
N PHE H 209 21.79 34.99 26.50
CA PHE H 209 20.48 35.34 27.00
C PHE H 209 20.57 36.65 27.78
N THR H 210 19.52 37.46 27.65
CA THR H 210 19.43 38.77 28.28
C THR H 210 18.14 38.85 29.07
N PRO H 211 18.16 39.51 30.23
CA PRO H 211 16.92 39.67 31.01
C PRO H 211 15.84 40.37 30.20
N GLU H 212 14.60 39.99 30.47
CA GLU H 212 13.42 40.50 29.77
C GLU H 212 12.42 41.06 30.76
N ILE H 213 12.90 41.93 31.64
CA ILE H 213 12.11 42.48 32.74
C ILE H 213 10.83 43.10 32.18
N ALA H 214 9.68 42.58 32.61
CA ALA H 214 8.40 43.08 32.19
C ALA H 214 7.33 42.47 33.08
N LYS H 215 6.35 43.29 33.46
CA LYS H 215 5.23 42.79 34.25
C LYS H 215 4.45 41.76 33.44
N ARG H 216 4.13 40.64 34.07
CA ARG H 216 3.46 39.53 33.40
C ARG H 216 2.30 39.06 34.23
N PRO H 217 1.29 38.46 33.60
CA PRO H 217 0.12 37.99 34.36
C PRO H 217 0.50 36.99 35.45
N LYS H 218 -0.21 37.09 36.56
CA LYS H 218 0.11 36.31 37.76
C LYS H 218 -0.23 34.84 37.52
N VAL H 219 0.71 33.96 37.82
CA VAL H 219 0.50 32.52 37.71
C VAL H 219 1.20 31.83 38.88
N ARG H 220 0.47 30.95 39.56
CA ARG H 220 1.03 30.09 40.61
C ARG H 220 1.74 30.90 41.69
N ASP H 221 1.11 32.02 42.07
CA ASP H 221 1.64 32.90 43.13
C ASP H 221 3.04 33.41 42.78
N GLN H 222 3.28 33.70 41.50
CA GLN H 222 4.54 34.29 41.07
C GLN H 222 4.29 35.10 39.81
N GLU H 223 5.04 36.20 39.67
CA GLU H 223 4.94 37.10 38.53
C GLU H 223 6.17 37.07 37.64
N GLY H 224 7.36 36.98 38.21
CA GLY H 224 8.54 36.76 37.40
C GLY H 224 8.59 35.35 36.86
N ARG H 225 9.24 35.18 35.72
CA ARG H 225 9.22 33.92 35.00
C ARG H 225 10.63 33.43 34.71
N ILE H 226 10.84 32.12 34.84
CA ILE H 226 12.12 31.49 34.56
C ILE H 226 12.01 30.73 33.25
N ASN H 227 12.92 31.01 32.32
CA ASN H 227 12.96 30.31 31.05
C ASN H 227 13.98 29.20 31.12
N TYR H 228 13.55 27.97 30.85
CA TYR H 228 14.36 26.78 31.03
C TYR H 228 14.96 26.36 29.71
N TYR H 229 16.26 26.10 29.71
CA TYR H 229 16.99 25.72 28.52
C TYR H 229 17.80 24.46 28.78
N TRP H 230 18.13 23.76 27.71
CA TRP H 230 18.86 22.51 27.83
C TRP H 230 19.76 22.32 26.62
N THR H 231 20.75 21.44 26.78
CA THR H 231 21.65 21.09 25.69
C THR H 231 22.19 19.70 25.90
N LEU H 232 22.75 19.13 24.83
CA LEU H 232 23.38 17.82 24.85
C LEU H 232 24.87 17.99 24.59
N LEU H 233 25.67 17.73 25.62
CA LEU H 233 27.11 17.70 25.50
C LEU H 233 27.53 16.36 24.94
N GLU H 234 28.22 16.38 23.80
CA GLU H 234 28.78 15.18 23.23
C GLU H 234 29.97 14.72 24.07
N PRO H 235 30.32 13.45 24.00
CA PRO H 235 31.47 12.96 24.77
C PRO H 235 32.75 13.67 24.35
N GLY H 236 33.64 13.88 25.33
CA GLY H 236 34.88 14.58 25.08
C GLY H 236 34.69 16.03 24.70
N ASP H 237 33.80 16.73 25.38
CA ASP H 237 33.49 18.12 25.07
C ASP H 237 33.35 18.90 26.36
N THR H 238 33.44 20.23 26.23
CA THR H 238 33.43 21.12 27.37
C THR H 238 32.33 22.17 27.20
N ILE H 239 31.60 22.43 28.26
CA ILE H 239 30.59 23.47 28.32
C ILE H 239 31.08 24.55 29.26
N ILE H 240 30.71 25.80 28.95
CA ILE H 240 31.15 26.95 29.73
C ILE H 240 29.95 27.85 29.98
N PHE H 241 29.69 28.13 31.25
CA PHE H 241 28.66 29.06 31.67
C PHE H 241 29.34 30.35 32.12
N GLU H 242 28.92 31.46 31.53
CA GLU H 242 29.33 32.78 31.98
C GLU H 242 28.09 33.57 32.35
N ALA H 243 28.15 34.29 33.46
CA ALA H 243 27.01 35.09 33.84
C ALA H 243 27.47 36.16 34.81
N ASN H 244 26.78 37.29 34.76
CA ASN H 244 26.87 38.29 35.80
C ASN H 244 25.55 38.51 36.51
N GLY H 245 24.51 37.79 36.12
CA GLY H 245 23.23 37.85 36.80
C GLY H 245 22.18 36.99 36.14
N ASN H 246 21.18 36.59 36.92
CA ASN H 246 20.03 35.83 36.45
C ASN H 246 20.46 34.50 35.81
N LEU H 247 21.07 33.65 36.61
CA LEU H 247 21.43 32.31 36.20
C LEU H 247 20.87 31.32 37.21
N ILE H 248 20.04 30.41 36.73
CA ILE H 248 19.59 29.27 37.52
C ILE H 248 20.51 28.13 37.12
N ALA H 249 21.59 27.97 37.87
CA ALA H 249 22.67 27.10 37.47
C ALA H 249 22.28 25.64 37.56
N PRO H 250 22.94 24.77 36.82
CA PRO H 250 22.68 23.34 36.95
C PRO H 250 23.34 22.76 38.19
N ARG H 251 22.66 21.80 38.80
CA ARG H 251 23.22 21.01 39.89
C ARG H 251 23.38 19.54 39.53
N TYR H 252 22.46 19.01 38.72
CA TYR H 252 22.48 17.60 38.33
C TYR H 252 22.36 17.50 36.82
N ALA H 253 23.25 16.76 36.20
CA ALA H 253 23.16 16.41 34.80
C ALA H 253 22.85 14.94 34.66
N PHE H 254 22.62 14.51 33.43
CA PHE H 254 22.22 13.13 33.16
C PHE H 254 23.12 12.54 32.10
N ALA H 255 23.63 11.33 32.34
CA ALA H 255 24.46 10.63 31.37
C ALA H 255 23.58 9.69 30.57
N LEU H 256 23.11 10.16 29.43
CA LEU H 256 22.13 9.42 28.66
C LEU H 256 22.76 8.19 28.02
N SER H 257 22.13 7.04 28.22
CA SER H 257 22.47 5.81 27.51
C SER H 257 21.32 5.47 26.59
N ARG H 258 21.58 5.49 25.29
CA ARG H 258 20.52 5.43 24.28
C ARG H 258 20.32 3.99 23.81
N GLY H 259 19.06 3.55 23.84
CA GLY H 259 18.70 2.23 23.36
C GLY H 259 17.32 2.24 22.74
N PHE H 260 17.18 1.58 21.59
CA PHE H 260 15.92 1.58 20.87
C PHE H 260 14.88 0.74 21.60
N GLY H 261 13.61 1.03 21.33
CA GLY H 261 12.51 0.28 21.90
C GLY H 261 11.91 0.90 23.14
N SER H 262 11.57 2.18 23.07
CA SER H 262 10.98 2.88 24.20
C SER H 262 10.03 3.95 23.67
N GLY H 263 9.55 4.80 24.57
CA GLY H 263 8.64 5.85 24.19
C GLY H 263 7.95 6.42 25.40
N ILE H 264 7.09 7.39 25.14
CA ILE H 264 6.29 8.04 26.18
C ILE H 264 4.82 7.88 25.79
N ILE H 265 4.02 7.32 26.70
CA ILE H 265 2.61 7.08 26.43
C ILE H 265 1.78 7.67 27.57
N ASN H 266 0.55 8.02 27.25
CA ASN H 266 -0.41 8.56 28.20
C ASN H 266 -1.46 7.50 28.48
N SER H 267 -1.58 7.11 29.74
CA SER H 267 -2.48 6.02 30.11
C SER H 267 -2.89 6.18 31.56
N ASN H 268 -4.11 5.71 31.87
CA ASN H 268 -4.66 5.74 33.21
C ASN H 268 -4.68 4.36 33.86
N ALA H 269 -4.18 3.34 33.17
CA ALA H 269 -4.26 1.98 33.68
C ALA H 269 -3.34 1.78 34.88
N PRO H 270 -3.66 0.86 35.77
CA PRO H 270 -2.77 0.53 36.88
C PRO H 270 -1.61 -0.33 36.41
N MET H 271 -0.61 -0.44 37.28
CA MET H 271 0.62 -1.18 37.00
C MET H 271 0.56 -2.53 37.69
N ASP H 272 0.67 -3.60 36.91
CA ASP H 272 0.76 -4.95 37.42
C ASP H 272 2.19 -5.44 37.34
N GLU H 273 2.40 -6.73 37.59
CA GLU H 273 3.71 -7.35 37.56
C GLU H 273 3.80 -8.38 36.44
N CYS H 274 3.26 -8.04 35.27
CA CYS H 274 3.22 -8.97 34.16
C CYS H 274 4.59 -9.06 33.50
N ASP H 275 4.69 -9.94 32.51
CA ASP H 275 5.82 -10.00 31.59
C ASP H 275 5.22 -10.07 30.18
N ALA H 276 4.91 -8.90 29.62
CA ALA H 276 4.20 -8.81 28.36
C ALA H 276 5.17 -8.53 27.22
N LYS H 277 4.68 -8.70 25.99
CA LYS H 277 5.45 -8.40 24.80
C LYS H 277 5.00 -7.15 24.08
N CYS H 278 3.77 -6.69 24.31
CA CYS H 278 3.26 -5.48 23.70
C CYS H 278 2.51 -4.68 24.75
N GLN H 279 2.58 -3.36 24.64
CA GLN H 279 1.90 -2.48 25.58
C GLN H 279 1.22 -1.35 24.83
N THR H 280 -0.07 -1.16 25.08
CA THR H 280 -0.86 -0.07 24.57
C THR H 280 -1.40 0.74 25.74
N PRO H 281 -1.75 2.01 25.52
CA PRO H 281 -2.25 2.82 26.64
C PRO H 281 -3.48 2.23 27.31
N GLN H 282 -4.30 1.48 26.59
CA GLN H 282 -5.44 0.82 27.22
C GLN H 282 -5.06 -0.46 27.96
N GLY H 283 -3.88 -0.99 27.71
CA GLY H 283 -3.47 -2.23 28.33
C GLY H 283 -2.55 -3.02 27.42
N ALA H 284 -2.04 -4.11 27.97
CA ALA H 284 -1.06 -4.92 27.26
C ALA H 284 -1.74 -5.99 26.42
N ILE H 285 -1.03 -6.43 25.38
CA ILE H 285 -1.50 -7.47 24.48
C ILE H 285 -0.47 -8.59 24.44
N ASN H 286 -0.93 -9.82 24.59
CA ASN H 286 -0.08 -11.02 24.52
C ASN H 286 -0.68 -11.95 23.47
N SER H 287 -0.26 -11.75 22.23
CA SER H 287 -0.77 -12.54 21.11
C SER H 287 0.21 -12.48 19.96
N SER H 288 0.28 -13.59 19.23
CA SER H 288 1.10 -13.68 18.03
C SER H 288 0.31 -13.39 16.76
N LEU H 289 -0.95 -12.98 16.90
CA LEU H 289 -1.77 -12.66 15.74
C LEU H 289 -1.20 -11.45 15.00
N PRO H 290 -1.40 -11.37 13.68
CA PRO H 290 -0.73 -10.33 12.90
C PRO H 290 -1.34 -8.94 13.03
N PHE H 291 -2.60 -8.80 13.44
CA PHE H 291 -3.26 -7.51 13.46
C PHE H 291 -3.85 -7.22 14.82
N GLN H 292 -4.29 -5.98 14.99
CA GLN H 292 -4.92 -5.51 16.22
C GLN H 292 -5.86 -4.37 15.87
N ASN H 293 -6.83 -4.12 16.75
CA ASN H 293 -7.64 -2.93 16.64
C ASN H 293 -7.79 -2.23 17.98
N VAL H 294 -6.84 -2.44 18.88
CA VAL H 294 -6.90 -1.83 20.20
C VAL H 294 -6.49 -0.37 20.15
N HIS H 295 -5.25 -0.11 19.77
CA HIS H 295 -4.74 1.25 19.77
C HIS H 295 -3.62 1.40 18.75
N PRO H 296 -3.57 2.50 18.02
CA PRO H 296 -2.42 2.72 17.13
C PRO H 296 -1.09 2.80 17.86
N VAL H 297 -1.07 3.34 19.07
CA VAL H 297 0.17 3.50 19.83
C VAL H 297 0.52 2.16 20.45
N THR H 298 1.73 1.69 20.18
CA THR H 298 2.19 0.40 20.69
C THR H 298 3.67 0.50 21.05
N ILE H 299 4.08 -0.34 22.01
CA ILE H 299 5.48 -0.47 22.40
C ILE H 299 5.80 -1.96 22.45
N GLY H 300 6.87 -2.35 21.78
CA GLY H 300 7.28 -3.74 21.73
C GLY H 300 6.88 -4.42 20.43
N GLU H 301 7.09 -5.74 20.41
CA GLU H 301 6.77 -6.55 19.24
C GLU H 301 5.27 -6.71 19.10
N CYS H 302 4.63 -5.77 18.40
CA CYS H 302 3.18 -5.66 18.42
C CYS H 302 2.58 -5.96 17.05
N PRO H 303 1.34 -6.43 17.01
CA PRO H 303 0.67 -6.61 15.73
C PRO H 303 0.35 -5.29 15.07
N LYS H 304 0.11 -5.35 13.76
CA LYS H 304 -0.15 -4.16 12.97
C LYS H 304 -1.55 -3.64 13.23
N TYR H 305 -1.67 -2.35 13.51
CA TYR H 305 -2.97 -1.77 13.81
C TYR H 305 -3.81 -1.64 12.54
N VAL H 306 -5.05 -2.10 12.61
CA VAL H 306 -6.01 -1.96 11.53
C VAL H 306 -7.31 -1.45 12.10
N ARG H 307 -8.11 -0.84 11.25
CA ARG H 307 -9.38 -0.25 11.67
C ARG H 307 -10.56 -1.20 11.53
N SER H 308 -10.31 -2.44 11.09
CA SER H 308 -11.40 -3.40 10.93
C SER H 308 -11.89 -3.87 12.29
N ALA H 309 -13.08 -4.48 12.27
CA ALA H 309 -13.65 -5.10 13.45
C ALA H 309 -13.73 -6.62 13.33
N LYS H 310 -13.38 -7.17 12.18
CA LYS H 310 -13.45 -8.62 11.99
C LYS H 310 -12.55 -8.99 10.82
N LEU H 311 -11.51 -9.79 11.09
CA LEU H 311 -10.63 -10.36 10.07
C LEU H 311 -10.58 -11.85 10.34
N ARG H 312 -11.53 -12.59 9.78
CA ARG H 312 -11.62 -14.03 9.95
C ARG H 312 -11.29 -14.71 8.64
N MET H 313 -10.31 -15.61 8.67
CA MET H 313 -9.89 -16.34 7.49
C MET H 313 -10.40 -17.77 7.57
N VAL H 314 -11.09 -18.22 6.55
CA VAL H 314 -11.67 -19.55 6.55
C VAL H 314 -10.60 -20.58 6.27
N THR H 315 -10.61 -21.67 7.05
CA THR H 315 -9.77 -22.82 6.78
C THR H 315 -10.57 -24.05 6.37
N GLY H 316 -11.89 -24.01 6.49
CA GLY H 316 -12.72 -25.16 6.21
C GLY H 316 -13.68 -24.97 5.07
N LEU H 317 -14.73 -25.78 5.03
CA LEU H 317 -15.68 -25.78 3.94
C LEU H 317 -16.91 -24.94 4.29
N ARG H 318 -17.81 -24.84 3.33
CA ARG H 318 -19.13 -24.31 3.61
C ARG H 318 -19.88 -25.29 4.49
N ASN H 319 -20.57 -24.77 5.50
CA ASN H 319 -21.32 -25.60 6.44
C ASN H 319 -22.75 -25.73 5.93
N ILE H 320 -23.08 -26.90 5.37
CA ILE H 320 -24.42 -27.17 4.88
C ILE H 320 -24.91 -28.47 5.52
N PRO H 321 -25.37 -28.44 6.78
CA PRO H 321 -25.90 -29.62 7.44
C PRO H 321 -27.41 -29.69 7.45
N ASP I 1 -3.51 -48.82 -31.65
CA ASP I 1 -3.02 -47.46 -31.88
C ASP I 1 -3.47 -46.55 -30.75
N THR I 2 -2.53 -45.80 -30.18
CA THR I 2 -2.78 -44.97 -29.02
C THR I 2 -2.38 -43.53 -29.31
N ILE I 3 -3.03 -42.61 -28.62
CA ILE I 3 -2.62 -41.21 -28.59
C ILE I 3 -2.73 -40.73 -27.15
N CYS I 4 -1.68 -40.10 -26.65
CA CYS I 4 -1.63 -39.66 -25.27
C CYS I 4 -1.50 -38.15 -25.21
N ILE I 5 -1.99 -37.57 -24.12
CA ILE I 5 -1.94 -36.14 -23.88
C ILE I 5 -1.10 -35.90 -22.63
N GLY I 6 -0.12 -35.02 -22.73
CA GLY I 6 0.75 -34.76 -21.60
C GLY I 6 1.39 -33.39 -21.65
N TYR I 7 2.35 -33.15 -20.78
CA TYR I 7 3.01 -31.85 -20.74
C TYR I 7 4.52 -32.00 -20.82
N HIS I 8 5.21 -30.91 -20.56
CA HIS I 8 6.64 -30.76 -20.81
C HIS I 8 7.41 -30.79 -19.51
N ALA I 9 8.52 -31.54 -19.50
CA ALA I 9 9.43 -31.59 -18.37
C ALA I 9 10.85 -31.39 -18.87
N ASN I 10 11.69 -30.79 -18.03
CA ASN I 10 13.09 -30.56 -18.37
C ASN I 10 13.94 -30.76 -17.12
N ASN I 11 15.20 -30.32 -17.21
CA ASN I 11 16.16 -30.48 -16.12
C ASN I 11 16.35 -29.20 -15.32
N SER I 12 15.38 -28.30 -15.36
CA SER I 12 15.51 -27.04 -14.64
C SER I 12 15.47 -27.26 -13.14
N THR I 13 16.31 -26.53 -12.42
CA THR I 13 16.30 -26.51 -10.96
C THR I 13 15.64 -25.26 -10.41
N ASP I 14 14.97 -24.48 -11.25
CA ASP I 14 14.34 -23.25 -10.81
C ASP I 14 13.18 -23.55 -9.87
N THR I 15 13.09 -22.76 -8.79
CA THR I 15 12.09 -22.96 -7.76
C THR I 15 11.33 -21.68 -7.52
N VAL I 16 10.04 -21.81 -7.23
CA VAL I 16 9.18 -20.69 -6.92
C VAL I 16 8.39 -21.03 -5.66
N ASP I 17 7.84 -20.00 -5.04
CA ASP I 17 6.99 -20.14 -3.87
C ASP I 17 5.55 -19.83 -4.24
N THR I 18 4.65 -20.73 -3.90
CA THR I 18 3.22 -20.55 -4.09
C THR I 18 2.53 -20.52 -2.74
N VAL I 19 1.25 -20.14 -2.74
CA VAL I 19 0.52 -20.06 -1.48
C VAL I 19 0.30 -21.45 -0.90
N LEU I 20 0.07 -22.44 -1.75
CA LEU I 20 -0.23 -23.78 -1.29
C LEU I 20 0.99 -24.68 -1.15
N GLU I 21 2.14 -24.31 -1.71
CA GLU I 21 3.34 -25.12 -1.58
C GLU I 21 4.57 -24.23 -1.70
N LYS I 22 5.60 -24.54 -0.91
CA LYS I 22 6.87 -23.86 -0.95
C LYS I 22 7.89 -24.67 -1.74
N ASN I 23 8.81 -23.96 -2.39
CA ASN I 23 9.92 -24.57 -3.11
C ASN I 23 9.41 -25.55 -4.17
N VAL I 24 8.64 -25.02 -5.12
CA VAL I 24 8.07 -25.80 -6.21
C VAL I 24 8.99 -25.66 -7.41
N THR I 25 9.50 -26.78 -7.90
CA THR I 25 10.35 -26.76 -9.07
C THR I 25 9.51 -26.55 -10.32
N VAL I 26 9.92 -25.61 -11.16
CA VAL I 26 9.15 -25.23 -12.34
C VAL I 26 10.02 -25.33 -13.57
N THR I 27 9.37 -25.54 -14.71
CA THR I 27 10.09 -25.66 -15.98
C THR I 27 10.73 -24.33 -16.38
N HIS I 28 9.97 -23.25 -16.31
CA HIS I 28 10.44 -21.93 -16.71
C HIS I 28 10.09 -20.92 -15.65
N SER I 29 10.90 -19.88 -15.54
CA SER I 29 10.71 -18.85 -14.53
C SER I 29 11.41 -17.58 -14.98
N VAL I 30 11.04 -16.46 -14.35
CA VAL I 30 11.65 -15.17 -14.62
C VAL I 30 11.93 -14.49 -13.29
N ASN I 31 13.12 -13.94 -13.14
CA ASN I 31 13.51 -13.23 -11.93
C ASN I 31 13.17 -11.75 -12.07
N LEU I 32 12.46 -11.21 -11.07
CA LEU I 32 12.11 -9.81 -11.04
C LEU I 32 12.98 -8.99 -10.10
N LEU I 33 13.98 -9.60 -9.48
CA LEU I 33 14.82 -8.94 -8.49
C LEU I 33 16.22 -8.76 -9.05
N GLU I 34 16.77 -7.58 -8.84
CA GLU I 34 18.14 -7.27 -9.23
C GLU I 34 19.00 -7.22 -7.98
N ASP I 35 20.01 -8.08 -7.92
CA ASP I 35 20.91 -8.17 -6.78
C ASP I 35 22.32 -7.71 -7.11
N SER I 36 22.88 -8.18 -8.21
CA SER I 36 24.24 -7.84 -8.57
C SER I 36 24.31 -6.41 -9.11
N HIS I 37 25.52 -5.86 -9.09
CA HIS I 37 25.77 -4.50 -9.55
C HIS I 37 27.18 -4.42 -10.10
N ASN I 38 27.53 -3.25 -10.62
CA ASN I 38 28.87 -3.03 -11.17
C ASN I 38 29.89 -3.03 -10.04
N GLY I 39 29.65 -2.26 -8.99
CA GLY I 39 30.59 -2.08 -7.91
C GLY I 39 31.36 -0.78 -7.94
N LYS I 40 31.26 -0.02 -9.02
CA LYS I 40 32.02 1.21 -9.20
C LYS I 40 31.07 2.35 -9.55
N LEU I 41 31.40 3.54 -9.05
CA LEU I 41 30.66 4.74 -9.41
C LEU I 41 30.88 5.06 -10.88
N CYS I 42 29.82 5.02 -11.66
CA CYS I 42 29.91 5.22 -13.10
C CYS I 42 29.10 6.43 -13.52
N ARG I 43 29.41 6.92 -14.72
CA ARG I 43 28.75 8.10 -15.27
C ARG I 43 27.26 7.87 -15.41
N LEU I 44 26.51 8.96 -15.51
CA LEU I 44 25.05 8.90 -15.56
C LEU I 44 24.57 9.85 -16.64
N LYS I 45 24.04 9.29 -17.73
CA LYS I 45 23.52 10.08 -18.84
C LYS I 45 24.60 10.98 -19.45
N GLY I 46 25.84 10.53 -19.39
CA GLY I 46 26.93 11.23 -20.07
C GLY I 46 27.58 12.36 -19.31
N ILE I 47 27.16 12.63 -18.08
CA ILE I 47 27.77 13.66 -17.24
C ILE I 47 28.43 12.98 -16.05
N ALA I 48 29.70 13.28 -15.84
CA ALA I 48 30.46 12.66 -14.76
C ALA I 48 29.98 13.19 -13.41
N PRO I 49 30.12 12.40 -12.35
CA PRO I 49 29.80 12.90 -11.01
C PRO I 49 30.85 13.89 -10.53
N LEU I 50 30.70 14.38 -9.30
CA LEU I 50 31.64 15.35 -8.74
C LEU I 50 32.10 14.79 -7.41
N GLN I 51 33.22 14.06 -7.44
CA GLN I 51 33.75 13.44 -6.23
C GLN I 51 34.47 14.47 -5.38
N LEU I 52 33.96 14.70 -4.18
CA LEU I 52 34.53 15.71 -3.31
C LEU I 52 35.92 15.35 -2.81
N GLY I 53 36.21 14.06 -2.61
CA GLY I 53 37.45 13.70 -1.97
C GLY I 53 37.31 13.82 -0.46
N ASN I 54 38.36 14.32 0.18
CA ASN I 54 38.33 14.46 1.63
C ASN I 54 37.53 15.67 2.10
N CYS I 55 37.29 16.65 1.23
CA CYS I 55 36.60 17.86 1.63
C CYS I 55 35.10 17.70 1.48
N SER I 56 34.36 18.18 2.47
CA SER I 56 32.91 18.05 2.52
C SER I 56 32.25 19.14 1.67
N VAL I 57 30.91 19.15 1.70
CA VAL I 57 30.16 20.13 0.93
C VAL I 57 30.45 21.54 1.44
N ALA I 58 30.62 21.69 2.75
CA ALA I 58 31.02 22.99 3.28
C ALA I 58 32.38 23.40 2.78
N GLY I 59 33.33 22.47 2.75
CA GLY I 59 34.66 22.79 2.25
C GLY I 59 34.67 23.10 0.76
N TRP I 60 33.89 22.35 -0.01
CA TRP I 60 33.81 22.61 -1.44
C TRP I 60 33.14 23.94 -1.72
N ILE I 61 32.09 24.28 -0.97
CA ILE I 61 31.32 25.49 -1.22
C ILE I 61 32.10 26.73 -0.76
N LEU I 62 32.75 26.64 0.40
CA LEU I 62 33.57 27.75 0.87
C LEU I 62 34.91 27.83 0.17
N GLY I 63 35.31 26.81 -0.57
CA GLY I 63 36.61 26.81 -1.20
C GLY I 63 37.73 26.51 -0.23
N ASN I 64 37.72 25.31 0.33
CA ASN I 64 38.75 24.93 1.30
C ASN I 64 40.12 25.00 0.64
N PRO I 65 41.12 25.57 1.31
CA PRO I 65 42.44 25.71 0.67
C PRO I 65 43.11 24.39 0.38
N GLU I 66 42.68 23.30 1.00
CA GLU I 66 43.31 22.01 0.81
C GLU I 66 42.63 21.15 -0.26
N CYS I 67 41.65 21.70 -0.98
CA CYS I 67 41.06 20.98 -2.09
C CYS I 67 40.55 22.00 -3.11
N GLU I 68 41.22 22.05 -4.26
CA GLU I 68 40.87 22.98 -5.33
C GLU I 68 40.55 22.29 -6.65
N LEU I 69 40.77 20.99 -6.77
CA LEU I 69 40.50 20.30 -8.01
C LEU I 69 39.02 20.27 -8.37
N LEU I 70 38.13 20.62 -7.44
CA LEU I 70 36.71 20.70 -7.74
C LEU I 70 36.29 22.03 -8.34
N ILE I 71 37.16 23.04 -8.33
CA ILE I 71 36.77 24.36 -8.80
C ILE I 71 36.51 24.35 -10.30
N SER I 72 37.31 23.60 -11.05
CA SER I 72 37.12 23.54 -12.50
C SER I 72 35.77 22.94 -12.85
N ARG I 73 35.34 21.90 -12.14
CA ARG I 73 34.11 21.22 -12.47
C ARG I 73 32.90 22.11 -12.16
N GLU I 74 31.99 22.22 -13.14
CA GLU I 74 30.81 23.05 -13.01
C GLU I 74 29.56 22.35 -13.51
N SER I 75 29.62 21.05 -13.76
CA SER I 75 28.46 20.29 -14.17
C SER I 75 28.62 18.86 -13.68
N TRP I 76 27.55 18.29 -13.13
CA TRP I 76 27.64 16.96 -12.57
C TRP I 76 26.28 16.29 -12.68
N SER I 77 26.30 14.96 -12.61
CA SER I 77 25.06 14.20 -12.51
C SER I 77 24.66 13.97 -11.06
N TYR I 78 25.63 13.79 -10.18
CA TYR I 78 25.38 13.63 -8.76
C TYR I 78 26.67 13.94 -8.01
N ILE I 79 26.53 14.14 -6.71
CA ILE I 79 27.66 14.50 -5.84
C ILE I 79 27.99 13.29 -4.96
N VAL I 80 29.27 13.01 -4.84
CA VAL I 80 29.76 11.91 -4.02
C VAL I 80 30.56 12.50 -2.87
N GLU I 81 30.25 12.08 -1.66
CA GLU I 81 30.91 12.53 -0.45
C GLU I 81 31.40 11.31 0.33
N LYS I 82 32.43 11.52 1.12
CA LYS I 82 32.86 10.46 2.01
C LYS I 82 31.94 10.38 3.23
N PRO I 83 31.77 9.19 3.81
CA PRO I 83 30.90 9.08 4.98
C PRO I 83 31.34 9.94 6.14
N ASN I 84 32.65 10.11 6.33
CA ASN I 84 33.21 10.93 7.40
C ASN I 84 34.23 11.88 6.79
N PRO I 85 33.78 12.94 6.12
CA PRO I 85 34.72 13.90 5.54
C PRO I 85 35.55 14.59 6.60
N GLU I 86 36.80 14.87 6.27
CA GLU I 86 37.74 15.47 7.22
C GLU I 86 38.19 16.87 6.83
N ASN I 87 38.20 17.21 5.55
CA ASN I 87 38.67 18.52 5.09
C ASN I 87 37.52 19.49 4.91
N GLY I 88 36.79 19.73 5.99
CA GLY I 88 35.59 20.57 5.92
C GLY I 88 35.86 22.04 6.12
N THR I 89 35.29 22.62 7.18
CA THR I 89 35.53 24.01 7.51
C THR I 89 36.84 24.13 8.28
N CYS I 90 37.85 24.73 7.66
CA CYS I 90 39.17 24.79 8.28
C CYS I 90 39.14 25.59 9.58
N TYR I 91 38.57 26.78 9.53
CA TYR I 91 38.43 27.59 10.74
C TYR I 91 37.23 27.10 11.53
N PRO I 92 37.38 26.75 12.80
CA PRO I 92 36.26 26.20 13.56
C PRO I 92 35.13 27.21 13.70
N GLY I 93 33.90 26.71 13.64
CA GLY I 93 32.74 27.57 13.71
C GLY I 93 31.50 26.84 13.25
N HIS I 94 30.38 27.55 13.32
CA HIS I 94 29.07 27.01 12.98
C HIS I 94 28.68 27.43 11.57
N PHE I 95 28.22 26.45 10.79
CA PHE I 95 27.68 26.70 9.46
C PHE I 95 26.17 26.74 9.58
N ALA I 96 25.59 27.92 9.38
CA ALA I 96 24.16 28.09 9.56
C ALA I 96 23.38 27.39 8.44
N ASP I 97 22.35 26.65 8.83
CA ASP I 97 21.45 25.98 7.89
C ASP I 97 22.21 25.09 6.92
N TYR I 98 23.14 24.32 7.46
CA TYR I 98 23.99 23.49 6.62
C TYR I 98 23.18 22.43 5.87
N GLU I 99 22.23 21.81 6.56
CA GLU I 99 21.41 20.78 5.92
C GLU I 99 20.50 21.36 4.85
N GLU I 100 19.98 22.57 5.09
CA GLU I 100 19.18 23.23 4.06
C GLU I 100 20.01 23.53 2.82
N LEU I 101 21.25 23.97 3.02
CA LEU I 101 22.13 24.22 1.87
C LEU I 101 22.42 22.93 1.12
N ARG I 102 22.61 21.83 1.84
CA ARG I 102 22.78 20.55 1.17
C ARG I 102 21.55 20.17 0.36
N GLU I 103 20.36 20.42 0.90
CA GLU I 103 19.14 20.16 0.15
C GLU I 103 19.06 21.02 -1.11
N GLN I 104 19.43 22.29 -1.00
CA GLN I 104 19.39 23.17 -2.17
C GLN I 104 20.38 22.73 -3.23
N LEU I 105 21.60 22.37 -2.81
CA LEU I 105 22.62 21.93 -3.76
C LEU I 105 22.38 20.53 -4.29
N SER I 106 21.50 19.76 -3.67
CA SER I 106 21.12 18.46 -4.21
C SER I 106 20.25 18.58 -5.45
N SER I 107 19.76 19.78 -5.77
CA SER I 107 18.87 19.97 -6.92
C SER I 107 19.45 20.96 -7.93
N VAL I 108 20.76 21.19 -7.90
CA VAL I 108 21.42 22.06 -8.87
C VAL I 108 22.31 21.19 -9.75
N SER I 109 22.24 21.42 -11.06
CA SER I 109 23.02 20.64 -12.02
C SER I 109 24.25 21.37 -12.52
N SER I 110 24.37 22.66 -12.25
CA SER I 110 25.51 23.46 -12.68
C SER I 110 25.42 24.82 -12.00
N PHE I 111 26.57 25.44 -11.79
CA PHE I 111 26.60 26.85 -11.42
C PHE I 111 27.82 27.50 -12.03
N GLU I 112 27.80 28.82 -12.08
CA GLU I 112 28.92 29.63 -12.53
C GLU I 112 29.51 30.36 -11.35
N ARG I 113 30.81 30.23 -11.14
CA ARG I 113 31.50 30.91 -10.07
C ARG I 113 31.98 32.28 -10.56
N PHE I 114 31.43 33.34 -9.97
CA PHE I 114 31.79 34.69 -10.37
C PHE I 114 32.17 35.51 -9.15
N GLU I 115 33.14 36.40 -9.33
CA GLU I 115 33.67 37.23 -8.25
C GLU I 115 32.67 38.34 -7.95
N ILE I 116 31.84 38.12 -6.94
CA ILE I 116 30.80 39.10 -6.62
C ILE I 116 31.41 40.42 -6.18
N PHE I 117 32.43 40.35 -5.31
CA PHE I 117 33.18 41.53 -4.89
C PHE I 117 34.65 41.29 -5.22
N PRO I 118 35.13 41.76 -6.37
CA PRO I 118 36.51 41.47 -6.77
C PRO I 118 37.51 42.03 -5.78
N LYS I 119 38.55 41.24 -5.50
CA LYS I 119 39.49 41.62 -4.46
C LYS I 119 40.26 42.89 -4.85
N GLU I 120 40.65 43.01 -6.11
CA GLU I 120 41.52 44.09 -6.53
C GLU I 120 40.83 45.44 -6.60
N SER I 121 39.49 45.48 -6.59
CA SER I 121 38.81 46.76 -6.80
C SER I 121 37.60 46.92 -5.90
N SER I 122 37.64 46.38 -4.68
CA SER I 122 36.46 46.48 -3.82
C SER I 122 36.73 47.09 -2.46
N TRP I 123 37.86 46.79 -1.83
CA TRP I 123 38.13 47.25 -0.47
C TRP I 123 39.44 48.02 -0.45
N PRO I 124 39.45 49.26 -0.96
CA PRO I 124 40.67 50.07 -0.89
C PRO I 124 40.95 50.61 0.49
N ASN I 125 39.95 50.65 1.36
CA ASN I 125 40.10 51.17 2.71
C ASN I 125 40.40 50.08 3.73
N HIS I 126 40.50 48.82 3.32
CA HIS I 126 40.78 47.72 4.23
C HIS I 126 41.87 46.85 3.63
N THR I 127 42.56 46.11 4.48
CA THR I 127 43.57 45.17 4.02
C THR I 127 42.90 43.83 3.72
N THR I 128 43.06 43.37 2.48
CA THR I 128 42.39 42.17 2.01
C THR I 128 43.31 40.96 2.03
N THR I 129 43.88 40.66 3.20
CA THR I 129 44.79 39.52 3.30
C THR I 129 44.75 38.99 4.73
N GLY I 130 43.93 37.97 4.96
CA GLY I 130 43.86 37.34 6.26
C GLY I 130 44.16 35.86 6.15
N VAL I 131 45.27 35.43 6.75
CA VAL I 131 45.75 34.07 6.64
C VAL I 131 45.69 33.43 8.02
N SER I 132 45.13 32.23 8.09
CA SER I 132 45.01 31.50 9.35
C SER I 132 45.93 30.30 9.34
N ALA I 133 46.48 29.98 10.51
CA ALA I 133 47.33 28.81 10.62
C ALA I 133 46.56 27.51 10.41
N SER I 134 45.28 27.49 10.81
CA SER I 134 44.46 26.31 10.59
C SER I 134 44.28 26.02 9.11
N CYS I 135 44.05 27.06 8.32
CA CYS I 135 43.87 26.91 6.87
C CYS I 135 45.20 27.15 6.21
N SER I 136 45.97 26.07 6.03
CA SER I 136 47.31 26.13 5.49
C SER I 136 47.42 25.25 4.26
N HIS I 137 47.95 25.81 3.18
CA HIS I 137 48.18 25.09 1.93
C HIS I 137 49.68 24.99 1.70
N ASN I 138 50.18 23.76 1.57
CA ASN I 138 51.61 23.50 1.37
C ASN I 138 52.44 24.16 2.47
N GLY I 139 51.93 24.12 3.69
CA GLY I 139 52.62 24.74 4.81
C GLY I 139 52.34 26.23 4.93
N GLU I 140 52.24 26.91 3.80
CA GLU I 140 51.98 28.34 3.82
C GLU I 140 50.58 28.63 4.34
N SER I 141 50.47 29.61 5.23
CA SER I 141 49.18 30.00 5.77
C SER I 141 48.31 30.60 4.68
N SER I 142 47.02 30.25 4.71
CA SER I 142 46.10 30.68 3.68
C SER I 142 44.71 30.83 4.30
N PHE I 143 43.70 30.90 3.45
CA PHE I 143 42.32 31.08 3.86
C PHE I 143 41.42 30.51 2.77
N TYR I 144 40.11 30.57 3.01
CA TYR I 144 39.16 30.10 2.03
C TYR I 144 39.28 30.89 0.73
N LYS I 145 39.09 30.21 -0.40
CA LYS I 145 39.21 30.86 -1.69
C LYS I 145 37.92 31.53 -2.13
N ASN I 146 36.85 31.46 -1.34
CA ASN I 146 35.62 32.16 -1.66
C ASN I 146 35.26 33.25 -0.66
N LEU I 147 36.05 33.43 0.39
CA LEU I 147 35.80 34.44 1.40
C LEU I 147 37.05 35.29 1.57
N LEU I 148 36.86 36.50 2.06
CA LEU I 148 37.94 37.45 2.23
C LEU I 148 37.90 37.99 3.65
N TRP I 149 38.95 37.72 4.43
CA TRP I 149 39.08 38.27 5.77
C TRP I 149 39.51 39.71 5.68
N LEU I 150 38.73 40.60 6.30
CA LEU I 150 38.96 42.04 6.18
C LEU I 150 39.47 42.57 7.51
N THR I 151 40.62 43.24 7.46
CA THR I 151 41.24 43.84 8.62
C THR I 151 41.53 45.30 8.33
N GLY I 152 41.42 46.14 9.36
CA GLY I 152 41.68 47.55 9.16
C GLY I 152 43.12 47.82 8.79
N LYS I 153 43.31 48.85 7.98
CA LYS I 153 44.62 49.30 7.55
C LYS I 153 44.91 50.68 8.12
N ASN I 154 46.20 50.99 8.25
CA ASN I 154 46.64 52.30 8.73
C ASN I 154 46.11 52.60 10.13
N GLY I 155 45.86 51.56 10.92
CA GLY I 155 45.33 51.74 12.25
C GLY I 155 43.85 52.06 12.31
N LEU I 156 43.15 52.02 11.18
CA LEU I 156 41.74 52.36 11.12
C LEU I 156 40.99 51.28 10.37
N TYR I 157 39.78 50.97 10.84
CA TYR I 157 38.85 50.10 10.13
C TYR I 157 37.59 50.94 9.89
N PRO I 158 37.48 51.60 8.75
CA PRO I 158 36.29 52.40 8.46
C PRO I 158 35.07 51.52 8.24
N ASN I 159 33.90 52.12 8.43
CA ASN I 159 32.65 51.44 8.12
C ASN I 159 32.61 51.08 6.64
N LEU I 160 32.04 49.92 6.34
CA LEU I 160 31.88 49.48 4.96
C LEU I 160 30.40 49.22 4.70
N SER I 161 29.96 49.64 3.51
CA SER I 161 28.58 49.45 3.08
C SER I 161 28.62 49.14 1.59
N LYS I 162 28.67 47.86 1.26
CA LYS I 162 28.68 47.44 -0.14
C LYS I 162 27.36 46.81 -0.53
N SER I 163 27.18 46.67 -1.84
CA SER I 163 25.92 46.22 -2.39
C SER I 163 26.16 45.55 -3.73
N TYR I 164 25.31 44.59 -4.06
CA TYR I 164 25.38 43.89 -5.34
C TYR I 164 23.97 43.63 -5.84
N ALA I 165 23.70 43.99 -7.08
CA ALA I 165 22.39 43.79 -7.69
C ALA I 165 22.44 42.57 -8.61
N ASN I 166 21.48 41.67 -8.45
CA ASN I 166 21.46 40.43 -9.23
C ASN I 166 21.14 40.75 -10.68
N ASN I 167 22.12 40.57 -11.56
CA ASN I 167 21.94 40.80 -12.99
C ASN I 167 22.16 39.54 -13.81
N LYS I 168 22.29 38.38 -13.16
CA LYS I 168 22.49 37.13 -13.86
C LYS I 168 21.18 36.46 -14.25
N GLU I 169 20.04 37.04 -13.86
CA GLU I 169 18.70 36.57 -14.19
C GLU I 169 18.39 35.21 -13.56
N LYS I 170 19.26 34.70 -12.70
CA LYS I 170 19.02 33.45 -12.00
C LYS I 170 19.42 33.62 -10.54
N GLU I 171 19.09 32.62 -9.73
CA GLU I 171 19.39 32.69 -8.31
C GLU I 171 20.90 32.69 -8.07
N VAL I 172 21.33 33.44 -7.08
CA VAL I 172 22.74 33.57 -6.75
C VAL I 172 22.92 33.27 -5.26
N LEU I 173 23.82 32.33 -4.95
CA LEU I 173 24.09 31.97 -3.58
C LEU I 173 25.24 32.82 -3.05
N VAL I 174 25.01 33.52 -1.95
CA VAL I 174 25.99 34.41 -1.36
C VAL I 174 26.39 33.85 -0.01
N LEU I 175 27.70 33.78 0.24
CA LEU I 175 28.26 33.17 1.42
C LEU I 175 29.14 34.19 2.12
N TRP I 176 28.96 34.33 3.43
CA TRP I 176 29.81 35.21 4.21
C TRP I 176 29.99 34.61 5.59
N GLY I 177 30.66 35.36 6.45
CA GLY I 177 30.89 34.89 7.81
C GLY I 177 31.11 36.04 8.74
N VAL I 178 30.83 35.78 10.01
CA VAL I 178 31.07 36.74 11.08
C VAL I 178 32.07 36.13 12.05
N HIS I 179 33.12 36.88 12.37
CA HIS I 179 34.22 36.40 13.18
C HIS I 179 34.01 36.77 14.64
N HIS I 180 34.23 35.79 15.52
CA HIS I 180 34.15 35.99 16.98
C HIS I 180 35.54 35.76 17.55
N PRO I 181 36.27 36.83 17.87
CA PRO I 181 37.65 36.67 18.34
C PRO I 181 37.70 36.04 19.71
N PRO I 182 38.82 35.39 20.06
CA PRO I 182 38.90 34.72 21.37
C PRO I 182 38.80 35.64 22.55
N ASN I 183 39.31 36.87 22.43
CA ASN I 183 39.35 37.80 23.55
C ASN I 183 39.16 39.21 23.03
N ILE I 184 38.99 40.16 23.96
CA ILE I 184 38.82 41.55 23.59
C ILE I 184 40.10 42.09 22.97
N GLY I 185 41.26 41.58 23.40
CA GLY I 185 42.51 42.06 22.85
C GLY I 185 42.63 41.79 21.37
N ASP I 186 42.27 40.57 20.94
CA ASP I 186 42.30 40.26 19.53
C ASP I 186 41.31 41.13 18.76
N GLN I 187 40.14 41.38 19.35
CA GLN I 187 39.14 42.21 18.70
C GLN I 187 39.67 43.62 18.46
N ARG I 188 40.32 44.19 19.47
CA ARG I 188 40.86 45.55 19.31
C ARG I 188 42.04 45.58 18.36
N ALA I 189 42.86 44.53 18.36
CA ALA I 189 44.01 44.51 17.46
C ALA I 189 43.62 44.25 16.03
N LEU I 190 42.47 43.61 15.80
CA LEU I 190 42.04 43.26 14.45
C LEU I 190 41.10 44.29 13.86
N TYR I 191 40.31 44.98 14.67
CA TYR I 191 39.28 45.88 14.17
C TYR I 191 39.23 47.24 14.85
N HIS I 192 39.92 47.42 15.98
CA HIS I 192 39.98 48.70 16.68
C HIS I 192 38.60 49.17 17.12
N LYS I 193 37.87 48.29 17.79
CA LYS I 193 36.53 48.63 18.27
C LYS I 193 36.09 47.63 19.31
N GLU I 194 35.54 48.12 20.41
CA GLU I 194 35.09 47.24 21.48
C GLU I 194 33.90 46.40 21.04
N ASN I 195 32.89 47.04 20.45
CA ASN I 195 31.73 46.34 19.92
C ASN I 195 31.62 46.62 18.44
N ALA I 196 31.18 45.63 17.68
CA ALA I 196 31.02 45.74 16.25
C ALA I 196 29.64 45.27 15.87
N TYR I 197 29.28 45.48 14.61
CA TYR I 197 27.99 45.06 14.12
C TYR I 197 28.11 44.70 12.65
N VAL I 198 27.40 43.65 12.25
CA VAL I 198 27.30 43.26 10.86
C VAL I 198 25.81 43.21 10.51
N SER I 199 25.47 43.73 9.35
CA SER I 199 24.09 43.71 8.88
C SER I 199 24.07 43.25 7.43
N VAL I 200 23.20 42.30 7.13
CA VAL I 200 22.99 41.84 5.76
C VAL I 200 21.51 42.01 5.46
N VAL I 201 21.20 42.81 4.43
CA VAL I 201 19.82 43.13 4.09
C VAL I 201 19.61 42.91 2.60
N SER I 202 18.52 42.24 2.25
CA SER I 202 18.12 42.02 0.88
C SER I 202 16.63 42.32 0.78
N SER I 203 16.01 41.91 -0.33
CA SER I 203 14.58 42.14 -0.49
C SER I 203 13.78 41.42 0.58
N HIS I 204 14.16 40.18 0.93
CA HIS I 204 13.37 39.41 1.87
C HIS I 204 14.24 38.64 2.86
N TYR I 205 15.42 39.17 3.20
CA TYR I 205 16.27 38.54 4.20
C TYR I 205 17.08 39.62 4.90
N SER I 206 16.82 39.83 6.18
CA SER I 206 17.47 40.86 6.96
C SER I 206 18.00 40.27 8.25
N ARG I 207 19.27 40.54 8.56
CA ARG I 207 19.88 39.98 9.75
C ARG I 207 20.93 40.93 10.28
N LYS I 208 21.08 40.94 11.60
CA LYS I 208 22.05 41.77 12.29
C LYS I 208 22.82 40.89 13.27
N PHE I 209 24.09 40.67 12.99
CA PHE I 209 24.98 39.87 13.83
C PHE I 209 25.86 40.77 14.67
N THR I 210 26.23 40.28 15.84
CA THR I 210 27.10 40.97 16.76
C THR I 210 28.19 40.02 17.24
N PRO I 211 29.43 40.50 17.36
CA PRO I 211 30.50 39.65 17.89
C PRO I 211 30.18 39.13 19.28
N GLU I 212 30.66 37.92 19.55
CA GLU I 212 30.35 37.16 20.76
C GLU I 212 31.63 36.78 21.48
N ILE I 213 32.48 37.77 21.72
CA ILE I 213 33.81 37.55 22.27
C ILE I 213 33.73 36.73 23.55
N ALA I 214 34.34 35.54 23.53
CA ALA I 214 34.34 34.63 24.66
C ALA I 214 35.33 33.52 24.37
N LYS I 215 36.06 33.08 25.40
CA LYS I 215 37.01 32.00 25.24
C LYS I 215 36.27 30.69 25.02
N ARG I 216 36.72 29.91 24.05
CA ARG I 216 36.13 28.63 23.69
C ARG I 216 37.23 27.60 23.59
N PRO I 217 36.91 26.32 23.78
CA PRO I 217 37.93 25.27 23.67
C PRO I 217 38.59 25.25 22.30
N LYS I 218 39.89 24.97 22.30
CA LYS I 218 40.67 25.05 21.09
C LYS I 218 40.34 23.91 20.13
N VAL I 219 40.12 24.26 18.87
CA VAL I 219 39.92 23.29 17.80
C VAL I 219 40.81 23.68 16.63
N ARG I 220 41.61 22.74 16.15
CA ARG I 220 42.61 23.01 15.10
C ARG I 220 43.52 24.17 15.50
N ASP I 221 43.91 24.18 16.77
CA ASP I 221 44.80 25.20 17.32
C ASP I 221 44.24 26.61 17.11
N GLN I 222 42.95 26.77 17.41
CA GLN I 222 42.31 28.07 17.27
C GLN I 222 41.24 28.20 18.34
N GLU I 223 41.09 29.41 18.89
CA GLU I 223 40.10 29.70 19.91
C GLU I 223 38.92 30.49 19.36
N GLY I 224 39.19 31.56 18.61
CA GLY I 224 38.10 32.29 17.98
C GLY I 224 37.41 31.48 16.91
N ARG I 225 36.16 31.84 16.65
CA ARG I 225 35.31 31.04 15.77
C ARG I 225 34.65 31.91 14.72
N ILE I 226 34.63 31.45 13.48
CA ILE I 226 33.93 32.13 12.40
C ILE I 226 32.63 31.40 12.15
N ASN I 227 31.52 32.12 12.25
CA ASN I 227 30.20 31.56 11.96
C ASN I 227 29.85 31.88 10.51
N TYR I 228 29.58 30.85 9.73
CA TYR I 228 29.36 30.96 8.30
C TYR I 228 27.86 31.01 7.99
N TYR I 229 27.46 31.96 7.16
CA TYR I 229 26.08 32.16 6.79
C TYR I 229 25.95 32.24 5.27
N TRP I 230 24.76 31.96 4.78
CA TRP I 230 24.49 31.98 3.36
C TRP I 230 23.09 32.51 3.11
N THR I 231 22.87 32.96 1.87
CA THR I 231 21.55 33.39 1.43
C THR I 231 21.41 33.13 -0.07
N LEU I 232 20.16 33.15 -0.51
CA LEU I 232 19.83 33.03 -1.92
C LEU I 232 19.24 34.33 -2.42
N LEU I 233 19.68 34.77 -3.58
CA LEU I 233 19.27 36.02 -4.19
C LEU I 233 18.47 35.71 -5.45
N GLU I 234 17.21 36.12 -5.46
CA GLU I 234 16.37 35.96 -6.62
C GLU I 234 16.80 36.95 -7.71
N PRO I 235 16.44 36.67 -8.96
CA PRO I 235 16.79 37.61 -10.04
C PRO I 235 16.17 38.98 -9.78
N GLY I 236 16.89 40.02 -10.18
CA GLY I 236 16.45 41.38 -9.96
C GLY I 236 16.40 41.78 -8.50
N ASP I 237 17.40 41.42 -7.72
CA ASP I 237 17.42 41.71 -6.30
C ASP I 237 18.81 42.20 -5.91
N THR I 238 18.87 42.89 -4.77
CA THR I 238 20.10 43.53 -4.31
C THR I 238 20.41 43.08 -2.90
N ILE I 239 21.67 42.74 -2.67
CA ILE I 239 22.17 42.37 -1.35
C ILE I 239 23.05 43.51 -0.85
N ILE I 240 22.88 43.87 0.43
CA ILE I 240 23.59 44.99 1.02
C ILE I 240 24.28 44.52 2.28
N PHE I 241 25.59 44.68 2.33
CA PHE I 241 26.43 44.34 3.47
C PHE I 241 26.85 45.62 4.15
N GLU I 242 26.60 45.72 5.45
CA GLU I 242 27.10 46.80 6.27
C GLU I 242 27.91 46.21 7.41
N ALA I 243 29.06 46.81 7.71
CA ALA I 243 29.88 46.27 8.78
C ALA I 243 30.93 47.29 9.19
N ASN I 244 31.06 47.51 10.50
CA ASN I 244 32.19 48.23 11.04
C ASN I 244 33.25 47.29 11.61
N GLY I 245 33.05 45.99 11.49
CA GLY I 245 34.04 45.04 11.93
C GLY I 245 33.46 43.64 11.97
N ASN I 246 34.37 42.68 12.10
CA ASN I 246 34.04 41.26 12.19
C ASN I 246 33.20 40.81 11.00
N LEU I 247 33.77 40.96 9.81
CA LEU I 247 33.12 40.52 8.59
C LEU I 247 34.12 39.75 7.73
N ILE I 248 33.71 38.56 7.31
CA ILE I 248 34.43 37.78 6.31
C ILE I 248 33.64 37.94 5.02
N ALA I 249 34.05 38.89 4.19
CA ALA I 249 33.23 39.31 3.07
C ALA I 249 33.18 38.22 2.00
N PRO I 250 32.12 38.18 1.21
CA PRO I 250 32.08 37.25 0.08
C PRO I 250 33.04 37.68 -1.02
N ARG I 251 33.62 36.69 -1.68
CA ARG I 251 34.46 36.92 -2.84
C ARG I 251 33.88 36.30 -4.09
N TYR I 252 33.55 35.02 -4.07
CA TYR I 252 32.97 34.33 -5.21
C TYR I 252 31.58 33.84 -4.84
N ALA I 253 30.62 34.13 -5.70
CA ALA I 253 29.26 33.63 -5.56
C ALA I 253 29.02 32.53 -6.59
N PHE I 254 27.82 31.98 -6.58
CA PHE I 254 27.46 30.89 -7.47
C PHE I 254 26.10 31.18 -8.10
N ALA I 255 26.00 30.98 -9.41
CA ALA I 255 24.75 31.19 -10.14
C ALA I 255 24.07 29.83 -10.32
N LEU I 256 23.13 29.53 -9.43
CA LEU I 256 22.57 28.19 -9.37
C LEU I 256 21.66 27.92 -10.56
N SER I 257 21.96 26.86 -11.31
CA SER I 257 21.13 26.38 -12.39
C SER I 257 20.50 25.08 -11.93
N ARG I 258 19.18 25.09 -11.74
CA ARG I 258 18.48 24.01 -11.06
C ARG I 258 17.89 23.03 -12.07
N GLY I 259 18.13 21.73 -11.83
CA GLY I 259 17.58 20.68 -12.65
C GLY I 259 17.34 19.41 -11.85
N PHE I 260 16.22 18.76 -12.09
CA PHE I 260 15.86 17.57 -11.32
C PHE I 260 16.75 16.39 -11.70
N GLY I 261 16.84 15.43 -10.79
CA GLY I 261 17.58 14.21 -11.02
C GLY I 261 19.02 14.25 -10.53
N SER I 262 19.22 14.59 -9.26
CA SER I 262 20.54 14.66 -8.69
C SER I 262 20.45 14.41 -7.19
N GLY I 263 21.59 14.49 -6.51
CA GLY I 263 21.62 14.27 -5.08
C GLY I 263 23.04 14.14 -4.59
N ILE I 264 23.15 13.82 -3.29
CA ILE I 264 24.43 13.60 -2.64
C ILE I 264 24.42 12.21 -2.04
N ILE I 265 25.42 11.40 -2.40
CA ILE I 265 25.53 10.04 -1.90
C ILE I 265 26.88 9.85 -1.24
N ASN I 266 26.90 9.08 -0.15
CA ASN I 266 28.12 8.81 0.60
C ASN I 266 28.58 7.40 0.25
N SER I 267 29.63 7.31 -0.56
CA SER I 267 30.11 6.03 -1.07
C SER I 267 31.63 6.00 -1.02
N ASN I 268 32.16 4.77 -0.91
CA ASN I 268 33.60 4.54 -0.92
C ASN I 268 34.09 3.93 -2.22
N ALA I 269 33.18 3.61 -3.13
CA ALA I 269 33.56 2.90 -4.34
C ALA I 269 34.36 3.79 -5.28
N PRO I 270 35.21 3.21 -6.12
CA PRO I 270 35.97 4.03 -7.08
C PRO I 270 35.12 4.46 -8.26
N MET I 271 35.74 5.10 -9.24
CA MET I 271 35.05 5.63 -10.40
C MET I 271 35.42 4.85 -11.65
N ASP I 272 34.52 4.93 -12.63
CA ASP I 272 34.72 4.29 -13.93
C ASP I 272 33.92 5.07 -14.96
N GLU I 273 34.21 4.81 -16.24
CA GLU I 273 33.59 5.54 -17.34
C GLU I 273 32.35 4.86 -17.88
N CYS I 274 31.61 4.13 -17.04
CA CYS I 274 30.43 3.44 -17.51
C CYS I 274 29.34 4.44 -17.89
N ASP I 275 28.55 4.08 -18.90
CA ASP I 275 27.35 4.85 -19.23
C ASP I 275 26.14 4.19 -18.59
N ALA I 276 26.15 4.17 -17.25
CA ALA I 276 25.15 3.45 -16.48
C ALA I 276 23.83 4.20 -16.49
N LYS I 277 22.78 3.51 -16.02
CA LYS I 277 21.44 4.07 -15.97
C LYS I 277 20.95 4.35 -14.55
N CYS I 278 21.52 3.68 -13.56
CA CYS I 278 21.13 3.89 -12.17
C CYS I 278 22.36 3.74 -11.29
N GLN I 279 22.44 4.56 -10.24
CA GLN I 279 23.60 4.57 -9.37
C GLN I 279 23.17 4.47 -7.92
N THR I 280 23.81 3.58 -7.19
CA THR I 280 23.62 3.37 -5.77
C THR I 280 24.96 3.52 -5.06
N PRO I 281 24.96 3.83 -3.77
CA PRO I 281 26.22 4.04 -3.06
C PRO I 281 27.12 2.81 -2.99
N GLN I 282 26.70 1.72 -3.62
CA GLN I 282 27.51 0.51 -3.71
C GLN I 282 27.93 0.17 -5.12
N GLY I 283 27.40 0.85 -6.12
CA GLY I 283 27.68 0.54 -7.51
C GLY I 283 26.44 0.72 -8.37
N ALA I 284 26.65 0.71 -9.67
CA ALA I 284 25.58 0.97 -10.61
C ALA I 284 24.81 -0.30 -10.96
N ILE I 285 23.54 -0.13 -11.32
CA ILE I 285 22.68 -1.22 -11.76
C ILE I 285 22.26 -0.94 -13.19
N ASN I 286 22.51 -1.90 -14.08
CA ASN I 286 22.10 -1.82 -15.47
C ASN I 286 21.07 -2.93 -15.70
N SER I 287 19.82 -2.63 -15.39
CA SER I 287 18.77 -3.63 -15.46
C SER I 287 17.42 -2.95 -15.55
N SER I 288 16.50 -3.59 -16.27
CA SER I 288 15.13 -3.12 -16.41
C SER I 288 14.16 -3.90 -15.54
N LEU I 289 14.65 -4.69 -14.60
CA LEU I 289 13.78 -5.42 -13.70
C LEU I 289 13.01 -4.45 -12.82
N PRO I 290 11.77 -4.79 -12.45
CA PRO I 290 10.97 -3.88 -11.63
C PRO I 290 11.53 -3.60 -10.25
N PHE I 291 12.19 -4.56 -9.61
CA PHE I 291 12.60 -4.43 -8.22
C PHE I 291 14.10 -4.65 -8.08
N GLN I 292 14.64 -4.15 -6.98
CA GLN I 292 16.04 -4.34 -6.62
C GLN I 292 16.16 -4.40 -5.12
N ASN I 293 17.19 -5.08 -4.64
CA ASN I 293 17.46 -5.16 -3.20
C ASN I 293 18.90 -4.79 -2.89
N VAL I 294 19.46 -3.86 -3.64
CA VAL I 294 20.84 -3.44 -3.43
C VAL I 294 20.91 -2.38 -2.33
N HIS I 295 20.24 -1.25 -2.52
CA HIS I 295 20.30 -0.15 -1.57
C HIS I 295 19.07 0.71 -1.75
N PRO I 296 18.56 1.32 -0.67
CA PRO I 296 17.40 2.20 -0.80
C PRO I 296 17.71 3.54 -1.44
N VAL I 297 18.96 4.00 -1.40
CA VAL I 297 19.34 5.26 -2.03
C VAL I 297 19.66 5.01 -3.50
N THR I 298 19.03 5.80 -4.37
CA THR I 298 19.15 5.61 -5.81
C THR I 298 19.17 6.95 -6.51
N ILE I 299 19.85 6.99 -7.65
CA ILE I 299 19.84 8.14 -8.54
C ILE I 299 19.60 7.65 -9.97
N GLY I 300 18.63 8.25 -10.64
CA GLY I 300 18.25 7.86 -11.97
C GLY I 300 17.04 6.95 -12.00
N GLU I 301 16.73 6.46 -13.19
CA GLU I 301 15.62 5.54 -13.40
C GLU I 301 16.00 4.17 -12.81
N CYS I 302 15.49 3.88 -11.62
CA CYS I 302 15.95 2.74 -10.85
C CYS I 302 14.78 1.85 -10.46
N PRO I 303 15.02 0.56 -10.29
CA PRO I 303 13.98 -0.32 -9.79
C PRO I 303 13.62 0.00 -8.34
N LYS I 304 12.39 -0.34 -7.98
CA LYS I 304 11.90 -0.11 -6.62
C LYS I 304 12.65 -0.99 -5.64
N TYR I 305 13.00 -0.42 -4.49
CA TYR I 305 13.76 -1.16 -3.49
C TYR I 305 12.82 -1.97 -2.62
N VAL I 306 13.10 -3.26 -2.50
CA VAL I 306 12.34 -4.18 -1.67
C VAL I 306 13.31 -4.91 -0.75
N ARG I 307 12.79 -5.37 0.37
CA ARG I 307 13.59 -6.11 1.33
C ARG I 307 13.58 -7.61 1.11
N SER I 308 12.94 -8.07 0.05
CA SER I 308 12.93 -9.49 -0.26
C SER I 308 14.29 -9.93 -0.80
N ALA I 309 14.50 -11.25 -0.79
CA ALA I 309 15.70 -11.83 -1.34
C ALA I 309 15.46 -12.68 -2.57
N LYS I 310 14.21 -13.03 -2.87
CA LYS I 310 13.88 -13.83 -4.04
C LYS I 310 12.47 -13.51 -4.49
N LEU I 311 12.34 -12.85 -5.63
CA LEU I 311 11.06 -12.58 -6.27
C LEU I 311 11.11 -13.21 -7.65
N ARG I 312 10.69 -14.47 -7.73
CA ARG I 312 10.74 -15.24 -8.97
C ARG I 312 9.32 -15.61 -9.37
N MET I 313 8.93 -15.23 -10.58
CA MET I 313 7.60 -15.52 -11.10
C MET I 313 7.69 -16.72 -12.03
N VAL I 314 6.78 -17.66 -11.88
CA VAL I 314 6.74 -18.83 -12.73
C VAL I 314 6.09 -18.46 -14.06
N THR I 315 6.68 -18.92 -15.15
CA THR I 315 6.07 -18.85 -16.47
C THR I 315 5.75 -20.21 -17.05
N GLY I 316 6.22 -21.28 -16.43
CA GLY I 316 6.03 -22.61 -16.97
C GLY I 316 5.23 -23.52 -16.06
N LEU I 317 5.40 -24.83 -16.22
CA LEU I 317 4.61 -25.81 -15.50
C LEU I 317 5.36 -26.29 -14.26
N ARG I 318 4.69 -27.14 -13.50
CA ARG I 318 5.35 -27.93 -12.47
C ARG I 318 6.25 -28.95 -13.14
N ASN I 319 7.47 -29.07 -12.65
CA ASN I 319 8.45 -30.00 -13.22
C ASN I 319 8.30 -31.35 -12.53
N ILE I 320 7.67 -32.29 -13.22
CA ILE I 320 7.48 -33.64 -12.70
C ILE I 320 8.01 -34.65 -13.71
N PRO I 321 9.33 -34.80 -13.84
CA PRO I 321 9.88 -35.85 -14.71
C PRO I 321 10.10 -37.15 -13.97
N LEU J 1 -11.20 -20.48 -18.59
CA LEU J 1 -10.49 -21.38 -17.67
C LEU J 1 -11.23 -22.70 -17.54
N PHE J 2 -12.53 -22.67 -17.78
CA PHE J 2 -13.38 -23.84 -17.65
C PHE J 2 -13.80 -24.43 -18.98
N GLY J 3 -13.53 -23.76 -20.09
CA GLY J 3 -13.77 -24.31 -21.41
C GLY J 3 -15.17 -24.16 -21.96
N ALA J 4 -16.07 -23.51 -21.23
CA ALA J 4 -17.41 -23.30 -21.75
C ALA J 4 -17.47 -22.08 -22.67
N ILE J 5 -17.19 -20.89 -22.12
CA ILE J 5 -17.22 -19.67 -22.92
C ILE J 5 -15.99 -19.63 -23.82
N ALA J 6 -16.23 -19.45 -25.11
CA ALA J 6 -15.22 -19.49 -26.17
C ALA J 6 -14.56 -20.85 -26.31
N GLY J 7 -15.09 -21.87 -25.64
CA GLY J 7 -14.56 -23.21 -25.75
C GLY J 7 -15.43 -24.08 -26.64
N PHE J 8 -16.17 -25.01 -26.06
CA PHE J 8 -17.05 -25.83 -26.88
C PHE J 8 -18.37 -25.13 -27.19
N ILE J 9 -18.61 -23.96 -26.62
CA ILE J 9 -19.69 -23.08 -27.04
C ILE J 9 -19.03 -21.86 -27.66
N GLU J 10 -19.04 -21.81 -29.00
CA GLU J 10 -18.18 -20.88 -29.72
C GLU J 10 -18.52 -19.43 -29.40
N GLY J 11 -19.74 -19.00 -29.74
CA GLY J 11 -20.11 -17.61 -29.60
C GLY J 11 -21.38 -17.45 -28.80
N GLY J 12 -21.72 -16.20 -28.53
CA GLY J 12 -22.91 -15.87 -27.78
C GLY J 12 -24.13 -15.72 -28.66
N TRP J 13 -25.26 -15.43 -28.01
CA TRP J 13 -26.55 -15.30 -28.66
C TRP J 13 -27.03 -13.87 -28.53
N THR J 14 -27.30 -13.22 -29.66
CA THR J 14 -27.86 -11.88 -29.64
C THR J 14 -29.36 -11.92 -29.32
N GLY J 15 -30.04 -12.99 -29.70
CA GLY J 15 -31.47 -13.07 -29.51
C GLY J 15 -31.91 -13.25 -28.07
N MET J 16 -31.04 -13.77 -27.22
CA MET J 16 -31.35 -13.90 -25.80
C MET J 16 -31.03 -12.58 -25.10
N VAL J 17 -32.03 -12.00 -24.45
CA VAL J 17 -31.89 -10.66 -23.88
C VAL J 17 -32.30 -10.63 -22.42
N ASP J 18 -32.99 -11.67 -21.98
CA ASP J 18 -33.56 -11.71 -20.64
C ASP J 18 -32.60 -12.29 -19.60
N GLY J 19 -31.44 -12.75 -20.00
CA GLY J 19 -30.49 -13.29 -19.05
C GLY J 19 -29.14 -13.51 -19.68
N TRP J 20 -28.14 -13.70 -18.82
CA TRP J 20 -26.79 -13.99 -19.30
C TRP J 20 -26.70 -15.39 -19.87
N TYR J 21 -27.25 -16.38 -19.16
CA TYR J 21 -27.22 -17.77 -19.57
C TYR J 21 -28.63 -18.26 -19.81
N GLY J 22 -28.78 -19.17 -20.76
CA GLY J 22 -30.09 -19.64 -21.10
C GLY J 22 -30.08 -20.83 -22.05
N TYR J 23 -31.24 -21.04 -22.66
CA TYR J 23 -31.50 -22.21 -23.50
C TYR J 23 -32.09 -21.78 -24.83
N HIS J 24 -31.83 -22.58 -25.85
CA HIS J 24 -32.37 -22.38 -27.19
C HIS J 24 -33.00 -23.68 -27.64
N HIS J 25 -34.33 -23.73 -27.63
CA HIS J 25 -35.05 -24.97 -27.90
C HIS J 25 -35.71 -24.92 -29.26
N GLN J 26 -35.86 -26.09 -29.86
CA GLN J 26 -36.44 -26.20 -31.20
C GLN J 26 -37.16 -27.54 -31.29
N ASN J 27 -38.48 -27.51 -31.20
CA ASN J 27 -39.31 -28.70 -31.34
C ASN J 27 -40.30 -28.49 -32.48
N GLU J 28 -41.20 -29.45 -32.66
CA GLU J 28 -42.20 -29.36 -33.72
C GLU J 28 -43.13 -28.18 -33.53
N GLN J 29 -43.20 -27.64 -32.33
CA GLN J 29 -44.01 -26.47 -32.04
C GLN J 29 -43.28 -25.16 -32.33
N GLY J 30 -41.99 -25.20 -32.64
CA GLY J 30 -41.27 -24.02 -33.04
C GLY J 30 -39.93 -23.91 -32.35
N SER J 31 -39.28 -22.77 -32.53
CA SER J 31 -37.98 -22.45 -31.94
C SER J 31 -38.11 -21.26 -31.02
N GLY J 32 -37.19 -21.15 -30.07
CA GLY J 32 -37.25 -20.06 -29.12
C GLY J 32 -36.05 -20.02 -28.21
N TYR J 33 -35.87 -18.84 -27.61
CA TYR J 33 -34.83 -18.58 -26.63
C TYR J 33 -35.47 -18.33 -25.27
N ALA J 34 -34.84 -18.85 -24.23
CA ALA J 34 -35.26 -18.58 -22.86
C ALA J 34 -34.02 -18.33 -22.02
N ALA J 35 -34.21 -17.62 -20.91
CA ALA J 35 -33.10 -17.25 -20.03
C ALA J 35 -33.26 -17.97 -18.69
N ASP J 36 -32.19 -18.58 -18.22
CA ASP J 36 -32.21 -19.28 -16.94
C ASP J 36 -32.25 -18.23 -15.83
N GLN J 37 -33.41 -18.09 -15.19
CA GLN J 37 -33.57 -17.09 -14.15
C GLN J 37 -32.68 -17.37 -12.95
N LYS J 38 -32.59 -18.64 -12.54
CA LYS J 38 -31.86 -18.97 -11.31
C LYS J 38 -30.37 -18.69 -11.45
N SER J 39 -29.76 -19.18 -12.54
CA SER J 39 -28.33 -18.98 -12.74
C SER J 39 -27.98 -17.50 -12.89
N THR J 40 -28.77 -16.78 -13.68
CA THR J 40 -28.49 -15.36 -13.89
C THR J 40 -28.72 -14.56 -12.61
N GLN J 41 -29.72 -14.92 -11.82
CA GLN J 41 -29.93 -14.27 -10.54
C GLN J 41 -28.76 -14.50 -9.61
N ASN J 42 -28.25 -15.73 -9.55
CA ASN J 42 -27.10 -16.01 -8.71
C ASN J 42 -25.89 -15.22 -9.17
N ALA J 43 -25.67 -15.14 -10.48
CA ALA J 43 -24.54 -14.38 -11.00
C ALA J 43 -24.69 -12.89 -10.67
N ILE J 44 -25.90 -12.35 -10.78
CA ILE J 44 -26.12 -10.94 -10.47
C ILE J 44 -25.82 -10.68 -9.00
N ASN J 45 -26.30 -11.55 -8.11
CA ASN J 45 -26.00 -11.40 -6.70
C ASN J 45 -24.50 -11.42 -6.45
N GLY J 46 -23.80 -12.37 -7.07
CA GLY J 46 -22.37 -12.48 -6.85
C GLY J 46 -21.62 -11.26 -7.32
N ILE J 47 -21.93 -10.76 -8.52
CA ILE J 47 -21.21 -9.64 -9.08
C ILE J 47 -21.51 -8.36 -8.33
N THR J 48 -22.78 -8.15 -7.94
CA THR J 48 -23.12 -6.99 -7.13
C THR J 48 -22.36 -7.01 -5.82
N ASN J 49 -22.31 -8.17 -5.16
CA ASN J 49 -21.59 -8.27 -3.90
C ASN J 49 -20.11 -8.00 -4.11
N LYS J 50 -19.53 -8.52 -5.20
CA LYS J 50 -18.12 -8.30 -5.45
C LYS J 50 -17.81 -6.82 -5.63
N VAL J 51 -18.56 -6.16 -6.52
CA VAL J 51 -18.30 -4.75 -6.80
C VAL J 51 -18.46 -3.91 -5.52
N ASN J 52 -19.57 -4.10 -4.82
CA ASN J 52 -19.82 -3.28 -3.64
C ASN J 52 -18.82 -3.58 -2.53
N SER J 53 -18.51 -4.86 -2.31
CA SER J 53 -17.58 -5.23 -1.25
C SER J 53 -16.20 -4.65 -1.51
N VAL J 54 -15.77 -4.64 -2.78
CA VAL J 54 -14.52 -3.99 -3.11
C VAL J 54 -14.62 -2.50 -2.83
N ILE J 55 -15.72 -1.86 -3.25
CA ILE J 55 -15.81 -0.41 -3.19
C ILE J 55 -15.79 0.09 -1.75
N GLU J 56 -16.55 -0.56 -0.86
CA GLU J 56 -16.63 -0.05 0.51
C GLU J 56 -15.33 -0.20 1.30
N LYS J 57 -14.35 -0.95 0.81
CA LYS J 57 -13.09 -1.04 1.54
C LYS J 57 -12.25 0.21 1.44
N MET J 58 -12.47 1.05 0.43
CA MET J 58 -11.78 2.33 0.33
C MET J 58 -12.76 3.43 0.73
N ASN J 59 -12.62 3.91 1.96
CA ASN J 59 -13.43 5.01 2.44
C ASN J 59 -13.07 6.29 1.71
N THR J 60 -14.08 7.12 1.46
CA THR J 60 -13.88 8.36 0.72
C THR J 60 -12.99 9.32 1.50
N GLN J 61 -12.14 10.04 0.78
CA GLN J 61 -11.29 11.05 1.40
C GLN J 61 -12.14 12.19 1.93
N PHE J 62 -11.84 12.62 3.15
CA PHE J 62 -12.58 13.67 3.81
C PHE J 62 -11.79 14.94 4.10
N THR J 63 -10.47 14.89 3.98
CA THR J 63 -9.62 16.02 4.32
C THR J 63 -9.40 16.88 3.09
N ALA J 64 -8.41 17.78 3.17
CA ALA J 64 -8.01 18.63 2.06
C ALA J 64 -6.54 18.41 1.76
N VAL J 65 -6.05 19.12 0.73
CA VAL J 65 -4.65 19.08 0.35
C VAL J 65 -4.14 20.51 0.21
N GLY J 66 -2.82 20.65 0.31
CA GLY J 66 -2.18 21.93 0.12
C GLY J 66 -1.42 22.43 1.33
N LYS J 67 -0.11 22.60 1.18
CA LYS J 67 0.74 23.19 2.21
C LYS J 67 1.75 24.11 1.54
N GLU J 68 2.21 25.11 2.29
CA GLU J 68 3.13 26.11 1.77
C GLU J 68 4.39 26.15 2.61
N PHE J 69 5.53 26.29 1.94
CA PHE J 69 6.83 26.33 2.62
C PHE J 69 7.69 27.43 2.03
N ASN J 70 8.49 28.05 2.87
CA ASN J 70 9.39 29.10 2.42
C ASN J 70 10.71 28.49 1.94
N LYS J 71 11.64 29.35 1.54
CA LYS J 71 12.87 28.88 0.91
C LYS J 71 13.72 28.06 1.88
N LEU J 72 13.61 28.31 3.17
CA LEU J 72 14.42 27.63 4.17
C LEU J 72 13.76 26.37 4.69
N GLU J 73 12.64 25.95 4.10
CA GLU J 73 11.93 24.75 4.54
C GLU J 73 11.85 23.73 3.40
N ARG J 74 12.86 23.71 2.53
CA ARG J 74 12.85 22.81 1.38
C ARG J 74 12.82 21.35 1.81
N ARG J 75 13.63 21.00 2.81
CA ARG J 75 13.59 19.64 3.36
C ARG J 75 12.19 19.26 3.82
N MET J 76 11.44 20.24 4.32
CA MET J 76 10.03 20.01 4.64
C MET J 76 9.26 19.66 3.37
N GLU J 77 9.37 20.52 2.35
CA GLU J 77 8.53 20.42 1.18
C GLU J 77 8.72 19.08 0.47
N ASN J 78 9.97 18.72 0.20
CA ASN J 78 10.25 17.43 -0.42
C ASN J 78 9.59 16.31 0.37
N LEU J 79 9.75 16.32 1.69
CA LEU J 79 9.12 15.32 2.53
C LEU J 79 7.63 15.26 2.26
N ASN J 80 6.97 16.42 2.28
CA ASN J 80 5.55 16.47 1.96
C ASN J 80 5.28 15.82 0.62
N LYS J 81 6.01 16.25 -0.42
CA LYS J 81 5.84 15.64 -1.73
C LYS J 81 6.09 14.14 -1.65
N LYS J 82 7.19 13.76 -1.01
CA LYS J 82 7.55 12.35 -0.92
C LYS J 82 6.43 11.53 -0.31
N VAL J 83 5.65 12.13 0.58
CA VAL J 83 4.47 11.46 1.11
C VAL J 83 3.37 11.43 0.06
N ASP J 84 2.94 12.62 -0.38
CA ASP J 84 1.76 12.73 -1.21
C ASP J 84 1.89 11.85 -2.46
N ASP J 85 2.87 12.15 -3.30
CA ASP J 85 3.10 11.36 -4.50
C ASP J 85 3.18 9.89 -4.14
N GLY J 86 3.94 9.56 -3.10
CA GLY J 86 4.08 8.16 -2.73
C GLY J 86 2.74 7.50 -2.50
N PHE J 87 1.90 8.13 -1.69
CA PHE J 87 0.60 7.55 -1.41
C PHE J 87 -0.19 7.35 -2.70
N ILE J 88 -0.17 8.35 -3.58
CA ILE J 88 -0.88 8.24 -4.84
C ILE J 88 -0.44 7.00 -5.57
N ASP J 89 0.88 6.81 -5.66
CA ASP J 89 1.42 5.65 -6.37
C ASP J 89 0.80 4.38 -5.82
N ILE J 90 0.84 4.23 -4.49
CA ILE J 90 0.31 3.01 -3.88
C ILE J 90 -1.13 2.81 -4.30
N TRP J 91 -1.94 3.87 -4.14
CA TRP J 91 -3.35 3.72 -4.45
C TRP J 91 -3.55 3.41 -5.92
N THR J 92 -2.78 4.06 -6.79
CA THR J 92 -2.88 3.74 -8.21
C THR J 92 -2.66 2.26 -8.41
N TYR J 93 -1.57 1.74 -7.86
CA TYR J 93 -1.32 0.30 -7.94
C TYR J 93 -2.52 -0.44 -7.40
N ASN J 94 -2.92 -0.12 -6.16
CA ASN J 94 -3.99 -0.85 -5.50
C ASN J 94 -5.28 -0.79 -6.28
N ALA J 95 -5.47 0.24 -7.11
CA ALA J 95 -6.64 0.24 -7.96
C ALA J 95 -6.40 -0.62 -9.19
N GLU J 96 -5.40 -0.26 -9.97
CA GLU J 96 -5.22 -0.87 -11.28
C GLU J 96 -5.14 -2.37 -11.18
N LEU J 97 -4.14 -2.86 -10.44
CA LEU J 97 -3.97 -4.29 -10.26
C LEU J 97 -5.27 -4.94 -9.86
N LEU J 98 -5.94 -4.37 -8.86
CA LEU J 98 -7.19 -4.93 -8.38
C LEU J 98 -8.11 -5.23 -9.55
N VAL J 99 -8.44 -4.20 -10.33
CA VAL J 99 -9.38 -4.37 -11.42
C VAL J 99 -8.91 -5.49 -12.32
N LEU J 100 -7.64 -5.43 -12.73
CA LEU J 100 -7.06 -6.47 -13.58
C LEU J 100 -7.42 -7.85 -13.04
N LEU J 101 -6.96 -8.15 -11.83
CA LEU J 101 -7.20 -9.46 -11.26
C LEU J 101 -8.70 -9.74 -11.21
N GLU J 102 -9.45 -8.79 -10.65
CA GLU J 102 -10.89 -9.02 -10.49
C GLU J 102 -11.52 -9.30 -11.84
N ASN J 103 -11.12 -8.54 -12.86
CA ASN J 103 -11.71 -8.72 -14.17
C ASN J 103 -11.58 -10.17 -14.61
N GLU J 104 -10.35 -10.68 -14.57
CA GLU J 104 -10.14 -12.08 -14.96
C GLU J 104 -11.07 -12.98 -14.20
N ARG J 105 -11.10 -12.84 -12.87
CA ARG J 105 -11.90 -13.73 -12.05
C ARG J 105 -13.36 -13.68 -12.48
N THR J 106 -13.89 -12.48 -12.70
CA THR J 106 -15.29 -12.36 -13.09
C THR J 106 -15.56 -13.19 -14.33
N LEU J 107 -14.71 -13.06 -15.35
CA LEU J 107 -14.92 -13.82 -16.57
C LEU J 107 -14.92 -15.30 -16.28
N ASP J 108 -13.93 -15.76 -15.51
CA ASP J 108 -13.88 -17.17 -15.14
C ASP J 108 -15.17 -17.58 -14.45
N PHE J 109 -15.65 -16.73 -13.54
CA PHE J 109 -16.90 -17.01 -12.86
C PHE J 109 -18.01 -17.32 -13.85
N HIS J 110 -18.19 -16.44 -14.84
CA HIS J 110 -19.23 -16.65 -15.82
C HIS J 110 -19.03 -17.96 -16.53
N ASP J 111 -17.79 -18.22 -16.95
CA ASP J 111 -17.48 -19.48 -17.61
C ASP J 111 -17.99 -20.65 -16.79
N SER J 112 -17.63 -20.65 -15.50
CA SER J 112 -18.04 -21.75 -14.62
C SER J 112 -19.53 -21.97 -14.69
N ASN J 113 -20.30 -20.89 -14.56
CA ASN J 113 -21.75 -21.00 -14.55
C ASN J 113 -22.22 -21.74 -15.79
N VAL J 114 -21.76 -21.31 -16.96
CA VAL J 114 -22.19 -21.96 -18.20
C VAL J 114 -21.86 -23.44 -18.13
N LYS J 115 -20.62 -23.77 -17.79
CA LYS J 115 -20.23 -25.16 -17.66
C LYS J 115 -21.17 -25.88 -16.71
N ASN J 116 -21.38 -25.31 -15.53
CA ASN J 116 -22.23 -25.97 -14.55
C ASN J 116 -23.61 -26.22 -15.12
N LEU J 117 -24.17 -25.22 -15.77
CA LEU J 117 -25.50 -25.36 -16.34
C LEU J 117 -25.52 -26.52 -17.32
N TYR J 118 -24.53 -26.57 -18.22
CA TYR J 118 -24.43 -27.67 -19.16
C TYR J 118 -24.44 -29.00 -18.44
N GLU J 119 -23.57 -29.13 -17.43
CA GLU J 119 -23.46 -30.39 -16.72
C GLU J 119 -24.81 -30.77 -16.12
N LYS J 120 -25.53 -29.79 -15.58
CA LYS J 120 -26.82 -30.09 -14.98
C LYS J 120 -27.72 -30.79 -15.99
N VAL J 121 -27.80 -30.24 -17.20
CA VAL J 121 -28.68 -30.84 -18.21
C VAL J 121 -28.22 -32.26 -18.53
N LYS J 122 -26.90 -32.48 -18.58
CA LYS J 122 -26.40 -33.84 -18.75
C LYS J 122 -26.97 -34.74 -17.68
N SER J 123 -26.83 -34.35 -16.41
CA SER J 123 -27.29 -35.18 -15.31
C SER J 123 -28.79 -35.36 -15.34
N GLN J 124 -29.51 -34.53 -16.10
CA GLN J 124 -30.94 -34.70 -16.23
C GLN J 124 -31.30 -35.67 -17.35
N LEU J 125 -30.55 -35.65 -18.46
CA LEU J 125 -30.97 -36.38 -19.63
C LEU J 125 -30.36 -37.77 -19.73
N LYS J 126 -29.13 -37.94 -19.27
CA LYS J 126 -28.42 -39.22 -19.25
C LYS J 126 -28.38 -39.76 -20.67
N ASN J 127 -28.89 -40.95 -20.95
CA ASN J 127 -28.84 -41.55 -22.28
C ASN J 127 -30.09 -41.24 -23.11
N ASN J 128 -30.98 -40.38 -22.61
CA ASN J 128 -32.14 -39.96 -23.37
C ASN J 128 -31.80 -38.96 -24.46
N ALA J 129 -30.57 -38.44 -24.49
CA ALA J 129 -30.19 -37.45 -25.47
C ALA J 129 -28.74 -37.69 -25.90
N LYS J 130 -28.40 -37.15 -27.06
CA LYS J 130 -27.09 -37.33 -27.66
C LYS J 130 -26.34 -36.00 -27.67
N GLU J 131 -25.10 -36.01 -27.18
CA GLU J 131 -24.27 -34.82 -27.13
C GLU J 131 -23.70 -34.52 -28.51
N ILE J 132 -24.21 -33.46 -29.14
CA ILE J 132 -23.66 -33.05 -30.43
C ILE J 132 -22.26 -32.48 -30.26
N GLY J 133 -22.04 -31.71 -29.19
CA GLY J 133 -20.75 -31.14 -28.88
C GLY J 133 -20.67 -29.65 -29.10
N ASN J 134 -21.51 -29.09 -29.97
CA ASN J 134 -21.53 -27.65 -30.16
C ASN J 134 -22.10 -26.93 -28.96
N GLY J 135 -22.66 -27.67 -28.00
CA GLY J 135 -23.19 -27.09 -26.80
C GLY J 135 -24.56 -27.63 -26.45
N CYS J 136 -25.03 -28.60 -27.24
CA CYS J 136 -26.41 -29.07 -27.02
C CYS J 136 -26.57 -30.59 -27.05
N PHE J 137 -27.81 -31.04 -27.04
CA PHE J 137 -28.20 -32.44 -27.09
C PHE J 137 -29.39 -32.61 -28.02
N GLU J 138 -29.33 -33.62 -28.87
CA GLU J 138 -30.45 -34.03 -29.69
C GLU J 138 -31.20 -35.13 -28.94
N PHE J 139 -32.48 -34.89 -28.68
CA PHE J 139 -33.27 -35.83 -27.91
C PHE J 139 -33.52 -37.11 -28.69
N TYR J 140 -33.55 -38.24 -27.98
CA TYR J 140 -33.89 -39.52 -28.57
C TYR J 140 -35.39 -39.82 -28.48
N HIS J 141 -36.17 -38.89 -27.97
CA HIS J 141 -37.62 -39.01 -27.90
C HIS J 141 -38.23 -37.67 -28.24
N LYS J 142 -39.48 -37.70 -28.69
CA LYS J 142 -40.18 -36.47 -29.01
C LYS J 142 -40.40 -35.66 -27.74
N CYS J 143 -40.11 -34.35 -27.82
CA CYS J 143 -40.25 -33.45 -26.69
C CYS J 143 -41.07 -32.24 -27.10
N ASN J 144 -42.12 -31.95 -26.32
CA ASN J 144 -42.95 -30.79 -26.55
C ASN J 144 -42.54 -29.66 -25.61
N ASP J 145 -43.34 -28.60 -25.57
CA ASP J 145 -43.05 -27.47 -24.70
C ASP J 145 -43.06 -27.87 -23.24
N GLU J 146 -43.89 -28.85 -22.86
CA GLU J 146 -43.96 -29.27 -21.47
C GLU J 146 -42.64 -29.90 -21.01
N CYS J 147 -42.11 -30.86 -21.77
CA CYS J 147 -40.87 -31.50 -21.34
C CYS J 147 -39.69 -30.56 -21.46
N MET J 148 -39.69 -29.67 -22.45
CA MET J 148 -38.65 -28.66 -22.53
C MET J 148 -38.66 -27.75 -21.32
N GLU J 149 -39.86 -27.32 -20.90
CA GLU J 149 -39.96 -26.50 -19.70
C GLU J 149 -39.53 -27.29 -18.47
N SER J 150 -39.77 -28.60 -18.46
CA SER J 150 -39.26 -29.42 -17.37
C SER J 150 -37.74 -29.42 -17.34
N VAL J 151 -37.12 -29.53 -18.52
CA VAL J 151 -35.66 -29.51 -18.59
C VAL J 151 -35.12 -28.19 -18.05
N LYS J 152 -35.72 -27.07 -18.46
CA LYS J 152 -35.27 -25.78 -17.95
C LYS J 152 -35.51 -25.66 -16.46
N ASN J 153 -36.63 -26.20 -15.97
CA ASN J 153 -37.00 -26.11 -14.57
C ASN J 153 -36.27 -27.13 -13.69
N GLY J 154 -35.55 -28.07 -14.28
CA GLY J 154 -34.85 -29.08 -13.52
C GLY J 154 -35.69 -30.25 -13.08
N THR J 155 -36.94 -30.33 -13.52
CA THR J 155 -37.86 -31.40 -13.12
C THR J 155 -38.04 -32.43 -14.20
N TYR J 156 -36.97 -32.75 -14.94
CA TYR J 156 -37.07 -33.72 -16.02
C TYR J 156 -37.42 -35.10 -15.48
N ASP J 157 -38.38 -35.75 -16.14
CA ASP J 157 -38.84 -37.08 -15.76
C ASP J 157 -38.14 -38.08 -16.65
N TYR J 158 -36.95 -38.51 -16.22
CA TYR J 158 -36.20 -39.51 -16.97
C TYR J 158 -36.94 -40.83 -17.12
N PRO J 159 -37.56 -41.41 -16.08
CA PRO J 159 -38.21 -42.72 -16.27
C PRO J 159 -39.33 -42.71 -17.30
N LYS J 160 -40.04 -41.59 -17.44
CA LYS J 160 -41.18 -41.57 -18.37
C LYS J 160 -40.75 -41.84 -19.80
N TYR J 161 -39.65 -41.24 -20.23
CA TYR J 161 -39.19 -41.35 -21.61
C TYR J 161 -38.12 -42.41 -21.79
N SER J 162 -37.77 -43.16 -20.73
CA SER J 162 -36.65 -44.09 -20.83
C SER J 162 -36.92 -45.19 -21.85
N GLU J 163 -38.13 -45.74 -21.86
CA GLU J 163 -38.44 -46.85 -22.75
C GLU J 163 -38.41 -46.41 -24.21
N GLU J 164 -39.02 -45.26 -24.52
CA GLU J 164 -39.02 -44.76 -25.88
C GLU J 164 -37.62 -44.41 -26.34
N SER J 165 -36.82 -43.78 -25.48
CA SER J 165 -35.47 -43.40 -25.86
C SER J 165 -34.60 -44.62 -26.09
N LYS J 166 -34.80 -45.68 -25.30
CA LYS J 166 -33.99 -46.87 -25.45
C LYS J 166 -34.18 -47.52 -26.82
N LEU J 167 -35.43 -47.56 -27.29
CA LEU J 167 -35.70 -48.16 -28.60
C LEU J 167 -35.01 -47.40 -29.72
N ASN J 168 -35.11 -46.07 -29.69
CA ASN J 168 -34.55 -45.27 -30.78
C ASN J 168 -33.02 -45.25 -30.73
N ARG J 169 -32.45 -45.37 -29.54
CA ARG J 169 -31.00 -45.39 -29.39
C ARG J 169 -30.40 -46.69 -29.92
N LEU K 1 -17.70 -23.01 -7.51
CA LEU K 1 -17.06 -22.65 -8.77
C LEU K 1 -16.78 -23.89 -9.60
N PHE K 2 -16.69 -25.03 -8.94
CA PHE K 2 -16.44 -26.30 -9.61
C PHE K 2 -17.65 -27.23 -9.61
N GLY K 3 -18.71 -26.90 -8.86
CA GLY K 3 -19.95 -27.62 -8.94
C GLY K 3 -20.09 -28.79 -8.00
N ALA K 4 -19.09 -29.08 -7.16
CA ALA K 4 -19.21 -30.18 -6.23
C ALA K 4 -20.00 -29.78 -5.00
N ILE K 5 -19.51 -28.79 -4.25
CA ILE K 5 -20.19 -28.32 -3.05
C ILE K 5 -21.39 -27.48 -3.46
N ALA K 6 -22.55 -27.78 -2.88
CA ALA K 6 -23.82 -27.14 -3.22
C ALA K 6 -24.21 -27.33 -4.68
N GLY K 7 -23.58 -28.30 -5.34
CA GLY K 7 -23.91 -28.63 -6.71
C GLY K 7 -24.60 -29.97 -6.77
N PHE K 8 -23.91 -31.00 -7.26
CA PHE K 8 -24.53 -32.32 -7.25
C PHE K 8 -24.37 -33.01 -5.91
N ILE K 9 -23.57 -32.48 -5.00
CA ILE K 9 -23.53 -32.93 -3.62
C ILE K 9 -24.07 -31.78 -2.79
N GLU K 10 -25.35 -31.88 -2.42
CA GLU K 10 -26.06 -30.72 -1.89
C GLU K 10 -25.58 -30.34 -0.50
N GLY K 11 -25.71 -31.26 0.46
CA GLY K 11 -25.42 -30.98 1.85
C GLY K 11 -24.21 -31.73 2.35
N GLY K 12 -23.82 -31.39 3.58
CA GLY K 12 -22.69 -32.02 4.22
C GLY K 12 -23.09 -33.22 5.04
N TRP K 13 -22.10 -33.82 5.67
CA TRP K 13 -22.28 -35.01 6.50
C TRP K 13 -21.79 -34.70 7.91
N THR K 14 -22.71 -34.69 8.86
CA THR K 14 -22.34 -34.51 10.25
C THR K 14 -21.82 -35.78 10.89
N GLY K 15 -22.03 -36.92 10.25
CA GLY K 15 -21.53 -38.18 10.77
C GLY K 15 -20.07 -38.45 10.50
N MET K 16 -19.44 -37.68 9.63
CA MET K 16 -18.01 -37.78 9.40
C MET K 16 -17.31 -36.69 10.21
N VAL K 17 -16.28 -37.09 10.96
CA VAL K 17 -15.64 -36.20 11.90
C VAL K 17 -14.13 -36.26 11.76
N ASP K 18 -13.64 -37.27 11.05
CA ASP K 18 -12.21 -37.53 10.93
C ASP K 18 -11.61 -36.98 9.63
N GLY K 19 -12.39 -36.24 8.84
CA GLY K 19 -11.85 -35.69 7.62
C GLY K 19 -12.80 -34.69 7.00
N TRP K 20 -12.24 -33.84 6.15
CA TRP K 20 -13.07 -32.88 5.41
C TRP K 20 -13.83 -33.57 4.28
N TYR K 21 -13.17 -34.47 3.57
CA TYR K 21 -13.78 -35.22 2.48
C TYR K 21 -13.72 -36.71 2.80
N GLY K 22 -14.70 -37.45 2.31
CA GLY K 22 -14.71 -38.88 2.58
C GLY K 22 -15.83 -39.59 1.88
N TYR K 23 -16.07 -40.83 2.34
CA TYR K 23 -16.99 -41.76 1.70
C TYR K 23 -18.03 -42.23 2.69
N HIS K 24 -19.20 -42.61 2.16
CA HIS K 24 -20.29 -43.18 2.93
C HIS K 24 -20.76 -44.43 2.19
N HIS K 25 -20.48 -45.59 2.74
CA HIS K 25 -20.73 -46.85 2.06
C HIS K 25 -21.82 -47.64 2.78
N GLN K 26 -22.52 -48.47 2.01
CA GLN K 26 -23.62 -49.26 2.53
C GLN K 26 -23.69 -50.56 1.74
N ASN K 27 -23.22 -51.63 2.34
CA ASN K 27 -23.28 -52.96 1.75
C ASN K 27 -24.04 -53.90 2.69
N GLU K 28 -24.09 -55.18 2.31
CA GLU K 28 -24.79 -56.17 3.11
C GLU K 28 -24.19 -56.32 4.49
N GLN K 29 -22.93 -55.89 4.67
CA GLN K 29 -22.27 -55.95 5.97
C GLN K 29 -22.57 -54.74 6.84
N GLY K 30 -23.24 -53.72 6.31
CA GLY K 30 -23.66 -52.57 7.09
C GLY K 30 -23.36 -51.27 6.37
N SER K 31 -23.58 -50.17 7.09
CA SER K 31 -23.34 -48.83 6.59
C SER K 31 -22.26 -48.17 7.44
N GLY K 32 -21.57 -47.20 6.86
CA GLY K 32 -20.51 -46.54 7.59
C GLY K 32 -19.96 -45.35 6.84
N TYR K 33 -19.29 -44.49 7.59
CA TYR K 33 -18.57 -43.33 7.09
C TYR K 33 -17.08 -43.58 7.20
N ALA K 34 -16.32 -42.92 6.32
CA ALA K 34 -14.87 -42.94 6.42
C ALA K 34 -14.32 -41.66 5.81
N ALA K 35 -13.12 -41.30 6.21
CA ALA K 35 -12.49 -40.06 5.77
C ALA K 35 -11.31 -40.38 4.87
N ASP K 36 -11.19 -39.65 3.77
CA ASP K 36 -10.06 -39.80 2.86
C ASP K 36 -8.87 -39.10 3.47
N GLN K 37 -7.95 -39.89 4.03
CA GLN K 37 -6.80 -39.32 4.73
C GLN K 37 -5.89 -38.55 3.78
N LYS K 38 -5.71 -39.05 2.56
CA LYS K 38 -4.78 -38.41 1.63
C LYS K 38 -5.28 -37.03 1.21
N SER K 39 -6.54 -36.94 0.78
CA SER K 39 -7.07 -35.67 0.32
C SER K 39 -7.14 -34.65 1.46
N THR K 40 -7.58 -35.09 2.63
CA THR K 40 -7.65 -34.18 3.77
C THR K 40 -6.26 -33.74 4.21
N GLN K 41 -5.28 -34.63 4.14
CA GLN K 41 -3.91 -34.26 4.47
C GLN K 41 -3.37 -33.22 3.50
N ASN K 42 -3.63 -33.41 2.20
CA ASN K 42 -3.20 -32.42 1.22
C ASN K 42 -3.86 -31.08 1.46
N ALA K 43 -5.17 -31.09 1.76
CA ALA K 43 -5.87 -29.85 2.05
C ALA K 43 -5.31 -29.17 3.29
N ILE K 44 -4.99 -29.94 4.33
CA ILE K 44 -4.44 -29.34 5.55
C ILE K 44 -3.08 -28.72 5.26
N ASN K 45 -2.23 -29.42 4.51
CA ASN K 45 -0.94 -28.85 4.14
C ASN K 45 -1.11 -27.55 3.39
N GLY K 46 -2.00 -27.53 2.39
CA GLY K 46 -2.20 -26.32 1.62
C GLY K 46 -2.72 -25.17 2.44
N ILE K 47 -3.74 -25.42 3.26
CA ILE K 47 -4.34 -24.36 4.06
C ILE K 47 -3.36 -23.82 5.08
N THR K 48 -2.64 -24.71 5.78
CA THR K 48 -1.64 -24.28 6.74
C THR K 48 -0.60 -23.41 6.08
N ASN K 49 -0.08 -23.85 4.94
CA ASN K 49 0.99 -23.10 4.30
C ASN K 49 0.46 -21.75 3.82
N LYS K 50 -0.75 -21.71 3.30
CA LYS K 50 -1.30 -20.45 2.83
C LYS K 50 -1.44 -19.45 3.96
N VAL K 51 -2.03 -19.88 5.08
CA VAL K 51 -2.24 -18.98 6.20
C VAL K 51 -0.91 -18.48 6.74
N ASN K 52 0.03 -19.40 6.98
CA ASN K 52 1.31 -19.00 7.53
C ASN K 52 2.05 -18.08 6.56
N SER K 53 2.07 -18.44 5.27
CA SER K 53 2.78 -17.64 4.28
C SER K 53 2.23 -16.24 4.21
N VAL K 54 0.90 -16.11 4.27
CA VAL K 54 0.30 -14.78 4.32
C VAL K 54 0.77 -14.02 5.55
N ILE K 55 0.85 -14.70 6.69
CA ILE K 55 1.19 -14.00 7.93
C ILE K 55 2.64 -13.51 7.91
N GLU K 56 3.58 -14.37 7.50
CA GLU K 56 4.98 -13.97 7.57
C GLU K 56 5.35 -12.87 6.59
N LYS K 57 4.52 -12.62 5.57
CA LYS K 57 4.79 -11.49 4.69
C LYS K 57 4.63 -10.16 5.41
N MET K 58 4.01 -10.15 6.58
CA MET K 58 3.85 -8.97 7.40
C MET K 58 4.77 -9.07 8.60
N ASN K 59 5.88 -8.32 8.56
CA ASN K 59 6.80 -8.30 9.68
C ASN K 59 6.15 -7.62 10.88
N THR K 60 6.35 -8.20 12.06
CA THR K 60 5.73 -7.67 13.27
C THR K 60 6.28 -6.28 13.58
N GLN K 61 5.39 -5.39 13.99
CA GLN K 61 5.79 -4.03 14.33
C GLN K 61 6.67 -4.05 15.57
N PHE K 62 7.86 -3.48 15.45
CA PHE K 62 8.86 -3.43 16.52
C PHE K 62 9.30 -2.00 16.74
N THR K 63 8.34 -1.09 16.82
CA THR K 63 8.63 0.33 16.96
C THR K 63 7.65 0.92 17.96
N ALA K 64 7.57 2.24 17.99
CA ALA K 64 6.68 2.96 18.88
C ALA K 64 6.03 4.12 18.13
N VAL K 65 4.94 4.61 18.68
CA VAL K 65 4.20 5.74 18.11
C VAL K 65 4.15 6.84 19.16
N GLY K 66 3.87 8.06 18.69
CA GLY K 66 3.70 9.20 19.57
C GLY K 66 4.65 10.35 19.27
N LYS K 67 4.10 11.53 19.01
CA LYS K 67 4.90 12.74 18.84
C LYS K 67 4.08 13.92 19.33
N GLU K 68 4.78 15.01 19.64
CA GLU K 68 4.14 16.22 20.15
C GLU K 68 4.67 17.43 19.40
N PHE K 69 3.79 18.40 19.16
CA PHE K 69 4.16 19.61 18.44
C PHE K 69 3.52 20.81 19.12
N ASN K 70 4.23 21.94 19.06
CA ASN K 70 3.75 23.17 19.69
C ASN K 70 2.77 23.87 18.76
N LYS K 71 2.34 25.07 19.15
CA LYS K 71 1.32 25.78 18.38
C LYS K 71 1.85 26.21 17.02
N LEU K 72 3.09 26.66 16.94
CA LEU K 72 3.68 27.11 15.69
C LEU K 72 4.18 25.96 14.83
N GLU K 73 3.82 24.72 15.15
CA GLU K 73 4.22 23.58 14.34
C GLU K 73 3.00 22.81 13.87
N ARG K 74 2.00 23.53 13.37
CA ARG K 74 0.78 22.87 12.91
C ARG K 74 1.02 22.08 11.64
N ARG K 75 1.91 22.57 10.77
CA ARG K 75 2.18 21.87 9.52
C ARG K 75 2.83 20.52 9.77
N MET K 76 3.79 20.47 10.71
CA MET K 76 4.38 19.20 11.10
C MET K 76 3.33 18.25 11.65
N GLU K 77 2.44 18.75 12.50
CA GLU K 77 1.44 17.87 13.10
C GLU K 77 0.50 17.32 12.04
N ASN K 78 0.09 18.16 11.09
CA ASN K 78 -0.76 17.70 10.01
C ASN K 78 -0.05 16.67 9.15
N LEU K 79 1.24 16.89 8.85
CA LEU K 79 1.97 15.93 8.05
C LEU K 79 2.12 14.60 8.77
N ASN K 80 2.42 14.64 10.07
CA ASN K 80 2.55 13.41 10.84
C ASN K 80 1.23 12.64 10.89
N LYS K 81 0.12 13.36 11.13
CA LYS K 81 -1.17 12.70 11.18
C LYS K 81 -1.54 12.12 9.82
N LYS K 82 -1.20 12.84 8.74
CA LYS K 82 -1.47 12.32 7.40
C LYS K 82 -0.69 11.06 7.13
N VAL K 83 0.59 11.03 7.53
CA VAL K 83 1.40 9.84 7.33
C VAL K 83 0.81 8.65 8.10
N ASP K 84 0.47 8.88 9.37
CA ASP K 84 -0.06 7.80 10.19
C ASP K 84 -1.38 7.28 9.64
N ASP K 85 -2.30 8.19 9.31
CA ASP K 85 -3.60 7.78 8.80
C ASP K 85 -3.48 7.08 7.47
N GLY K 86 -2.60 7.56 6.59
CA GLY K 86 -2.43 6.90 5.30
C GLY K 86 -1.87 5.50 5.44
N PHE K 87 -0.90 5.32 6.33
CA PHE K 87 -0.37 3.99 6.55
C PHE K 87 -1.44 3.06 7.12
N ILE K 88 -2.24 3.56 8.07
CA ILE K 88 -3.31 2.75 8.64
C ILE K 88 -4.31 2.36 7.57
N ASP K 89 -4.67 3.31 6.70
CA ASP K 89 -5.65 3.04 5.65
C ASP K 89 -5.13 2.00 4.67
N ILE K 90 -3.86 2.13 4.27
CA ILE K 90 -3.29 1.17 3.32
C ILE K 90 -3.26 -0.21 3.93
N TRP K 91 -2.89 -0.32 5.20
CA TRP K 91 -2.81 -1.64 5.82
C TRP K 91 -4.19 -2.23 6.06
N THR K 92 -5.17 -1.41 6.40
CA THR K 92 -6.54 -1.89 6.54
C THR K 92 -7.06 -2.43 5.22
N TYR K 93 -6.80 -1.71 4.13
CA TYR K 93 -7.21 -2.19 2.82
C TYR K 93 -6.54 -3.51 2.49
N ASN K 94 -5.24 -3.61 2.74
CA ASN K 94 -4.52 -4.83 2.43
C ASN K 94 -5.10 -6.02 3.19
N ALA K 95 -5.31 -5.84 4.50
CA ALA K 95 -5.86 -6.92 5.31
C ALA K 95 -7.23 -7.35 4.84
N GLU K 96 -8.12 -6.39 4.61
CA GLU K 96 -9.50 -6.73 4.27
C GLU K 96 -9.58 -7.40 2.90
N LEU K 97 -8.92 -6.82 1.89
CA LEU K 97 -8.95 -7.43 0.56
C LEU K 97 -8.30 -8.81 0.58
N LEU K 98 -7.21 -8.97 1.33
CA LEU K 98 -6.55 -10.26 1.38
C LEU K 98 -7.48 -11.31 1.96
N VAL K 99 -8.16 -10.98 3.05
CA VAL K 99 -9.06 -11.96 3.66
C VAL K 99 -10.19 -12.31 2.69
N LEU K 100 -10.79 -11.30 2.04
CA LEU K 100 -11.89 -11.59 1.12
C LEU K 100 -11.45 -12.52 -0.01
N LEU K 101 -10.38 -12.14 -0.71
CA LEU K 101 -9.95 -12.91 -1.87
C LEU K 101 -9.48 -14.30 -1.47
N GLU K 102 -8.72 -14.41 -0.38
CA GLU K 102 -8.26 -15.72 0.05
C GLU K 102 -9.41 -16.60 0.53
N ASN K 103 -10.46 -16.02 1.10
CA ASN K 103 -11.61 -16.83 1.52
C ASN K 103 -12.30 -17.43 0.31
N GLU K 104 -12.53 -16.62 -0.72
CA GLU K 104 -13.12 -17.16 -1.94
C GLU K 104 -12.25 -18.26 -2.54
N ARG K 105 -10.93 -18.03 -2.56
CA ARG K 105 -10.02 -19.03 -3.13
C ARG K 105 -10.03 -20.32 -2.31
N THR K 106 -10.10 -20.23 -0.99
CA THR K 106 -10.13 -21.42 -0.15
C THR K 106 -11.39 -22.25 -0.38
N LEU K 107 -12.53 -21.58 -0.47
CA LEU K 107 -13.76 -22.33 -0.75
C LEU K 107 -13.70 -23.00 -2.12
N ASP K 108 -13.16 -22.30 -3.11
CA ASP K 108 -12.97 -22.93 -4.42
C ASP K 108 -12.04 -24.13 -4.35
N PHE K 109 -11.00 -24.04 -3.52
CA PHE K 109 -10.04 -25.13 -3.37
C PHE K 109 -10.71 -26.38 -2.81
N HIS K 110 -11.53 -26.21 -1.77
CA HIS K 110 -12.24 -27.35 -1.21
C HIS K 110 -13.21 -27.95 -2.22
N ASP K 111 -13.91 -27.09 -2.96
CA ASP K 111 -14.78 -27.56 -4.03
C ASP K 111 -14.02 -28.43 -5.02
N SER K 112 -12.85 -27.95 -5.44
CA SER K 112 -12.04 -28.70 -6.40
C SER K 112 -11.60 -30.03 -5.83
N ASN K 113 -11.26 -30.08 -4.55
CA ASN K 113 -10.84 -31.34 -3.95
C ASN K 113 -11.97 -32.36 -3.96
N VAL K 114 -13.18 -31.94 -3.62
CA VAL K 114 -14.31 -32.87 -3.67
C VAL K 114 -14.58 -33.34 -5.10
N LYS K 115 -14.52 -32.42 -6.06
CA LYS K 115 -14.73 -32.81 -7.46
C LYS K 115 -13.68 -33.80 -7.93
N ASN K 116 -12.42 -33.59 -7.55
CA ASN K 116 -11.35 -34.47 -7.97
C ASN K 116 -11.50 -35.85 -7.34
N LEU K 117 -11.92 -35.91 -6.09
CA LEU K 117 -12.16 -37.21 -5.45
C LEU K 117 -13.28 -37.97 -6.16
N TYR K 118 -14.36 -37.26 -6.49
CA TYR K 118 -15.45 -37.89 -7.23
C TYR K 118 -14.97 -38.42 -8.57
N GLU K 119 -14.17 -37.65 -9.29
CA GLU K 119 -13.67 -38.09 -10.59
C GLU K 119 -12.73 -39.28 -10.45
N LYS K 120 -11.91 -39.30 -9.40
CA LYS K 120 -11.02 -40.44 -9.18
C LYS K 120 -11.82 -41.72 -8.99
N VAL K 121 -12.85 -41.67 -8.15
CA VAL K 121 -13.66 -42.86 -7.93
C VAL K 121 -14.38 -43.26 -9.22
N LYS K 122 -14.89 -42.29 -9.96
CA LYS K 122 -15.58 -42.59 -11.21
C LYS K 122 -14.66 -43.26 -12.21
N SER K 123 -13.44 -42.76 -12.35
CA SER K 123 -12.49 -43.33 -13.29
C SER K 123 -12.08 -44.73 -12.87
N GLN K 124 -11.93 -44.98 -11.57
CA GLN K 124 -11.63 -46.34 -11.13
C GLN K 124 -12.76 -47.29 -11.45
N LEU K 125 -14.01 -46.87 -11.19
CA LEU K 125 -15.12 -47.80 -11.32
C LEU K 125 -15.48 -48.06 -12.77
N LYS K 126 -15.48 -47.05 -13.61
CA LYS K 126 -15.86 -47.17 -15.03
C LYS K 126 -17.30 -47.66 -15.08
N ASN K 127 -17.63 -48.59 -15.99
CA ASN K 127 -19.01 -49.02 -16.19
C ASN K 127 -19.45 -50.10 -15.21
N ASN K 128 -18.59 -50.51 -14.27
CA ASN K 128 -18.98 -51.44 -13.23
C ASN K 128 -19.99 -50.84 -12.26
N ALA K 129 -20.18 -49.54 -12.27
CA ALA K 129 -21.10 -48.87 -11.36
C ALA K 129 -21.93 -47.85 -12.11
N LYS K 130 -23.08 -47.53 -11.55
CA LYS K 130 -24.02 -46.58 -12.11
C LYS K 130 -23.93 -45.27 -11.34
N GLU K 131 -23.83 -44.17 -12.08
CA GLU K 131 -23.75 -42.84 -11.48
C GLU K 131 -25.17 -42.34 -11.23
N ILE K 132 -25.59 -42.38 -9.96
CA ILE K 132 -26.92 -41.91 -9.62
C ILE K 132 -27.03 -40.39 -9.80
N GLY K 133 -26.02 -39.65 -9.36
CA GLY K 133 -25.94 -38.22 -9.59
C GLY K 133 -25.92 -37.37 -8.34
N ASN K 134 -26.21 -37.92 -7.17
CA ASN K 134 -26.13 -37.17 -5.94
C ASN K 134 -24.80 -37.33 -5.24
N GLY K 135 -23.76 -37.73 -5.96
CA GLY K 135 -22.48 -38.06 -5.37
C GLY K 135 -22.29 -39.53 -5.10
N CYS K 136 -23.18 -40.39 -5.57
CA CYS K 136 -23.19 -41.79 -5.21
C CYS K 136 -23.04 -42.67 -6.44
N PHE K 137 -22.47 -43.85 -6.21
CA PHE K 137 -22.31 -44.88 -7.23
C PHE K 137 -23.00 -46.13 -6.74
N GLU K 138 -23.80 -46.75 -7.60
CA GLU K 138 -24.48 -48.00 -7.28
C GLU K 138 -23.79 -49.12 -8.05
N PHE K 139 -23.18 -50.06 -7.33
CA PHE K 139 -22.37 -51.08 -7.97
C PHE K 139 -23.24 -52.09 -8.70
N TYR K 140 -22.76 -52.57 -9.84
CA TYR K 140 -23.42 -53.63 -10.59
C TYR K 140 -22.99 -55.02 -10.12
N HIS K 141 -22.12 -55.10 -9.13
CA HIS K 141 -21.69 -56.37 -8.56
C HIS K 141 -21.70 -56.26 -7.04
N LYS K 142 -21.84 -57.41 -6.38
CA LYS K 142 -21.81 -57.44 -4.93
C LYS K 142 -20.41 -57.06 -4.44
N CYS K 143 -20.37 -56.13 -3.49
CA CYS K 143 -19.11 -55.60 -2.99
C CYS K 143 -19.08 -55.70 -1.48
N ASN K 144 -17.99 -56.25 -0.94
CA ASN K 144 -17.81 -56.41 0.49
C ASN K 144 -16.86 -55.33 1.01
N ASP K 145 -16.50 -55.44 2.29
CA ASP K 145 -15.61 -54.46 2.90
C ASP K 145 -14.25 -54.42 2.21
N GLU K 146 -13.81 -55.54 1.64
CA GLU K 146 -12.53 -55.57 0.95
C GLU K 146 -12.54 -54.68 -0.29
N CYS K 147 -13.56 -54.81 -1.13
CA CYS K 147 -13.58 -54.02 -2.36
C CYS K 147 -13.94 -52.56 -2.07
N MET K 148 -14.79 -52.30 -1.06
CA MET K 148 -14.94 -50.93 -0.56
C MET K 148 -13.59 -50.33 -0.19
N GLU K 149 -12.80 -51.06 0.59
CA GLU K 149 -11.52 -50.52 1.03
C GLU K 149 -10.57 -50.36 -0.14
N SER K 150 -10.70 -51.21 -1.16
CA SER K 150 -9.92 -51.03 -2.38
C SER K 150 -10.30 -49.75 -3.08
N VAL K 151 -11.60 -49.44 -3.15
CA VAL K 151 -12.03 -48.21 -3.80
C VAL K 151 -11.50 -47.00 -3.06
N LYS K 152 -11.58 -47.02 -1.72
CA LYS K 152 -11.05 -45.91 -0.95
C LYS K 152 -9.54 -45.80 -1.09
N ASN K 153 -8.84 -46.92 -1.09
CA ASN K 153 -7.38 -46.93 -1.18
C ASN K 153 -6.87 -46.70 -2.59
N GLY K 154 -7.73 -46.83 -3.59
CA GLY K 154 -7.33 -46.62 -4.96
C GLY K 154 -6.87 -47.85 -5.70
N THR K 155 -7.02 -49.03 -5.13
CA THR K 155 -6.56 -50.28 -5.71
C THR K 155 -7.71 -51.12 -6.22
N TYR K 156 -8.72 -50.49 -6.79
CA TYR K 156 -9.89 -51.21 -7.30
C TYR K 156 -9.47 -52.11 -8.45
N ASP K 157 -9.89 -53.37 -8.38
CA ASP K 157 -9.56 -54.37 -9.39
C ASP K 157 -10.74 -54.44 -10.36
N TYR K 158 -10.68 -53.60 -11.39
CA TYR K 158 -11.75 -53.58 -12.39
C TYR K 158 -11.87 -54.90 -13.15
N PRO K 159 -10.79 -55.52 -13.65
CA PRO K 159 -10.98 -56.76 -14.42
C PRO K 159 -11.60 -57.88 -13.63
N LYS K 160 -11.37 -57.93 -12.31
CA LYS K 160 -11.89 -59.03 -11.51
C LYS K 160 -13.41 -59.08 -11.55
N TYR K 161 -14.06 -57.92 -11.42
CA TYR K 161 -15.52 -57.85 -11.39
C TYR K 161 -16.12 -57.51 -12.75
N SER K 162 -15.31 -57.44 -13.80
CA SER K 162 -15.82 -57.00 -15.09
C SER K 162 -16.86 -57.95 -15.64
N GLU K 163 -16.61 -59.26 -15.53
CA GLU K 163 -17.55 -60.24 -16.10
C GLU K 163 -18.87 -60.23 -15.35
N GLU K 164 -18.82 -60.19 -14.02
CA GLU K 164 -20.05 -60.17 -13.24
C GLU K 164 -20.85 -58.89 -13.47
N SER K 165 -20.15 -57.74 -13.51
CA SER K 165 -20.85 -56.47 -13.70
C SER K 165 -21.45 -56.38 -15.10
N LYS K 166 -20.79 -56.98 -16.09
CA LYS K 166 -21.31 -56.93 -17.45
C LYS K 166 -22.65 -57.66 -17.56
N LEU K 167 -22.77 -58.80 -16.88
CA LEU K 167 -24.02 -59.55 -16.93
C LEU K 167 -25.17 -58.75 -16.33
N ASN K 168 -24.93 -58.13 -15.18
CA ASN K 168 -26.00 -57.39 -14.51
C ASN K 168 -26.35 -56.11 -15.25
N ARG K 169 -25.40 -55.56 -16.00
CA ARG K 169 -25.63 -54.31 -16.71
C ARG K 169 -26.52 -54.52 -17.93
N LEU L 1 -5.69 -27.93 -9.28
CA LEU L 1 -7.04 -27.43 -9.12
C LEU L 1 -7.98 -28.07 -10.12
N PHE L 2 -7.47 -28.40 -11.30
CA PHE L 2 -8.26 -29.01 -12.35
C PHE L 2 -7.93 -30.48 -12.55
N GLY L 3 -6.99 -31.03 -11.81
CA GLY L 3 -6.76 -32.45 -11.80
C GLY L 3 -6.04 -33.02 -12.99
N ALA L 4 -5.45 -32.19 -13.85
CA ALA L 4 -4.69 -32.70 -14.98
C ALA L 4 -3.22 -32.86 -14.63
N ILE L 5 -2.55 -31.77 -14.26
CA ILE L 5 -1.15 -31.82 -13.88
C ILE L 5 -1.04 -32.42 -12.50
N ALA L 6 -0.23 -33.48 -12.37
CA ALA L 6 -0.12 -34.26 -11.15
C ALA L 6 -1.43 -34.90 -10.75
N GLY L 7 -2.38 -34.98 -11.68
CA GLY L 7 -3.64 -35.66 -11.45
C GLY L 7 -3.68 -36.98 -12.21
N PHE L 8 -4.54 -37.07 -13.22
CA PHE L 8 -4.57 -38.31 -13.99
C PHE L 8 -3.45 -38.39 -15.02
N ILE L 9 -2.65 -37.35 -15.18
CA ILE L 9 -1.39 -37.42 -15.92
C ILE L 9 -0.29 -37.33 -14.88
N GLU L 10 0.35 -38.46 -14.58
CA GLU L 10 1.22 -38.55 -13.41
C GLU L 10 2.40 -37.61 -13.52
N GLY L 11 3.09 -37.61 -14.66
CA GLY L 11 4.32 -36.87 -14.78
C GLY L 11 4.47 -36.28 -16.18
N GLY L 12 5.51 -35.47 -16.32
CA GLY L 12 5.77 -34.78 -17.56
C GLY L 12 6.60 -35.60 -18.53
N TRP L 13 6.70 -35.09 -19.75
CA TRP L 13 7.42 -35.74 -20.82
C TRP L 13 8.69 -34.94 -21.12
N THR L 14 9.84 -35.57 -20.99
CA THR L 14 11.10 -34.95 -21.31
C THR L 14 11.44 -35.05 -22.79
N GLY L 15 10.71 -35.86 -23.54
CA GLY L 15 11.04 -36.09 -24.94
C GLY L 15 10.52 -35.02 -25.88
N MET L 16 9.46 -34.32 -25.52
CA MET L 16 8.93 -33.26 -26.35
C MET L 16 9.43 -31.92 -25.83
N VAL L 17 9.97 -31.11 -26.75
CA VAL L 17 10.65 -29.87 -26.38
C VAL L 17 10.17 -28.68 -27.21
N ASP L 18 9.22 -28.87 -28.10
CA ASP L 18 8.70 -27.81 -28.95
C ASP L 18 7.46 -27.13 -28.37
N GLY L 19 7.02 -27.55 -27.19
CA GLY L 19 5.84 -26.92 -26.60
C GLY L 19 5.70 -27.30 -25.14
N TRP L 20 4.71 -26.66 -24.51
CA TRP L 20 4.35 -26.97 -23.13
C TRP L 20 3.39 -28.15 -23.06
N TYR L 21 2.44 -28.21 -23.99
CA TYR L 21 1.46 -29.29 -24.07
C TYR L 21 1.57 -29.95 -25.43
N GLY L 22 1.31 -31.24 -25.47
CA GLY L 22 1.47 -31.95 -26.72
C GLY L 22 0.86 -33.34 -26.68
N TYR L 23 1.17 -34.10 -27.73
CA TYR L 23 0.66 -35.44 -27.95
C TYR L 23 1.81 -36.42 -28.08
N HIS L 24 1.55 -37.67 -27.73
CA HIS L 24 2.49 -38.77 -27.89
C HIS L 24 1.75 -39.90 -28.58
N HIS L 25 2.07 -40.15 -29.84
CA HIS L 25 1.33 -41.10 -30.65
C HIS L 25 2.18 -42.31 -30.98
N GLN L 26 1.50 -43.44 -31.19
CA GLN L 26 2.18 -44.71 -31.43
C GLN L 26 1.31 -45.56 -32.34
N ASN L 27 1.72 -45.66 -33.61
CA ASN L 27 1.03 -46.53 -34.56
C ASN L 27 2.03 -47.48 -35.21
N GLU L 28 1.56 -48.24 -36.20
CA GLU L 28 2.43 -49.21 -36.86
C GLU L 28 3.60 -48.56 -37.57
N GLN L 29 3.51 -47.27 -37.86
CA GLN L 29 4.59 -46.54 -38.50
C GLN L 29 5.57 -45.95 -37.50
N GLY L 30 5.34 -46.11 -36.20
CA GLY L 30 6.30 -45.72 -35.19
C GLY L 30 5.67 -44.91 -34.09
N SER L 31 6.52 -44.38 -33.22
CA SER L 31 6.12 -43.56 -32.09
C SER L 31 6.72 -42.17 -32.23
N GLY L 32 6.09 -41.20 -31.58
CA GLY L 32 6.54 -39.83 -31.73
C GLY L 32 5.91 -38.89 -30.73
N TYR L 33 6.61 -37.80 -30.48
CA TYR L 33 6.16 -36.70 -29.65
C TYR L 33 5.92 -35.48 -30.53
N ALA L 34 4.74 -34.89 -30.43
CA ALA L 34 4.43 -33.65 -31.12
C ALA L 34 3.96 -32.63 -30.09
N ALA L 35 4.13 -31.36 -30.39
CA ALA L 35 3.78 -30.29 -29.48
C ALA L 35 2.63 -29.48 -30.07
N ASP L 36 1.59 -29.26 -29.28
CA ASP L 36 0.43 -28.52 -29.75
C ASP L 36 0.79 -27.05 -29.89
N GLN L 37 0.73 -26.55 -31.13
CA GLN L 37 1.14 -25.18 -31.39
C GLN L 37 0.11 -24.18 -30.90
N LYS L 38 -1.17 -24.47 -31.10
CA LYS L 38 -2.21 -23.50 -30.76
C LYS L 38 -2.29 -23.26 -29.25
N SER L 39 -2.36 -24.34 -28.47
CA SER L 39 -2.48 -24.19 -27.03
C SER L 39 -1.24 -23.54 -26.42
N THR L 40 -0.05 -23.96 -26.86
CA THR L 40 1.17 -23.36 -26.33
C THR L 40 1.30 -21.91 -26.74
N GLN L 41 0.87 -21.56 -27.96
CA GLN L 41 0.88 -20.17 -28.37
C GLN L 41 -0.04 -19.33 -27.52
N ASN L 42 -1.24 -19.85 -27.23
CA ASN L 42 -2.16 -19.12 -26.37
C ASN L 42 -1.59 -18.95 -24.97
N ALA L 43 -0.95 -20.00 -24.45
CA ALA L 43 -0.35 -19.91 -23.12
C ALA L 43 0.77 -18.89 -23.09
N ILE L 44 1.61 -18.86 -24.11
CA ILE L 44 2.69 -17.88 -24.17
C ILE L 44 2.12 -16.47 -24.22
N ASN L 45 1.09 -16.26 -25.04
CA ASN L 45 0.47 -14.94 -25.11
C ASN L 45 -0.06 -14.52 -23.75
N GLY L 46 -0.78 -15.42 -23.08
CA GLY L 46 -1.35 -15.07 -21.78
C GLY L 46 -0.30 -14.78 -20.73
N ILE L 47 0.74 -15.61 -20.65
CA ILE L 47 1.77 -15.44 -19.62
C ILE L 47 2.59 -14.18 -19.88
N THR L 48 2.93 -13.92 -21.14
CA THR L 48 3.65 -12.71 -21.49
C THR L 48 2.82 -11.48 -21.10
N ASN L 49 1.53 -11.51 -21.44
CA ASN L 49 0.67 -10.39 -21.09
C ASN L 49 0.61 -10.20 -19.59
N LYS L 50 0.50 -11.29 -18.83
CA LYS L 50 0.39 -11.19 -17.38
C LYS L 50 1.65 -10.58 -16.78
N VAL L 51 2.81 -11.09 -17.18
CA VAL L 51 4.08 -10.61 -16.62
C VAL L 51 4.29 -9.14 -16.95
N ASN L 52 4.08 -8.77 -18.22
CA ASN L 52 4.28 -7.38 -18.61
C ASN L 52 3.28 -6.47 -17.90
N SER L 53 2.01 -6.87 -17.86
CA SER L 53 0.98 -6.04 -17.24
C SER L 53 1.27 -5.82 -15.77
N VAL L 54 1.78 -6.85 -15.09
CA VAL L 54 2.19 -6.68 -13.71
C VAL L 54 3.34 -5.68 -13.61
N ILE L 55 4.31 -5.77 -14.53
CA ILE L 55 5.47 -4.89 -14.44
C ILE L 55 5.07 -3.42 -14.65
N GLU L 56 4.21 -3.15 -15.64
CA GLU L 56 3.91 -1.76 -15.97
C GLU L 56 3.24 -1.01 -14.83
N LYS L 57 2.48 -1.69 -13.99
CA LYS L 57 1.86 -1.02 -12.84
C LYS L 57 2.90 -0.54 -11.83
N MET L 58 4.10 -1.09 -11.86
CA MET L 58 5.17 -0.67 -10.96
C MET L 58 5.96 0.42 -11.67
N ASN L 59 5.60 1.67 -11.39
CA ASN L 59 6.26 2.81 -12.02
C ASN L 59 7.72 2.88 -11.58
N THR L 60 8.59 3.17 -12.54
CA THR L 60 10.03 3.24 -12.25
C THR L 60 10.33 4.41 -11.31
N GLN L 61 11.23 4.17 -10.37
CA GLN L 61 11.66 5.23 -9.48
C GLN L 61 12.53 6.22 -10.25
N PHE L 62 12.15 7.49 -10.20
CA PHE L 62 12.83 8.56 -10.93
C PHE L 62 13.12 9.73 -9.99
N THR L 63 13.69 9.41 -8.83
CA THR L 63 13.91 10.40 -7.78
C THR L 63 15.19 10.03 -7.06
N ALA L 64 15.38 10.59 -5.87
CA ALA L 64 16.57 10.33 -5.07
C ALA L 64 16.16 10.16 -3.61
N VAL L 65 17.09 9.65 -2.81
CA VAL L 65 16.88 9.41 -1.39
C VAL L 65 18.03 10.04 -0.61
N GLY L 66 17.72 10.53 0.58
CA GLY L 66 18.73 11.04 1.48
C GLY L 66 18.45 12.44 2.02
N LYS L 67 18.43 12.57 3.33
CA LYS L 67 18.28 13.86 3.99
C LYS L 67 19.14 13.89 5.24
N GLU L 68 19.47 15.09 5.68
CA GLU L 68 20.30 15.28 6.86
C GLU L 68 19.59 16.21 7.84
N PHE L 69 19.68 15.87 9.12
CA PHE L 69 19.04 16.65 10.17
C PHE L 69 20.01 16.83 11.33
N ASN L 70 19.98 18.02 11.92
CA ASN L 70 20.85 18.30 13.06
C ASN L 70 20.20 17.79 14.34
N LYS L 71 20.93 17.93 15.46
CA LYS L 71 20.52 17.30 16.71
C LYS L 71 19.20 17.85 17.24
N LEU L 72 18.82 19.06 16.86
CA LEU L 72 17.56 19.65 17.29
C LEU L 72 16.40 19.31 16.37
N GLU L 73 16.64 18.50 15.34
CA GLU L 73 15.58 18.11 14.42
C GLU L 73 15.39 16.60 14.44
N ARG L 74 15.32 16.01 15.63
CA ARG L 74 15.15 14.58 15.75
C ARG L 74 13.76 14.15 15.32
N ARG L 75 12.74 14.98 15.55
CA ARG L 75 11.39 14.64 15.12
C ARG L 75 11.30 14.60 13.60
N MET L 76 11.96 15.52 12.91
CA MET L 76 12.03 15.48 11.45
C MET L 76 12.66 14.18 10.99
N GLU L 77 13.77 13.79 11.61
CA GLU L 77 14.47 12.58 11.20
C GLU L 77 13.62 11.34 11.45
N ASN L 78 12.94 11.30 12.58
CA ASN L 78 12.06 10.17 12.88
C ASN L 78 10.92 10.09 11.88
N LEU L 79 10.33 11.22 11.52
CA LEU L 79 9.25 11.22 10.54
C LEU L 79 9.75 10.76 9.19
N ASN L 80 10.93 11.21 8.77
CA ASN L 80 11.47 10.81 7.47
C ASN L 80 11.76 9.32 7.44
N LYS L 81 12.37 8.79 8.51
CA LYS L 81 12.64 7.37 8.57
C LYS L 81 11.35 6.56 8.57
N LYS L 82 10.33 7.05 9.28
CA LYS L 82 9.04 6.36 9.29
C LYS L 82 8.43 6.32 7.89
N VAL L 83 8.48 7.43 7.17
CA VAL L 83 7.92 7.46 5.82
C VAL L 83 8.67 6.49 4.92
N ASP L 84 10.00 6.54 4.94
CA ASP L 84 10.79 5.68 4.06
C ASP L 84 10.57 4.21 4.36
N ASP L 85 10.66 3.84 5.64
CA ASP L 85 10.49 2.44 6.03
C ASP L 85 9.08 1.95 5.73
N GLY L 86 8.06 2.80 5.96
CA GLY L 86 6.71 2.39 5.68
C GLY L 86 6.47 2.14 4.20
N PHE L 87 7.02 3.01 3.35
CA PHE L 87 6.87 2.79 1.92
C PHE L 87 7.60 1.53 1.48
N ILE L 88 8.79 1.29 2.05
CA ILE L 88 9.52 0.06 1.73
C ILE L 88 8.73 -1.17 2.15
N ASP L 89 8.13 -1.13 3.34
CA ASP L 89 7.35 -2.26 3.82
C ASP L 89 6.13 -2.50 2.94
N ILE L 90 5.43 -1.44 2.57
CA ILE L 90 4.25 -1.59 1.71
C ILE L 90 4.63 -2.20 0.38
N TRP L 91 5.71 -1.70 -0.23
CA TRP L 91 6.11 -2.21 -1.54
C TRP L 91 6.62 -3.63 -1.47
N THR L 92 7.34 -3.98 -0.39
CA THR L 92 7.78 -5.36 -0.21
C THR L 92 6.61 -6.31 -0.08
N TYR L 93 5.61 -5.93 0.73
CA TYR L 93 4.43 -6.76 0.88
C TYR L 93 3.71 -6.92 -0.45
N ASN L 94 3.56 -5.82 -1.19
CA ASN L 94 2.88 -5.87 -2.47
C ASN L 94 3.57 -6.83 -3.42
N ALA L 95 4.90 -6.71 -3.54
CA ALA L 95 5.64 -7.56 -4.46
C ALA L 95 5.54 -9.03 -4.07
N GLU L 96 5.71 -9.33 -2.79
CA GLU L 96 5.70 -10.73 -2.36
C GLU L 96 4.33 -11.36 -2.52
N LEU L 97 3.27 -10.67 -2.09
CA LEU L 97 1.93 -11.22 -2.27
C LEU L 97 1.60 -11.38 -3.74
N LEU L 98 1.99 -10.42 -4.56
CA LEU L 98 1.72 -10.50 -5.99
C LEU L 98 2.39 -11.72 -6.59
N VAL L 99 3.64 -11.97 -6.24
CA VAL L 99 4.35 -13.12 -6.77
C VAL L 99 3.68 -14.42 -6.32
N LEU L 100 3.33 -14.52 -5.03
CA LEU L 100 2.70 -15.75 -4.53
C LEU L 100 1.41 -16.05 -5.27
N LEU L 101 0.50 -15.08 -5.29
CA LEU L 101 -0.81 -15.30 -5.88
C LEU L 101 -0.71 -15.55 -7.37
N GLU L 102 0.15 -14.80 -8.07
CA GLU L 102 0.30 -15.02 -9.50
C GLU L 102 0.91 -16.38 -9.80
N ASN L 103 1.83 -16.87 -8.95
CA ASN L 103 2.40 -18.18 -9.19
C ASN L 103 1.34 -19.26 -9.10
N GLU L 104 0.50 -19.19 -8.05
CA GLU L 104 -0.58 -20.17 -7.94
C GLU L 104 -1.52 -20.08 -9.13
N ARG L 105 -1.86 -18.86 -9.55
CA ARG L 105 -2.77 -18.69 -10.68
C ARG L 105 -2.18 -19.24 -11.97
N THR L 106 -0.88 -19.04 -12.19
CA THR L 106 -0.25 -19.55 -13.41
C THR L 106 -0.25 -21.07 -13.44
N LEU L 107 0.06 -21.71 -12.31
CA LEU L 107 0.01 -23.16 -12.29
C LEU L 107 -1.39 -23.67 -12.57
N ASP L 108 -2.40 -23.01 -12.00
CA ASP L 108 -3.78 -23.38 -12.29
C ASP L 108 -4.12 -23.19 -13.76
N PHE L 109 -3.58 -22.13 -14.38
CA PHE L 109 -3.81 -21.86 -15.79
C PHE L 109 -3.27 -23.00 -16.65
N HIS L 110 -2.07 -23.48 -16.34
CA HIS L 110 -1.50 -24.59 -17.09
C HIS L 110 -2.30 -25.87 -16.89
N ASP L 111 -2.73 -26.13 -15.66
CA ASP L 111 -3.59 -27.28 -15.40
C ASP L 111 -4.86 -27.23 -16.25
N SER L 112 -5.47 -26.05 -16.32
CA SER L 112 -6.68 -25.87 -17.10
C SER L 112 -6.43 -26.12 -18.57
N ASN L 113 -5.29 -25.64 -19.09
CA ASN L 113 -4.99 -25.84 -20.50
C ASN L 113 -4.85 -27.32 -20.83
N VAL L 114 -4.15 -28.07 -19.97
CA VAL L 114 -3.99 -29.50 -20.22
C VAL L 114 -5.33 -30.21 -20.16
N LYS L 115 -6.15 -29.87 -19.17
CA LYS L 115 -7.47 -30.50 -19.06
C LYS L 115 -8.34 -30.19 -20.27
N ASN L 116 -8.31 -28.94 -20.73
CA ASN L 116 -9.13 -28.56 -21.88
C ASN L 116 -8.66 -29.26 -23.15
N LEU L 117 -7.36 -29.43 -23.32
CA LEU L 117 -6.85 -30.17 -24.47
C LEU L 117 -7.30 -31.62 -24.43
N TYR L 118 -7.24 -32.23 -23.25
CA TYR L 118 -7.72 -33.60 -23.10
C TYR L 118 -9.19 -33.72 -23.44
N GLU L 119 -10.00 -32.78 -22.97
CA GLU L 119 -11.42 -32.80 -23.25
C GLU L 119 -11.71 -32.59 -24.72
N LYS L 120 -10.93 -31.73 -25.38
CA LYS L 120 -11.10 -31.52 -26.81
C LYS L 120 -10.85 -32.82 -27.58
N VAL L 121 -9.78 -33.52 -27.24
CA VAL L 121 -9.49 -34.79 -27.92
C VAL L 121 -10.57 -35.82 -27.62
N LYS L 122 -11.03 -35.87 -26.38
CA LYS L 122 -12.09 -36.82 -25.99
C LYS L 122 -13.36 -36.57 -26.78
N SER L 123 -13.80 -35.31 -26.86
CA SER L 123 -15.01 -34.98 -27.60
C SER L 123 -14.85 -35.23 -29.08
N GLN L 124 -13.66 -35.01 -29.62
CA GLN L 124 -13.40 -35.33 -31.02
C GLN L 124 -13.57 -36.82 -31.28
N LEU L 125 -12.98 -37.65 -30.41
CA LEU L 125 -12.94 -39.08 -30.69
C LEU L 125 -14.28 -39.75 -30.44
N LYS L 126 -14.99 -39.34 -29.38
CA LYS L 126 -16.29 -39.93 -29.01
C LYS L 126 -16.07 -41.41 -28.74
N ASN L 127 -16.89 -42.31 -29.28
CA ASN L 127 -16.82 -43.72 -28.96
C ASN L 127 -15.98 -44.51 -29.95
N ASN L 128 -15.07 -43.85 -30.66
CA ASN L 128 -14.11 -44.52 -31.50
C ASN L 128 -12.84 -44.89 -30.76
N ALA L 129 -12.70 -44.47 -29.49
CA ALA L 129 -11.51 -44.75 -28.71
C ALA L 129 -11.90 -45.05 -27.28
N LYS L 130 -11.01 -45.75 -26.59
CA LYS L 130 -11.21 -46.15 -25.20
C LYS L 130 -10.26 -45.36 -24.32
N GLU L 131 -10.79 -44.81 -23.23
CA GLU L 131 -9.98 -44.04 -22.28
C GLU L 131 -9.25 -45.00 -21.35
N ILE L 132 -7.93 -45.11 -21.52
CA ILE L 132 -7.13 -45.92 -20.61
C ILE L 132 -7.09 -45.27 -19.23
N GLY L 133 -7.04 -43.95 -19.18
CA GLY L 133 -7.16 -43.20 -17.94
C GLY L 133 -5.91 -42.46 -17.54
N ASN L 134 -4.75 -42.81 -18.09
CA ASN L 134 -3.52 -42.13 -17.79
C ASN L 134 -3.29 -40.92 -18.69
N GLY L 135 -4.32 -40.46 -19.38
CA GLY L 135 -4.19 -39.44 -20.39
C GLY L 135 -4.15 -39.96 -21.81
N CYS L 136 -4.51 -41.22 -22.03
CA CYS L 136 -4.32 -41.87 -23.33
C CYS L 136 -5.63 -42.45 -23.83
N PHE L 137 -5.75 -42.51 -25.16
CA PHE L 137 -6.89 -43.09 -25.84
C PHE L 137 -6.40 -44.20 -26.75
N GLU L 138 -6.89 -45.41 -26.54
CA GLU L 138 -6.60 -46.53 -27.41
C GLU L 138 -7.68 -46.62 -28.48
N PHE L 139 -7.31 -46.46 -29.74
CA PHE L 139 -8.28 -46.41 -30.81
C PHE L 139 -8.88 -47.78 -31.07
N TYR L 140 -10.17 -47.80 -31.40
CA TYR L 140 -10.86 -49.02 -31.79
C TYR L 140 -10.75 -49.30 -33.28
N HIS L 141 -10.04 -48.44 -34.02
CA HIS L 141 -9.79 -48.63 -35.43
C HIS L 141 -8.34 -48.28 -35.72
N LYS L 142 -7.83 -48.81 -36.81
CA LYS L 142 -6.44 -48.54 -37.20
C LYS L 142 -6.29 -47.07 -37.56
N CYS L 143 -5.22 -46.44 -37.07
CA CYS L 143 -4.95 -45.04 -37.33
C CYS L 143 -3.54 -44.89 -37.88
N ASN L 144 -3.43 -44.23 -39.03
CA ASN L 144 -2.14 -43.95 -39.63
C ASN L 144 -1.67 -42.56 -39.20
N ASP L 145 -0.62 -42.05 -39.85
CA ASP L 145 -0.14 -40.71 -39.54
C ASP L 145 -1.13 -39.65 -39.97
N GLU L 146 -1.90 -39.89 -41.03
CA GLU L 146 -2.87 -38.91 -41.50
C GLU L 146 -3.96 -38.67 -40.46
N CYS L 147 -4.53 -39.74 -39.91
CA CYS L 147 -5.59 -39.55 -38.93
C CYS L 147 -5.06 -39.01 -37.61
N MET L 148 -3.84 -39.39 -37.23
CA MET L 148 -3.23 -38.80 -36.04
C MET L 148 -3.04 -37.30 -36.23
N GLU L 149 -2.59 -36.89 -37.41
CA GLU L 149 -2.47 -35.47 -37.69
C GLU L 149 -3.84 -34.79 -37.70
N SER L 150 -4.88 -35.54 -38.08
CA SER L 150 -6.23 -34.99 -38.02
C SER L 150 -6.65 -34.73 -36.57
N VAL L 151 -6.38 -35.66 -35.67
CA VAL L 151 -6.69 -35.45 -34.26
C VAL L 151 -5.92 -34.27 -33.72
N LYS L 152 -4.64 -34.17 -34.07
CA LYS L 152 -3.83 -33.05 -33.58
C LYS L 152 -4.33 -31.72 -34.13
N ASN L 153 -4.75 -31.70 -35.39
CA ASN L 153 -5.23 -30.50 -36.06
C ASN L 153 -6.68 -30.18 -35.76
N GLY L 154 -7.40 -31.09 -35.11
CA GLY L 154 -8.81 -30.88 -34.83
C GLY L 154 -9.76 -31.20 -35.94
N THR L 155 -9.29 -31.87 -37.00
CA THR L 155 -10.10 -32.20 -38.16
C THR L 155 -10.40 -33.70 -38.22
N TYR L 156 -10.68 -34.30 -37.07
CA TYR L 156 -11.00 -35.72 -37.02
C TYR L 156 -12.33 -35.99 -37.72
N ASP L 157 -12.36 -37.05 -38.52
CA ASP L 157 -13.53 -37.45 -39.26
C ASP L 157 -14.15 -38.65 -38.56
N TYR L 158 -15.02 -38.37 -37.60
CA TYR L 158 -15.68 -39.44 -36.85
C TYR L 158 -16.52 -40.36 -37.73
N PRO L 159 -17.35 -39.87 -38.66
CA PRO L 159 -18.17 -40.82 -39.44
C PRO L 159 -17.36 -41.80 -40.27
N LYS L 160 -16.19 -41.41 -40.77
CA LYS L 160 -15.44 -42.29 -41.66
C LYS L 160 -15.04 -43.58 -40.97
N TYR L 161 -14.57 -43.49 -39.72
CA TYR L 161 -14.14 -44.66 -38.97
C TYR L 161 -15.24 -45.21 -38.06
N SER L 162 -16.44 -44.66 -38.13
CA SER L 162 -17.50 -45.06 -37.19
C SER L 162 -17.89 -46.53 -37.39
N GLU L 163 -17.98 -46.97 -38.65
CA GLU L 163 -18.42 -48.34 -38.91
C GLU L 163 -17.39 -49.35 -38.42
N GLU L 164 -16.12 -49.12 -38.73
CA GLU L 164 -15.08 -50.04 -38.29
C GLU L 164 -14.94 -50.05 -36.78
N SER L 165 -15.01 -48.88 -36.16
CA SER L 165 -14.86 -48.80 -34.71
C SER L 165 -15.99 -49.51 -34.00
N LYS L 166 -17.21 -49.42 -34.53
CA LYS L 166 -18.36 -50.06 -33.89
C LYS L 166 -18.19 -51.57 -33.87
N LEU L 167 -17.70 -52.14 -34.98
CA LEU L 167 -17.55 -53.60 -35.04
C LEU L 167 -16.54 -54.09 -34.00
N ASN L 168 -15.41 -53.39 -33.88
CA ASN L 168 -14.39 -53.82 -32.94
C ASN L 168 -14.81 -53.60 -31.50
N ARG L 169 -15.65 -52.60 -31.25
CA ARG L 169 -16.12 -52.30 -29.91
C ARG L 169 -17.10 -53.35 -29.41
#